data_5Z3O
#
_entry.id   5Z3O
#
_cell.length_a   1.00
_cell.length_b   1.00
_cell.length_c   1.00
_cell.angle_alpha   90.00
_cell.angle_beta   90.00
_cell.angle_gamma   90.00
#
_symmetry.space_group_name_H-M   'P 1'
#
loop_
_entity.id
_entity.type
_entity.pdbx_description
1 polymer 'Histone H3.2'
2 polymer 'Histone H4'
3 polymer 'Histone H2A'
4 polymer 'Histone H2B 1.1'
5 polymer 'DNA (167-MER)'
6 polymer 'DNA (167-MER)'
7 polymer 'Transcription regulatory protein SNF2'
8 non-polymer "ADENOSINE-5'-DIPHOSPHATE"
9 non-polymer 'MAGNESIUM ION'
#
loop_
_entity_poly.entity_id
_entity_poly.type
_entity_poly.pdbx_seq_one_letter_code
_entity_poly.pdbx_strand_id
1 'polypeptide(L)'
;ARTKQTARKSTGGKAPRKQLATKAARKSAPATGGVKKPHRYRPGTVALREIRRYQKSTELLIRKLPFQRLVREIAQDFKT
DLRFQSSAVMALQEASEAYLVALFEDTNLCAIHAKRVTIMPKDIQLARRIRGERA
;
A,E
2 'polypeptide(L)'
;SGRGKGGKGLGKGGAKRHRKVLRDNIQGITKPAIRRLARRGGVKRISGLIYEETRGVLKVFLENVIRDAVTYTEHAKRKT
VTAMDVVYALKRQGRTLYGFGG
;
B,F
3 'polypeptide(L)'
;SGRGKQGGKTRAKAKTRSSRAGLQFPVGRVHRLLRKGNYAERVGAGAPVYLAAVLEYLTAEILELAGNAARDNKKTRIIP
RHLQLAVRNDEELNKLLGRVTIAQGGVLPNIQSVLLPKKTESSKSAKSK
;
C,G
4 'polypeptide(L)'
;AKSAPAPKKGSKKAVTKTQKKDGKKRRKTRKESYAIYVYKVLKQVHPDTGISSKAMSIMNSFVNDVFERIAGEASRLAHY
NKRSTITSREIQTAVRLLLPGELAKHAVSEGTKAVTKYTSAK
;
D,H
5 'polydeoxyribonucleotide'
;(DA)(DT)(DC)(DG)(DA)(DG)(DA)(DA)(DT)(DC)(DC)(DC)(DG)(DG)(DT)(DG)(DC)(DC)(DG)(DA)
(DG)(DG)(DC)(DC)(DG)(DC)(DT)(DC)(DA)(DA)(DT)(DT)(DG)(DG)(DT)(DC)(DG)(DT)(DA)(DG)
(DA)(DC)(DA)(DG)(DC)(DT)(DC)(DT)(DA)(DG)(DC)(DA)(DC)(DC)(DG)(DC)(DT)(DT)(DA)(DA)
(DA)(DC)(DG)(DC)(DA)(DC)(DG)(DT)(DA)(DC)(DG)(DC)(DG)(DC)(DT)(DG)(DT)(DC)(DC)(DC)
(DC)(DC)(DG)(DC)(DG)(DT)(DT)(DT)(DT)(DA)(DA)(DC)(DC)(DG)(DC)(DC)(DA)(DA)(DG)(DG)
(DG)(DG)(DA)(DT)(DT)(DA)(DC)(DT)(DC)(DC)(DC)(DT)(DA)(DG)(DT)(DC)(DT)(DC)(DC)(DA)
(DG)(DG)(DC)(DA)(DC)(DG)(DT)(DG)(DT)(DC)(DA)(DG)(DA)(DT)(DA)(DT)(DA)(DT)(DA)(DC)
(DA)(DT)(DC)(DC)(DT)(DG)(DA)(DA)(DG)(DC)(DT)(DT)(DG)(DT)(DC)(DG)(DA)(DG)(DA)(DA)
(DG)(DT)(DA)(DC)(DG)(DA)(DT)
;
I
6 'polydeoxyribonucleotide'
;(DA)(DT)(DC)(DG)(DT)(DA)(DC)(DT)(DT)(DC)(DT)(DC)(DG)(DA)(DC)(DA)(DA)(DG)(DC)(DT)
(DT)(DC)(DA)(DG)(DG)(DA)(DT)(DG)(DT)(DA)(DT)(DA)(DT)(DA)(DT)(DC)(DT)(DG)(DA)(DC)
(DA)(DC)(DG)(DT)(DG)(DC)(DC)(DT)(DG)(DG)(DA)(DG)(DA)(DC)(DT)(DA)(DG)(DG)(DG)(DA)
(DG)(DT)(DA)(DA)(DT)(DC)(DC)(DC)(DC)(DT)(DT)(DG)(DG)(DC)(DG)(DG)(DT)(DT)(DA)(DA)
(DA)(DA)(DC)(DG)(DC)(DG)(DG)(DG)(DG)(DG)(DA)(DC)(DA)(DG)(DC)(DG)(DC)(DG)(DT)(DA)
(DC)(DG)(DT)(DG)(DC)(DG)(DT)(DT)(DT)(DA)(DA)(DG)(DC)(DG)(DG)(DT)(DG)(DC)(DT)(DA)
(DG)(DA)(DG)(DC)(DT)(DG)(DT)(DC)(DT)(DA)(DC)(DG)(DA)(DC)(DC)(DA)(DA)(DT)(DT)(DG)
(DA)(DG)(DC)(DG)(DG)(DC)(DC)(DT)(DC)(DG)(DG)(DC)(DA)(DC)(DC)(DG)(DG)(DG)(DA)(DT)
(DT)(DC)(DT)(DC)(DG)(DA)(DT)
;
J
7 'polypeptide(L)'
;AYIKLLDQTKDTRITHLLRQTNAFLDSLTRAVKDQQKYTKEMIDSHIKEASEEVDDLSMVPKMKDEEYDDDDDNSNVDYY
NVAHRIKEDIKKQPSILVGGTLKDYQIKGLQWMVSLFNNHLNGILADEMGLGKTIQTISLLTYLYEMKNIRGPYLVIVPL
STLSNWSSEFAKWAPTLRTISFKGSPNERKAKQAKIRAGEFDVVLTTFEYIIKERALLSKVKWVHMIIDEGHRMKNAQSK
LSLTLNTHYHADYRLILTGTPLQNNLPELWALLNFVLPKIFNSVKSFDEWFNTPFANTGGQDKIELSEEETLLVIRRLHK
VLRPFLLRRLKKDVEKELPDKVEKVVKCKMSALQQIMYQQMLKYRRLFIGDQNNKKMVGLRGFNNQIMQLKKICNHPFVF
EEVEDQINPTRETNDDIWRVAGKFELLDRILPKLKATGHRVLIFFQMTQIMDIMEDFLRYINIKYLRLDGHTKSDERSEL
LRLFNAPDSEYLCFILSTRAGGLGLNLQTADTVIIFDTDWNPHQDLQAQDRAHRIGQKNEVRILRLITTNSVEEVILERA
YKKLDIDGKVIQAGKFDNKSTSEEQEALLRSLLDAEEERRKKRESGVEEEEELKDSEINEILARNDEEMAVLTRMDEDRS
KKEEELGVKSRLLEKSELPDIYSRDIGAELKREESESAAVYNGRGARERKTATYNDNMSEEQWLRQFEVSDDEKNDKQAR
KQRTKKEDKSEAIDG
;
O
#
# COMPACT_ATOMS: atom_id res chain seq x y z
N LYS A 37 41.98 -3.38 -27.66
CA LYS A 37 40.86 -4.21 -28.07
C LYS A 37 40.11 -4.73 -26.85
N PRO A 38 38.95 -4.12 -26.54
CA PRO A 38 38.15 -4.58 -25.40
C PRO A 38 37.61 -5.99 -25.56
N HIS A 39 36.90 -6.47 -24.55
CA HIS A 39 36.28 -7.79 -24.58
C HIS A 39 34.78 -7.64 -24.34
N ARG A 40 33.99 -8.46 -25.03
CA ARG A 40 32.55 -8.41 -24.96
C ARG A 40 31.98 -9.82 -25.01
N TYR A 41 30.66 -9.92 -24.94
CA TYR A 41 29.95 -11.19 -25.06
C TYR A 41 29.14 -11.21 -26.35
N ARG A 42 28.96 -12.40 -26.90
CA ARG A 42 28.08 -12.55 -28.03
C ARG A 42 26.64 -12.30 -27.62
N PRO A 43 25.83 -11.67 -28.45
CA PRO A 43 24.44 -11.39 -28.08
C PRO A 43 23.67 -12.66 -27.77
N GLY A 44 22.96 -12.66 -26.65
CA GLY A 44 22.16 -13.78 -26.22
C GLY A 44 22.73 -14.54 -25.04
N THR A 45 24.01 -14.39 -24.74
CA THR A 45 24.58 -15.04 -23.56
C THR A 45 24.20 -14.29 -22.28
N VAL A 46 24.26 -12.95 -22.33
CA VAL A 46 23.82 -12.15 -21.20
C VAL A 46 22.37 -12.46 -20.84
N ALA A 47 21.54 -12.74 -21.85
CA ALA A 47 20.15 -13.09 -21.59
C ALA A 47 20.06 -14.35 -20.73
N LEU A 48 20.81 -15.40 -21.09
CA LEU A 48 20.81 -16.61 -20.29
C LEU A 48 21.33 -16.36 -18.88
N ARG A 49 22.44 -15.62 -18.76
CA ARG A 49 22.98 -15.34 -17.43
C ARG A 49 21.97 -14.61 -16.56
N GLU A 50 21.30 -13.60 -17.13
CA GLU A 50 20.24 -12.91 -16.42
C GLU A 50 19.15 -13.89 -15.99
N ILE A 51 18.48 -14.52 -16.96
CA ILE A 51 17.35 -15.41 -16.67
C ILE A 51 17.70 -16.40 -15.57
N ARG A 52 18.91 -16.97 -15.63
CA ARG A 52 19.33 -17.88 -14.57
C ARG A 52 19.47 -17.15 -13.23
N ARG A 53 19.99 -15.92 -13.26
CA ARG A 53 20.17 -15.19 -12.01
C ARG A 53 18.84 -14.85 -11.35
N TYR A 54 17.83 -14.48 -12.15
CA TYR A 54 16.53 -14.11 -11.61
C TYR A 54 15.75 -15.34 -11.19
N GLN A 55 15.46 -16.25 -12.13
CA GLN A 55 14.77 -17.48 -11.78
C GLN A 55 15.45 -18.23 -10.66
N LYS A 56 16.75 -18.00 -10.44
CA LYS A 56 17.44 -18.62 -9.32
C LYS A 56 17.09 -17.94 -7.99
N SER A 57 16.68 -16.67 -8.02
CA SER A 57 16.48 -15.89 -6.82
C SER A 57 14.99 -15.59 -6.60
N THR A 58 14.61 -15.49 -5.33
CA THR A 58 13.22 -15.23 -4.94
C THR A 58 12.92 -13.77 -4.64
N GLU A 59 13.92 -12.90 -4.70
CA GLU A 59 13.74 -11.53 -4.24
C GLU A 59 12.71 -10.80 -5.10
N LEU A 60 11.98 -9.89 -4.46
CA LEU A 60 10.99 -9.08 -5.17
C LEU A 60 11.69 -8.20 -6.20
N LEU A 61 11.04 -8.00 -7.34
CA LEU A 61 11.74 -7.46 -8.50
C LEU A 61 11.43 -5.98 -8.71
N ILE A 62 10.18 -5.64 -9.04
CA ILE A 62 9.81 -4.25 -9.24
C ILE A 62 9.99 -3.47 -7.96
N ARG A 63 10.34 -2.19 -8.08
CA ARG A 63 10.70 -1.38 -6.93
C ARG A 63 9.46 -0.88 -6.21
N LYS A 64 9.52 -0.86 -4.88
CA LYS A 64 8.39 -0.58 -4.02
C LYS A 64 7.74 0.77 -4.29
N LEU A 65 8.46 1.86 -4.00
CA LEU A 65 7.84 3.18 -3.96
C LEU A 65 7.13 3.58 -5.24
N PRO A 66 7.70 3.39 -6.45
CA PRO A 66 6.91 3.71 -7.65
C PRO A 66 5.60 2.94 -7.72
N PHE A 67 5.61 1.67 -7.34
CA PHE A 67 4.38 0.91 -7.29
C PHE A 67 3.42 1.46 -6.24
N GLN A 68 3.97 1.98 -5.13
CA GLN A 68 3.14 2.64 -4.13
C GLN A 68 2.40 3.83 -4.73
N ARG A 69 3.14 4.71 -5.40
CA ARG A 69 2.50 5.86 -6.04
C ARG A 69 1.51 5.42 -7.11
N LEU A 70 1.78 4.29 -7.77
CA LEU A 70 0.85 3.79 -8.78
C LEU A 70 -0.46 3.35 -8.14
N VAL A 71 -0.38 2.59 -7.05
CA VAL A 71 -1.60 2.11 -6.41
C VAL A 71 -2.38 3.26 -5.81
N ARG A 72 -1.69 4.21 -5.17
CA ARG A 72 -2.41 5.36 -4.61
C ARG A 72 -3.06 6.19 -5.71
N GLU A 73 -2.34 6.40 -6.82
CA GLU A 73 -2.88 7.20 -7.91
C GLU A 73 -4.08 6.52 -8.56
N ILE A 74 -4.02 5.21 -8.72
CA ILE A 74 -5.11 4.51 -9.40
C ILE A 74 -6.30 4.31 -8.46
N ALA A 75 -6.05 4.22 -7.16
CA ALA A 75 -7.14 4.13 -6.20
C ALA A 75 -7.79 5.47 -5.92
N GLN A 76 -7.07 6.58 -6.16
CA GLN A 76 -7.67 7.90 -6.04
C GLN A 76 -8.85 8.08 -6.98
N ASP A 77 -8.89 7.32 -8.08
CA ASP A 77 -9.97 7.46 -9.05
C ASP A 77 -11.29 6.97 -8.47
N PHE A 78 -11.28 5.84 -7.76
CA PHE A 78 -12.53 5.25 -7.27
C PHE A 78 -13.07 6.03 -6.08
N LYS A 79 -12.39 5.95 -4.94
CA LYS A 79 -12.77 6.67 -3.75
C LYS A 79 -11.58 7.51 -3.26
N THR A 80 -11.89 8.67 -2.69
CA THR A 80 -10.86 9.58 -2.23
C THR A 80 -10.20 9.06 -0.94
N ASP A 81 -9.01 9.58 -0.69
CA ASP A 81 -8.29 9.53 0.60
C ASP A 81 -8.36 8.15 1.26
N LEU A 82 -8.06 7.12 0.49
CA LEU A 82 -7.89 5.79 1.06
C LEU A 82 -6.57 5.71 1.83
N ARG A 83 -6.49 4.73 2.73
CA ARG A 83 -5.27 4.50 3.49
C ARG A 83 -4.91 3.02 3.39
N PHE A 84 -3.74 2.74 2.84
CA PHE A 84 -3.26 1.39 2.59
C PHE A 84 -2.26 0.98 3.66
N GLN A 85 -2.45 -0.21 4.23
CA GLN A 85 -1.42 -0.77 5.09
C GLN A 85 -0.23 -1.24 4.26
N SER A 86 0.92 -1.37 4.91
CA SER A 86 2.12 -1.81 4.22
C SER A 86 1.94 -3.22 3.65
N SER A 87 1.38 -4.13 4.46
CA SER A 87 1.15 -5.49 3.99
C SER A 87 0.15 -5.56 2.85
N ALA A 88 -0.74 -4.56 2.73
CA ALA A 88 -1.66 -4.54 1.60
C ALA A 88 -0.94 -4.20 0.31
N VAL A 89 -0.08 -3.18 0.35
CA VAL A 89 0.67 -2.80 -0.84
C VAL A 89 1.65 -3.89 -1.23
N MET A 90 2.29 -4.53 -0.24
CA MET A 90 3.14 -5.68 -0.55
C MET A 90 2.32 -6.82 -1.15
N ALA A 91 1.13 -7.05 -0.62
CA ALA A 91 0.25 -8.08 -1.17
C ALA A 91 -0.04 -7.83 -2.64
N LEU A 92 -0.70 -6.71 -2.93
CA LEU A 92 -1.06 -6.39 -4.31
C LEU A 92 0.18 -6.38 -5.21
N GLN A 93 1.30 -5.87 -4.71
CA GLN A 93 2.54 -5.88 -5.47
C GLN A 93 2.93 -7.29 -5.87
N GLU A 94 3.17 -8.16 -4.90
CA GLU A 94 3.61 -9.52 -5.20
C GLU A 94 2.60 -10.24 -6.08
N ALA A 95 1.30 -9.96 -5.91
CA ALA A 95 0.29 -10.60 -6.74
C ALA A 95 0.42 -10.19 -8.20
N SER A 96 0.39 -8.88 -8.46
CA SER A 96 0.52 -8.41 -9.84
C SER A 96 1.86 -8.81 -10.45
N GLU A 97 2.90 -8.87 -9.63
CA GLU A 97 4.20 -9.31 -10.11
C GLU A 97 4.15 -10.76 -10.57
N ALA A 98 3.62 -11.65 -9.72
CA ALA A 98 3.56 -13.06 -10.08
C ALA A 98 2.69 -13.28 -11.32
N TYR A 99 1.49 -12.69 -11.33
CA TYR A 99 0.61 -12.86 -12.48
C TYR A 99 1.26 -12.33 -13.76
N LEU A 100 1.95 -11.20 -13.66
CA LEU A 100 2.54 -10.63 -14.86
C LEU A 100 3.72 -11.48 -15.35
N VAL A 101 4.48 -12.07 -14.43
CA VAL A 101 5.49 -13.05 -14.81
C VAL A 101 4.86 -14.20 -15.58
N ALA A 102 3.74 -14.73 -15.06
CA ALA A 102 3.03 -15.78 -15.78
C ALA A 102 2.62 -15.30 -17.16
N LEU A 103 2.25 -14.03 -17.29
CA LEU A 103 1.85 -13.50 -18.58
C LEU A 103 3.02 -13.47 -19.56
N PHE A 104 4.21 -13.07 -19.10
CA PHE A 104 5.37 -13.10 -19.99
C PHE A 104 5.80 -14.51 -20.34
N GLU A 105 5.58 -15.47 -19.44
CA GLU A 105 5.88 -16.86 -19.77
C GLU A 105 4.94 -17.37 -20.86
N ASP A 106 3.64 -17.10 -20.70
CA ASP A 106 2.67 -17.45 -21.74
C ASP A 106 3.04 -16.79 -23.07
N THR A 107 3.33 -15.50 -23.04
CA THR A 107 3.74 -14.79 -24.25
C THR A 107 4.99 -15.41 -24.86
N ASN A 108 5.91 -15.91 -24.03
CA ASN A 108 7.09 -16.57 -24.56
C ASN A 108 6.72 -17.84 -25.30
N LEU A 109 5.81 -18.64 -24.74
CA LEU A 109 5.38 -19.85 -25.43
C LEU A 109 4.68 -19.52 -26.74
N CYS A 110 3.84 -18.49 -26.75
CA CYS A 110 3.17 -18.11 -27.99
C CYS A 110 4.18 -17.61 -29.03
N ALA A 111 5.18 -16.87 -28.59
CA ALA A 111 6.20 -16.37 -29.51
C ALA A 111 7.00 -17.51 -30.12
N ILE A 112 7.53 -18.41 -29.27
CA ILE A 112 8.29 -19.53 -29.80
C ILE A 112 7.43 -20.44 -30.64
N HIS A 113 6.11 -20.46 -30.42
CA HIS A 113 5.23 -21.14 -31.36
C HIS A 113 5.18 -20.42 -32.70
N ALA A 114 5.19 -19.09 -32.68
CA ALA A 114 5.14 -18.31 -33.90
C ALA A 114 6.42 -18.39 -34.71
N LYS A 115 7.46 -19.07 -34.20
CA LYS A 115 8.79 -19.23 -34.78
C LYS A 115 9.63 -17.96 -34.58
N ARG A 116 9.06 -16.90 -34.04
CA ARG A 116 9.80 -15.67 -33.74
C ARG A 116 10.23 -15.71 -32.28
N VAL A 117 11.54 -15.63 -32.04
CA VAL A 117 12.02 -15.59 -30.67
C VAL A 117 11.68 -14.27 -30.00
N THR A 118 11.40 -13.24 -30.79
CA THR A 118 11.03 -11.94 -30.25
C THR A 118 9.54 -11.90 -29.92
N ILE A 119 9.21 -11.37 -28.75
CA ILE A 119 7.81 -11.19 -28.37
C ILE A 119 7.33 -9.85 -28.90
N MET A 120 6.08 -9.80 -29.35
CA MET A 120 5.51 -8.61 -29.96
C MET A 120 4.27 -8.19 -29.17
N PRO A 121 3.61 -7.09 -29.54
CA PRO A 121 2.29 -6.83 -28.94
C PRO A 121 1.25 -7.87 -29.33
N LYS A 122 1.38 -8.45 -30.53
CA LYS A 122 0.34 -9.35 -31.04
C LYS A 122 0.17 -10.57 -30.14
N ASP A 123 1.27 -11.23 -29.81
CA ASP A 123 1.17 -12.45 -29.03
C ASP A 123 0.95 -12.18 -27.54
N ILE A 124 1.41 -11.03 -27.04
CA ILE A 124 1.17 -10.73 -25.63
C ILE A 124 -0.27 -10.32 -25.40
N GLN A 125 -0.94 -9.74 -26.40
CA GLN A 125 -2.38 -9.56 -26.29
C GLN A 125 -3.13 -10.82 -26.68
N LEU A 126 -2.49 -11.72 -27.44
CA LEU A 126 -3.12 -13.00 -27.74
C LEU A 126 -3.09 -13.93 -26.52
N ALA A 127 -2.17 -13.71 -25.59
CA ALA A 127 -2.15 -14.51 -24.38
C ALA A 127 -3.38 -14.25 -23.53
N ARG A 128 -3.67 -12.99 -23.25
CA ARG A 128 -4.85 -12.66 -22.47
C ARG A 128 -6.13 -12.67 -23.32
N ARG A 129 -6.00 -12.72 -24.64
CA ARG A 129 -7.17 -12.96 -25.49
C ARG A 129 -7.57 -14.42 -25.48
N ILE A 130 -6.57 -15.32 -25.48
CA ILE A 130 -6.84 -16.75 -25.45
C ILE A 130 -7.15 -17.22 -24.03
N ARG A 131 -6.72 -16.48 -23.04
CA ARG A 131 -7.00 -16.84 -21.65
C ARG A 131 -8.46 -16.66 -21.29
N GLY A 132 -9.16 -15.79 -22.01
CA GLY A 132 -10.54 -15.47 -21.71
C GLY A 132 -10.76 -14.15 -21.02
N GLU A 133 -9.75 -13.28 -20.98
CA GLU A 133 -9.88 -11.98 -20.30
C GLU A 133 -10.42 -10.93 -21.28
N ARG A 134 -9.64 -10.62 -22.31
CA ARG A 134 -10.06 -9.64 -23.30
C ARG A 134 -11.22 -10.17 -24.14
N ALA B 15 4.08 29.17 -16.06
CA ALA B 15 5.47 28.74 -16.09
C ALA B 15 5.60 27.28 -15.67
N LYS B 16 6.61 26.99 -14.85
CA LYS B 16 6.86 25.64 -14.37
C LYS B 16 6.14 25.34 -13.05
N ARG B 17 5.34 26.28 -12.54
CA ARG B 17 4.67 26.05 -11.27
C ARG B 17 3.66 24.92 -11.36
N HIS B 18 3.11 24.66 -12.55
CA HIS B 18 2.04 23.69 -12.70
C HIS B 18 2.60 22.26 -12.60
N ARG B 19 1.89 21.41 -11.87
CA ARG B 19 2.24 20.00 -11.79
C ARG B 19 1.90 19.25 -13.06
N LYS B 20 1.23 19.89 -14.01
CA LYS B 20 0.86 19.22 -15.26
C LYS B 20 2.10 18.77 -16.04
N VAL B 21 3.22 19.46 -15.86
CA VAL B 21 4.46 19.11 -16.53
C VAL B 21 5.32 18.32 -15.53
N LEU B 22 5.46 17.02 -15.79
CA LEU B 22 6.19 16.09 -14.94
C LEU B 22 6.06 14.72 -15.59
N ARG B 23 6.91 13.79 -15.18
CA ARG B 23 6.82 12.41 -15.63
C ARG B 23 5.61 11.77 -14.97
N ASP B 24 4.69 11.23 -15.80
CA ASP B 24 3.47 10.65 -15.27
C ASP B 24 3.77 9.38 -14.48
N ASN B 25 2.79 9.01 -13.64
CA ASN B 25 3.03 7.96 -12.65
C ASN B 25 3.15 6.58 -13.30
N ILE B 26 2.39 6.33 -14.36
CA ILE B 26 2.38 5.00 -14.96
C ILE B 26 3.75 4.66 -15.53
N GLN B 27 4.53 5.65 -15.95
CA GLN B 27 5.90 5.41 -16.35
C GLN B 27 6.82 5.12 -15.17
N GLY B 28 6.31 5.21 -13.94
CA GLY B 28 7.11 4.85 -12.79
C GLY B 28 7.72 3.47 -12.89
N ILE B 29 7.03 2.54 -13.55
CA ILE B 29 7.64 1.27 -13.91
C ILE B 29 8.65 1.55 -15.02
N THR B 30 9.91 1.21 -14.78
CA THR B 30 10.98 1.63 -15.67
C THR B 30 11.23 0.58 -16.75
N LYS B 31 12.15 0.90 -17.66
CA LYS B 31 12.54 -0.05 -18.69
C LYS B 31 13.26 -1.26 -18.12
N PRO B 32 14.30 -1.12 -17.30
CA PRO B 32 14.96 -2.32 -16.76
C PRO B 32 14.11 -3.07 -15.76
N ALA B 33 13.17 -2.39 -15.08
CA ALA B 33 12.27 -3.10 -14.18
C ALA B 33 11.48 -4.17 -14.92
N ILE B 34 10.65 -3.75 -15.88
CA ILE B 34 9.87 -4.69 -16.68
C ILE B 34 10.77 -5.61 -17.48
N ARG B 35 11.95 -5.13 -17.88
CA ARG B 35 12.93 -5.99 -18.53
C ARG B 35 13.24 -7.20 -17.66
N ARG B 36 13.81 -6.97 -16.48
CA ARG B 36 14.08 -8.04 -15.52
C ARG B 36 12.85 -8.89 -15.28
N LEU B 37 11.69 -8.24 -15.13
CA LEU B 37 10.46 -8.94 -14.80
C LEU B 37 10.05 -9.91 -15.89
N ALA B 38 10.39 -9.60 -17.14
CA ALA B 38 10.20 -10.55 -18.22
C ALA B 38 11.32 -11.59 -18.25
N ARG B 39 12.53 -11.20 -17.86
CA ARG B 39 13.64 -12.14 -17.81
C ARG B 39 13.34 -13.29 -16.87
N ARG B 40 12.66 -13.02 -15.76
CA ARG B 40 12.22 -14.12 -14.90
C ARG B 40 11.25 -15.03 -15.62
N GLY B 41 10.45 -14.48 -16.54
CA GLY B 41 9.50 -15.28 -17.28
C GLY B 41 10.13 -16.21 -18.30
N GLY B 42 11.43 -16.08 -18.56
CA GLY B 42 12.10 -16.97 -19.48
C GLY B 42 12.13 -16.52 -20.92
N VAL B 43 12.01 -15.22 -21.19
CA VAL B 43 11.98 -14.69 -22.54
C VAL B 43 13.36 -14.10 -22.86
N LYS B 44 13.77 -14.24 -24.12
CA LYS B 44 15.08 -13.76 -24.57
C LYS B 44 14.99 -12.35 -25.13
N ARG B 45 14.42 -12.21 -26.32
CA ARG B 45 14.46 -10.98 -27.08
C ARG B 45 13.11 -10.29 -27.03
N ILE B 46 13.12 -9.01 -26.64
CA ILE B 46 11.90 -8.26 -26.35
C ILE B 46 11.81 -7.08 -27.31
N SER B 47 10.61 -6.84 -27.83
CA SER B 47 10.37 -5.72 -28.73
C SER B 47 10.25 -4.42 -27.92
N GLY B 48 9.92 -3.33 -28.60
CA GLY B 48 9.84 -2.04 -27.96
C GLY B 48 8.46 -1.65 -27.43
N LEU B 49 7.41 -2.24 -28.00
CA LEU B 49 6.05 -1.92 -27.58
C LEU B 49 5.55 -2.80 -26.44
N ILE B 50 6.30 -3.86 -26.12
CA ILE B 50 5.99 -4.68 -24.93
C ILE B 50 5.86 -3.80 -23.71
N TYR B 51 6.67 -2.74 -23.64
CA TYR B 51 6.65 -1.79 -22.54
C TYR B 51 5.29 -1.13 -22.38
N GLU B 52 4.90 -0.32 -23.37
CA GLU B 52 3.63 0.40 -23.27
C GLU B 52 2.45 -0.55 -23.12
N GLU B 53 2.42 -1.61 -23.93
CA GLU B 53 1.31 -2.56 -23.86
C GLU B 53 1.21 -3.19 -22.48
N THR B 54 2.35 -3.57 -21.90
CA THR B 54 2.34 -4.20 -20.59
C THR B 54 1.99 -3.21 -19.49
N ARG B 55 2.36 -1.94 -19.64
CA ARG B 55 1.88 -0.93 -18.70
C ARG B 55 0.37 -0.81 -18.75
N GLY B 56 -0.20 -0.85 -19.96
CA GLY B 56 -1.65 -0.85 -20.07
C GLY B 56 -2.29 -2.03 -19.36
N VAL B 57 -1.76 -3.24 -19.62
CA VAL B 57 -2.31 -4.43 -18.98
C VAL B 57 -2.23 -4.32 -17.47
N LEU B 58 -1.08 -3.88 -16.96
CA LEU B 58 -0.89 -3.76 -15.52
C LEU B 58 -1.87 -2.76 -14.92
N LYS B 59 -2.08 -1.64 -15.61
CA LYS B 59 -3.03 -0.65 -15.11
C LYS B 59 -4.45 -1.18 -15.07
N VAL B 60 -4.82 -1.99 -16.09
CA VAL B 60 -6.17 -2.57 -16.11
C VAL B 60 -6.34 -3.56 -14.97
N PHE B 61 -5.38 -4.47 -14.81
CA PHE B 61 -5.47 -5.48 -13.76
C PHE B 61 -5.53 -4.84 -12.38
N LEU B 62 -4.57 -3.96 -12.09
CA LEU B 62 -4.60 -3.26 -10.81
C LEU B 62 -5.89 -2.47 -10.63
N GLU B 63 -6.44 -1.94 -11.72
CA GLU B 63 -7.71 -1.24 -11.63
C GLU B 63 -8.81 -2.16 -11.13
N ASN B 64 -8.88 -3.37 -11.69
CA ASN B 64 -9.90 -4.32 -11.26
C ASN B 64 -9.71 -4.74 -9.81
N VAL B 65 -8.50 -5.18 -9.47
CA VAL B 65 -8.26 -5.70 -8.12
C VAL B 65 -8.48 -4.61 -7.09
N ILE B 66 -8.05 -3.39 -7.37
CA ILE B 66 -8.26 -2.31 -6.41
C ILE B 66 -9.73 -1.90 -6.38
N ARG B 67 -10.48 -2.14 -7.46
CA ARG B 67 -11.91 -1.94 -7.41
C ARG B 67 -12.57 -2.88 -6.42
N ASP B 68 -12.26 -4.18 -6.52
CA ASP B 68 -12.80 -5.12 -5.55
C ASP B 68 -12.35 -4.78 -4.14
N ALA B 69 -11.07 -4.44 -3.96
CA ALA B 69 -10.56 -4.11 -2.64
C ALA B 69 -11.31 -2.95 -2.02
N VAL B 70 -11.42 -1.83 -2.75
CA VAL B 70 -12.13 -0.68 -2.21
C VAL B 70 -13.61 -1.00 -2.03
N THR B 71 -14.14 -2.01 -2.73
CA THR B 71 -15.51 -2.44 -2.47
C THR B 71 -15.61 -3.09 -1.10
N TYR B 72 -14.70 -4.04 -0.79
CA TYR B 72 -14.72 -4.65 0.53
C TYR B 72 -14.51 -3.61 1.62
N THR B 73 -13.44 -2.81 1.51
CA THR B 73 -13.13 -1.85 2.55
C THR B 73 -14.25 -0.83 2.72
N GLU B 74 -14.87 -0.41 1.61
CA GLU B 74 -16.01 0.49 1.70
C GLU B 74 -17.19 -0.18 2.38
N HIS B 75 -17.35 -1.50 2.20
CA HIS B 75 -18.44 -2.21 2.86
C HIS B 75 -18.29 -2.17 4.38
N ALA B 76 -17.09 -2.41 4.88
CA ALA B 76 -16.83 -2.38 6.32
C ALA B 76 -16.85 -0.98 6.90
N LYS B 77 -17.02 0.05 6.07
CA LYS B 77 -17.07 1.45 6.47
C LYS B 77 -15.70 1.96 6.87
N ARG B 78 -14.70 1.09 6.91
CA ARG B 78 -13.35 1.51 7.21
C ARG B 78 -12.75 2.26 6.03
N LYS B 79 -11.80 3.15 6.34
CA LYS B 79 -10.99 3.80 5.31
C LYS B 79 -9.64 3.13 5.13
N THR B 80 -9.34 2.09 5.91
CA THR B 80 -8.05 1.41 5.87
C THR B 80 -8.18 0.14 5.04
N VAL B 81 -7.45 0.08 3.93
CA VAL B 81 -7.38 -1.12 3.11
C VAL B 81 -6.32 -2.03 3.71
N THR B 82 -6.72 -3.20 4.14
CA THR B 82 -5.83 -4.11 4.85
C THR B 82 -5.36 -5.22 3.91
N ALA B 83 -4.52 -6.11 4.46
CA ALA B 83 -4.06 -7.26 3.68
C ALA B 83 -5.19 -8.24 3.44
N MET B 84 -5.99 -8.51 4.48
CA MET B 84 -7.12 -9.43 4.33
C MET B 84 -8.06 -8.98 3.23
N ASP B 85 -8.20 -7.66 3.04
CA ASP B 85 -8.99 -7.14 1.93
C ASP B 85 -8.49 -7.67 0.60
N VAL B 86 -7.24 -7.34 0.24
CA VAL B 86 -6.69 -7.75 -1.04
C VAL B 86 -6.72 -9.28 -1.17
N VAL B 87 -6.49 -9.98 -0.05
CA VAL B 87 -6.55 -11.44 -0.10
C VAL B 87 -7.97 -11.90 -0.43
N TYR B 88 -8.99 -11.17 0.01
CA TYR B 88 -10.35 -11.53 -0.35
C TYR B 88 -10.64 -11.22 -1.82
N ALA B 89 -10.13 -10.09 -2.31
CA ALA B 89 -10.35 -9.75 -3.71
C ALA B 89 -9.71 -10.77 -4.64
N LEU B 90 -8.44 -11.08 -4.40
CA LEU B 90 -7.74 -12.07 -5.22
C LEU B 90 -8.34 -13.46 -5.04
N LYS B 91 -8.62 -13.86 -3.80
CA LYS B 91 -9.17 -15.18 -3.54
C LYS B 91 -10.54 -15.34 -4.18
N ARG B 92 -11.29 -14.26 -4.30
CA ARG B 92 -12.57 -14.33 -4.98
C ARG B 92 -12.41 -14.34 -6.49
N GLN B 93 -11.42 -13.61 -7.01
CA GLN B 93 -11.18 -13.57 -8.45
C GLN B 93 -10.60 -14.87 -8.99
N GLY B 94 -10.26 -15.82 -8.13
CA GLY B 94 -9.54 -17.01 -8.52
C GLY B 94 -8.04 -16.88 -8.42
N ARG B 95 -7.55 -15.76 -7.89
CA ARG B 95 -6.14 -15.43 -7.79
C ARG B 95 -5.52 -15.81 -6.45
N THR B 96 -6.20 -16.68 -5.67
CA THR B 96 -5.99 -16.79 -4.23
C THR B 96 -4.50 -16.79 -3.87
N LEU B 97 -4.17 -16.02 -2.84
CA LEU B 97 -2.78 -15.73 -2.49
C LEU B 97 -2.52 -16.18 -1.06
N TYR B 98 -1.53 -17.04 -0.88
CA TYR B 98 -1.19 -17.52 0.45
C TYR B 98 -0.12 -16.63 1.08
N GLY B 99 0.24 -16.95 2.32
CA GLY B 99 1.28 -16.25 3.03
C GLY B 99 0.81 -15.06 3.85
N PHE B 100 -0.34 -14.49 3.53
CA PHE B 100 -0.83 -13.30 4.22
C PHE B 100 -2.13 -13.57 4.98
N GLY B 101 -3.21 -13.92 4.28
CA GLY B 101 -4.47 -14.21 4.93
C GLY B 101 -4.42 -15.45 5.81
N ALA C 12 -57.11 -6.41 8.77
CA ALA C 12 -56.61 -7.76 8.98
C ALA C 12 -56.57 -8.53 7.66
N LYS C 13 -56.82 -7.83 6.56
CA LYS C 13 -56.79 -8.45 5.24
C LYS C 13 -55.35 -8.79 4.86
N ALA C 14 -55.15 -10.01 4.37
CA ALA C 14 -53.81 -10.48 4.04
C ALA C 14 -53.36 -9.84 2.73
N LYS C 15 -52.22 -9.15 2.76
CA LYS C 15 -51.62 -8.54 1.58
C LYS C 15 -50.18 -9.02 1.45
N THR C 16 -49.84 -9.57 0.30
CA THR C 16 -48.48 -10.04 0.06
C THR C 16 -47.53 -8.85 -0.01
N ARG C 17 -46.44 -8.91 0.75
CA ARG C 17 -45.47 -7.81 0.73
C ARG C 17 -44.70 -7.74 -0.57
N SER C 18 -44.77 -8.75 -1.42
CA SER C 18 -44.21 -8.64 -2.76
C SER C 18 -44.94 -7.59 -3.57
N SER C 19 -46.25 -7.42 -3.33
CA SER C 19 -47.01 -6.36 -3.98
C SER C 19 -46.82 -5.02 -3.31
N ARG C 20 -46.37 -4.99 -2.05
CA ARG C 20 -46.11 -3.71 -1.39
C ARG C 20 -44.94 -2.99 -2.03
N ALA C 21 -43.92 -3.72 -2.47
CA ALA C 21 -42.79 -3.14 -3.16
C ALA C 21 -43.05 -2.93 -4.65
N GLY C 22 -44.21 -3.35 -5.15
CA GLY C 22 -44.52 -3.20 -6.56
C GLY C 22 -43.62 -4.03 -7.44
N LEU C 23 -43.40 -5.28 -7.06
CA LEU C 23 -42.49 -6.18 -7.75
C LEU C 23 -43.27 -7.38 -8.29
N GLN C 24 -42.53 -8.29 -8.93
CA GLN C 24 -43.10 -9.52 -9.48
C GLN C 24 -42.54 -10.75 -8.77
N PHE C 25 -41.23 -10.97 -8.83
CA PHE C 25 -40.62 -12.05 -8.07
C PHE C 25 -41.04 -11.99 -6.61
N PRO C 26 -41.37 -13.12 -5.99
CA PRO C 26 -41.94 -13.07 -4.63
C PRO C 26 -40.88 -12.75 -3.60
N VAL C 27 -41.28 -11.94 -2.61
CA VAL C 27 -40.39 -11.65 -1.50
C VAL C 27 -40.42 -12.79 -0.49
N GLY C 28 -41.58 -13.39 -0.26
CA GLY C 28 -41.69 -14.44 0.72
C GLY C 28 -40.90 -15.68 0.36
N ARG C 29 -40.96 -16.08 -0.92
CA ARG C 29 -40.27 -17.29 -1.34
C ARG C 29 -38.77 -17.12 -1.26
N VAL C 30 -38.25 -15.99 -1.74
CA VAL C 30 -36.81 -15.76 -1.67
C VAL C 30 -36.38 -15.58 -0.22
N HIS C 31 -37.27 -15.07 0.64
CA HIS C 31 -36.94 -14.91 2.04
C HIS C 31 -36.79 -16.26 2.72
N ARG C 32 -37.82 -17.12 2.59
CA ARG C 32 -37.73 -18.48 3.13
C ARG C 32 -36.54 -19.22 2.56
N LEU C 33 -36.52 -19.40 1.23
CA LEU C 33 -35.45 -20.17 0.59
C LEU C 33 -34.07 -19.63 0.98
N LEU C 34 -33.96 -18.32 1.19
CA LEU C 34 -32.71 -17.76 1.66
C LEU C 34 -32.43 -18.19 3.09
N ARG C 35 -33.46 -18.20 3.95
CA ARG C 35 -33.30 -18.68 5.31
C ARG C 35 -32.81 -20.13 5.33
N LYS C 36 -33.63 -21.04 4.82
CA LYS C 36 -33.30 -22.47 4.82
C LYS C 36 -32.08 -22.79 3.97
N GLY C 37 -31.60 -21.85 3.16
CA GLY C 37 -30.38 -22.05 2.43
C GLY C 37 -29.11 -21.91 3.24
N ASN C 38 -29.24 -21.83 4.57
CA ASN C 38 -28.15 -21.78 5.55
C ASN C 38 -27.02 -20.84 5.14
N TYR C 39 -27.38 -19.70 4.55
CA TYR C 39 -26.36 -18.71 4.18
C TYR C 39 -25.90 -17.90 5.39
N ALA C 40 -26.81 -17.63 6.32
CA ALA C 40 -26.46 -16.93 7.55
C ALA C 40 -27.44 -17.34 8.64
N GLU C 41 -27.01 -17.24 9.89
CA GLU C 41 -27.83 -17.69 11.00
C GLU C 41 -29.01 -16.74 11.25
N ARG C 42 -28.90 -15.48 10.84
CA ARG C 42 -29.99 -14.53 10.92
C ARG C 42 -30.11 -13.79 9.59
N VAL C 43 -31.34 -13.48 9.21
CA VAL C 43 -31.61 -12.81 7.94
C VAL C 43 -32.25 -11.46 8.22
N GLY C 44 -32.05 -10.53 7.29
CA GLY C 44 -32.58 -9.18 7.44
C GLY C 44 -34.05 -9.09 7.06
N ALA C 45 -34.51 -7.85 6.96
CA ALA C 45 -35.89 -7.56 6.59
C ALA C 45 -36.00 -7.20 5.11
N GLY C 46 -35.37 -6.11 4.70
CA GLY C 46 -35.39 -5.67 3.33
C GLY C 46 -34.48 -6.42 2.37
N ALA C 47 -33.73 -7.40 2.85
CA ALA C 47 -32.84 -8.15 1.98
C ALA C 47 -33.59 -8.95 0.92
N PRO C 48 -34.60 -9.77 1.25
CA PRO C 48 -35.33 -10.47 0.18
C PRO C 48 -36.05 -9.52 -0.76
N VAL C 49 -36.46 -8.35 -0.27
CA VAL C 49 -37.02 -7.33 -1.16
C VAL C 49 -35.95 -6.85 -2.14
N TYR C 50 -34.73 -6.66 -1.65
CA TYR C 50 -33.66 -6.15 -2.50
C TYR C 50 -33.27 -7.17 -3.55
N LEU C 51 -33.15 -8.44 -3.17
CA LEU C 51 -32.93 -9.50 -4.15
C LEU C 51 -34.07 -9.59 -5.15
N ALA C 52 -35.32 -9.51 -4.67
CA ALA C 52 -36.44 -9.48 -5.59
C ALA C 52 -36.28 -8.37 -6.61
N ALA C 53 -35.81 -7.20 -6.18
CA ALA C 53 -35.63 -6.09 -7.10
C ALA C 53 -34.54 -6.36 -8.12
N VAL C 54 -33.37 -6.83 -7.66
CA VAL C 54 -32.28 -7.04 -8.63
C VAL C 54 -32.64 -8.15 -9.61
N LEU C 55 -33.43 -9.14 -9.18
CA LEU C 55 -33.89 -10.16 -10.11
C LEU C 55 -34.92 -9.59 -11.08
N GLU C 56 -35.77 -8.68 -10.61
CA GLU C 56 -36.63 -7.94 -11.53
C GLU C 56 -35.80 -7.29 -12.64
N TYR C 57 -34.78 -6.53 -12.25
CA TYR C 57 -34.04 -5.77 -13.25
C TYR C 57 -33.24 -6.68 -14.18
N LEU C 58 -32.61 -7.72 -13.65
CA LEU C 58 -31.83 -8.61 -14.51
C LEU C 58 -32.74 -9.36 -15.48
N THR C 59 -33.80 -9.99 -14.96
CA THR C 59 -34.70 -10.75 -15.82
C THR C 59 -35.34 -9.85 -16.87
N ALA C 60 -35.80 -8.66 -16.46
CA ALA C 60 -36.41 -7.75 -17.42
C ALA C 60 -35.40 -7.29 -18.46
N GLU C 61 -34.16 -7.04 -18.04
CA GLU C 61 -33.09 -6.64 -18.95
C GLU C 61 -32.82 -7.70 -20.01
N ILE C 62 -32.32 -8.87 -19.59
CA ILE C 62 -31.94 -9.90 -20.55
C ILE C 62 -33.14 -10.36 -21.36
N LEU C 63 -34.30 -10.49 -20.70
CA LEU C 63 -35.49 -10.90 -21.43
C LEU C 63 -35.93 -9.84 -22.42
N GLU C 64 -35.69 -8.57 -22.11
CA GLU C 64 -36.01 -7.50 -23.05
C GLU C 64 -35.10 -7.55 -24.27
N LEU C 65 -33.81 -7.77 -24.06
CA LEU C 65 -32.91 -7.94 -25.20
C LEU C 65 -33.32 -9.16 -26.03
N ALA C 66 -33.76 -10.22 -25.38
CA ALA C 66 -34.28 -11.38 -26.10
C ALA C 66 -35.50 -11.00 -26.93
N GLY C 67 -36.37 -10.15 -26.38
CA GLY C 67 -37.51 -9.68 -27.14
C GLY C 67 -37.09 -8.88 -28.36
N ASN C 68 -36.04 -8.08 -28.22
CA ASN C 68 -35.54 -7.33 -29.37
C ASN C 68 -34.97 -8.25 -30.44
N ALA C 69 -34.23 -9.28 -30.03
CA ALA C 69 -33.68 -10.22 -31.00
C ALA C 69 -34.78 -11.01 -31.70
N ALA C 70 -35.77 -11.48 -30.94
CA ALA C 70 -36.89 -12.20 -31.55
C ALA C 70 -37.67 -11.30 -32.50
N ARG C 71 -37.83 -10.03 -32.13
CA ARG C 71 -38.48 -9.08 -33.04
C ARG C 71 -37.66 -8.88 -34.30
N ASP C 72 -36.34 -8.90 -34.17
CA ASP C 72 -35.47 -8.76 -35.35
C ASP C 72 -35.60 -9.98 -36.26
N ASN C 73 -35.77 -11.17 -35.67
CA ASN C 73 -35.91 -12.38 -36.46
C ASN C 73 -37.34 -12.63 -36.92
N LYS C 74 -38.27 -11.73 -36.62
CA LYS C 74 -39.68 -11.85 -37.01
C LYS C 74 -40.29 -13.12 -36.44
N LYS C 75 -40.06 -13.35 -35.15
CA LYS C 75 -40.60 -14.49 -34.43
C LYS C 75 -41.29 -13.99 -33.18
N THR C 76 -42.55 -14.39 -32.99
CA THR C 76 -43.30 -13.94 -31.81
C THR C 76 -42.72 -14.54 -30.55
N ARG C 77 -42.57 -15.86 -30.50
CA ARG C 77 -42.02 -16.53 -29.33
C ARG C 77 -40.50 -16.31 -29.32
N ILE C 78 -39.83 -16.78 -28.26
CA ILE C 78 -38.39 -16.65 -28.14
C ILE C 78 -37.77 -18.04 -28.09
N ILE C 79 -36.58 -18.15 -28.68
CA ILE C 79 -35.84 -19.39 -28.81
C ILE C 79 -34.53 -19.22 -28.03
N PRO C 80 -33.96 -20.27 -27.46
CA PRO C 80 -32.63 -20.11 -26.83
C PRO C 80 -31.59 -19.47 -27.73
N ARG C 81 -31.77 -19.53 -29.06
CA ARG C 81 -30.92 -18.74 -29.94
C ARG C 81 -31.10 -17.25 -29.67
N HIS C 82 -32.34 -16.82 -29.43
CA HIS C 82 -32.60 -15.42 -29.16
C HIS C 82 -32.00 -14.98 -27.84
N LEU C 83 -31.98 -15.88 -26.85
CA LEU C 83 -31.28 -15.59 -25.61
C LEU C 83 -29.76 -15.58 -25.83
N GLN C 84 -29.27 -16.41 -26.74
CA GLN C 84 -27.86 -16.37 -27.10
C GLN C 84 -27.47 -15.01 -27.64
N LEU C 85 -28.17 -14.55 -28.68
CA LEU C 85 -27.90 -13.24 -29.24
C LEU C 85 -28.10 -12.14 -28.20
N ALA C 86 -29.11 -12.29 -27.34
CA ALA C 86 -29.36 -11.29 -26.31
C ALA C 86 -28.16 -11.18 -25.38
N VAL C 87 -27.66 -12.31 -24.89
CA VAL C 87 -26.48 -12.32 -24.02
C VAL C 87 -25.28 -11.72 -24.74
N ARG C 88 -24.81 -12.38 -25.80
CA ARG C 88 -23.53 -12.00 -26.36
C ARG C 88 -23.57 -10.72 -27.18
N ASN C 89 -24.74 -10.15 -27.44
CA ASN C 89 -24.77 -8.84 -28.09
C ASN C 89 -24.32 -7.75 -27.13
N ASP C 90 -24.87 -7.74 -25.92
CA ASP C 90 -24.47 -6.76 -24.93
C ASP C 90 -23.06 -7.06 -24.42
N GLU C 91 -22.34 -6.00 -24.09
CA GLU C 91 -20.95 -6.15 -23.64
C GLU C 91 -20.88 -6.64 -22.20
N GLU C 92 -21.38 -5.84 -21.27
CA GLU C 92 -21.26 -6.17 -19.84
C GLU C 92 -22.08 -7.40 -19.49
N LEU C 93 -23.24 -7.57 -20.13
CA LEU C 93 -24.04 -8.76 -19.87
C LEU C 93 -23.31 -10.02 -20.30
N ASN C 94 -22.52 -9.93 -21.38
CA ASN C 94 -21.63 -11.02 -21.74
C ASN C 94 -20.48 -11.15 -20.76
N LYS C 95 -20.01 -10.02 -20.20
CA LYS C 95 -18.95 -10.08 -19.22
C LYS C 95 -19.38 -10.85 -17.98
N LEU C 96 -20.66 -10.76 -17.62
CA LEU C 96 -21.17 -11.54 -16.50
C LEU C 96 -21.28 -13.02 -16.85
N LEU C 97 -21.82 -13.32 -18.03
CA LEU C 97 -22.06 -14.69 -18.48
C LEU C 97 -20.94 -15.26 -19.33
N GLY C 98 -19.81 -14.55 -19.47
CA GLY C 98 -18.74 -15.04 -20.32
C GLY C 98 -18.21 -16.40 -19.89
N ARG C 99 -17.92 -16.56 -18.60
CA ARG C 99 -17.33 -17.80 -18.12
C ARG C 99 -18.31 -18.96 -18.22
N VAL C 100 -19.61 -18.70 -18.08
CA VAL C 100 -20.62 -19.74 -18.06
C VAL C 100 -21.08 -20.03 -19.49
N THR C 101 -21.32 -21.30 -19.78
CA THR C 101 -21.80 -21.71 -21.09
C THR C 101 -23.33 -21.71 -21.08
N ILE C 102 -23.92 -22.28 -22.13
CA ILE C 102 -25.37 -22.25 -22.31
C ILE C 102 -25.76 -23.52 -23.05
N ALA C 103 -27.05 -23.73 -23.30
CA ALA C 103 -27.53 -24.89 -24.02
C ALA C 103 -28.41 -24.45 -25.18
N GLN C 104 -28.22 -25.09 -26.34
CA GLN C 104 -28.98 -24.89 -27.57
C GLN C 104 -28.75 -23.52 -28.19
N GLY C 105 -28.00 -22.62 -27.55
CA GLY C 105 -27.85 -21.28 -28.09
C GLY C 105 -27.06 -21.25 -29.38
N GLY C 106 -25.87 -21.84 -29.39
CA GLY C 106 -25.01 -21.81 -30.54
C GLY C 106 -23.99 -20.69 -30.46
N VAL C 107 -23.44 -20.36 -31.63
CA VAL C 107 -22.41 -19.34 -31.76
C VAL C 107 -22.90 -18.26 -32.72
N LEU C 108 -22.70 -17.00 -32.33
CA LEU C 108 -23.07 -15.90 -33.21
C LEU C 108 -22.15 -15.87 -34.43
N PRO C 109 -22.68 -15.49 -35.59
CA PRO C 109 -21.86 -15.50 -36.81
C PRO C 109 -20.68 -14.54 -36.70
N ASN C 110 -19.49 -15.07 -37.00
CA ASN C 110 -18.28 -14.25 -37.08
C ASN C 110 -17.33 -14.87 -38.09
N ILE C 111 -16.62 -14.02 -38.82
CA ILE C 111 -15.63 -14.45 -39.78
C ILE C 111 -14.44 -13.50 -39.67
N GLN C 112 -13.23 -14.07 -39.61
CA GLN C 112 -12.03 -13.26 -39.48
C GLN C 112 -11.84 -12.41 -40.74
N SER C 113 -11.20 -11.25 -40.54
CA SER C 113 -11.01 -10.27 -41.61
C SER C 113 -10.24 -10.86 -42.79
N VAL C 114 -8.97 -11.19 -42.59
CA VAL C 114 -8.14 -11.68 -43.70
C VAL C 114 -8.42 -13.13 -44.05
N LEU C 115 -9.25 -13.83 -43.27
CA LEU C 115 -9.59 -15.21 -43.60
C LEU C 115 -10.45 -15.28 -44.85
N LEU C 116 -11.43 -14.38 -44.96
CA LEU C 116 -12.30 -14.37 -46.13
C LEU C 116 -11.56 -13.77 -47.33
N PRO C 117 -11.78 -14.28 -48.53
CA PRO C 117 -11.06 -13.79 -49.71
C PRO C 117 -11.63 -12.46 -50.18
N LYS C 118 -11.03 -11.94 -51.25
CA LYS C 118 -11.45 -10.66 -51.81
C LYS C 118 -12.71 -10.83 -52.66
N THR D 29 -42.92 -35.22 -6.23
CA THR D 29 -44.22 -34.84 -6.78
C THR D 29 -44.28 -33.34 -7.02
N ARG D 30 -43.83 -32.57 -6.03
CA ARG D 30 -43.85 -31.11 -6.11
C ARG D 30 -42.46 -30.61 -6.50
N LYS D 31 -42.36 -30.03 -7.70
CA LYS D 31 -41.12 -29.44 -8.19
C LYS D 31 -41.36 -27.96 -8.43
N GLU D 32 -40.72 -27.11 -7.63
CA GLU D 32 -40.95 -25.67 -7.69
C GLU D 32 -40.12 -25.04 -8.80
N SER D 33 -40.68 -23.99 -9.39
CA SER D 33 -39.97 -23.22 -10.40
C SER D 33 -40.49 -21.78 -10.35
N TYR D 34 -39.65 -20.85 -10.82
CA TYR D 34 -40.05 -19.45 -10.84
C TYR D 34 -41.16 -19.23 -11.88
N ALA D 35 -40.93 -19.65 -13.12
CA ALA D 35 -42.02 -19.81 -14.08
C ALA D 35 -42.85 -18.54 -14.27
N ILE D 36 -44.10 -18.59 -13.82
CA ILE D 36 -45.11 -17.56 -14.04
C ILE D 36 -44.61 -16.18 -13.63
N TYR D 37 -43.58 -16.12 -12.79
CA TYR D 37 -42.95 -14.84 -12.48
C TYR D 37 -42.21 -14.30 -13.70
N VAL D 38 -41.34 -15.11 -14.29
CA VAL D 38 -40.72 -14.75 -15.56
C VAL D 38 -41.78 -14.49 -16.62
N TYR D 39 -42.89 -15.23 -16.57
CA TYR D 39 -43.98 -14.98 -17.51
C TYR D 39 -44.56 -13.58 -17.33
N LYS D 40 -44.78 -13.17 -16.08
CA LYS D 40 -45.32 -11.84 -15.81
C LYS D 40 -44.33 -10.76 -16.24
N VAL D 41 -43.04 -10.98 -16.02
CA VAL D 41 -42.03 -10.03 -16.50
C VAL D 41 -42.10 -9.91 -18.02
N LEU D 42 -42.21 -11.05 -18.71
CA LEU D 42 -42.36 -11.03 -20.16
C LEU D 42 -43.59 -10.22 -20.58
N LYS D 43 -44.70 -10.39 -19.86
CA LYS D 43 -45.92 -9.68 -20.23
C LYS D 43 -45.88 -8.20 -19.88
N GLN D 44 -45.05 -7.78 -18.92
CA GLN D 44 -44.91 -6.37 -18.64
C GLN D 44 -43.78 -5.71 -19.44
N VAL D 45 -42.97 -6.50 -20.16
CA VAL D 45 -41.94 -5.93 -21.03
C VAL D 45 -42.41 -5.98 -22.47
N HIS D 46 -42.62 -7.19 -23.00
CA HIS D 46 -43.09 -7.41 -24.37
C HIS D 46 -44.39 -8.19 -24.32
N PRO D 47 -45.54 -7.50 -24.30
CA PRO D 47 -46.81 -8.21 -24.10
C PRO D 47 -47.10 -9.26 -25.15
N ASP D 48 -46.89 -8.95 -26.44
CA ASP D 48 -47.21 -9.90 -27.49
C ASP D 48 -46.21 -11.03 -27.60
N THR D 49 -44.99 -10.83 -27.11
CA THR D 49 -43.95 -11.86 -27.23
C THR D 49 -44.24 -13.02 -26.29
N GLY D 50 -44.10 -14.23 -26.81
CA GLY D 50 -44.26 -15.44 -26.02
C GLY D 50 -42.92 -16.07 -25.66
N ILE D 51 -43.01 -17.13 -24.86
CA ILE D 51 -41.84 -17.85 -24.37
C ILE D 51 -42.11 -19.34 -24.48
N SER D 52 -41.10 -20.10 -24.88
CA SER D 52 -41.23 -21.54 -25.03
C SER D 52 -40.94 -22.23 -23.70
N SER D 53 -41.04 -23.56 -23.71
CA SER D 53 -40.74 -24.32 -22.49
C SER D 53 -39.24 -24.37 -22.23
N LYS D 54 -38.45 -24.62 -23.27
CA LYS D 54 -37.00 -24.63 -23.10
C LYS D 54 -36.49 -23.28 -22.63
N ALA D 55 -37.06 -22.19 -23.13
CA ALA D 55 -36.64 -20.87 -22.69
C ALA D 55 -37.04 -20.61 -21.24
N MET D 56 -38.22 -21.07 -20.84
CA MET D 56 -38.64 -20.91 -19.46
C MET D 56 -37.73 -21.69 -18.52
N SER D 57 -37.33 -22.90 -18.93
CA SER D 57 -36.45 -23.70 -18.08
C SER D 57 -35.05 -23.10 -18.03
N ILE D 58 -34.54 -22.60 -19.15
CA ILE D 58 -33.17 -22.09 -19.19
C ILE D 58 -33.08 -20.78 -18.41
N MET D 59 -34.13 -19.95 -18.47
CA MET D 59 -34.10 -18.72 -17.68
C MET D 59 -34.43 -18.99 -16.22
N ASN D 60 -35.19 -20.04 -15.94
CA ASN D 60 -35.34 -20.51 -14.57
C ASN D 60 -33.98 -20.87 -13.97
N SER D 61 -33.23 -21.72 -14.67
CA SER D 61 -31.88 -22.04 -14.20
C SER D 61 -31.01 -20.80 -14.15
N PHE D 62 -31.26 -19.83 -15.03
CA PHE D 62 -30.56 -18.56 -14.94
C PHE D 62 -30.76 -17.90 -13.59
N VAL D 63 -32.02 -17.55 -13.26
CA VAL D 63 -32.26 -16.83 -12.00
C VAL D 63 -31.84 -17.67 -10.81
N ASN D 64 -31.95 -19.00 -10.89
CA ASN D 64 -31.45 -19.83 -9.80
C ASN D 64 -29.94 -19.67 -9.63
N ASP D 65 -29.21 -19.69 -10.75
CA ASP D 65 -27.75 -19.59 -10.67
C ASP D 65 -27.32 -18.21 -10.17
N VAL D 66 -27.90 -17.15 -10.73
CA VAL D 66 -27.56 -15.79 -10.30
C VAL D 66 -27.87 -15.60 -8.83
N PHE D 67 -29.05 -16.06 -8.38
CA PHE D 67 -29.38 -16.01 -6.96
C PHE D 67 -28.34 -16.76 -6.13
N GLU D 68 -27.89 -17.92 -6.62
CA GLU D 68 -26.88 -18.67 -5.88
C GLU D 68 -25.57 -17.89 -5.79
N ARG D 69 -25.22 -17.15 -6.85
CA ARG D 69 -24.03 -16.32 -6.79
C ARG D 69 -24.18 -15.22 -5.76
N ILE D 70 -25.27 -14.45 -5.84
CA ILE D 70 -25.42 -13.29 -4.97
C ILE D 70 -25.50 -13.70 -3.51
N ALA D 71 -26.42 -14.62 -3.19
CA ALA D 71 -26.59 -15.03 -1.81
C ALA D 71 -25.37 -15.80 -1.31
N GLY D 72 -24.85 -16.71 -2.13
CA GLY D 72 -23.69 -17.48 -1.71
C GLY D 72 -22.47 -16.62 -1.44
N GLU D 73 -22.30 -15.55 -2.20
CA GLU D 73 -21.18 -14.65 -1.96
C GLU D 73 -21.45 -13.71 -0.80
N ALA D 74 -22.70 -13.29 -0.62
CA ALA D 74 -23.05 -12.45 0.52
C ALA D 74 -22.88 -13.19 1.84
N SER D 75 -23.07 -14.52 1.82
CA SER D 75 -22.82 -15.32 3.02
C SER D 75 -21.40 -15.13 3.52
N ARG D 76 -20.42 -15.55 2.70
CA ARG D 76 -19.02 -15.39 3.08
C ARG D 76 -18.65 -13.93 3.28
N LEU D 77 -19.30 -13.02 2.56
CA LEU D 77 -19.03 -11.59 2.76
C LEU D 77 -19.41 -11.16 4.17
N ALA D 78 -20.55 -11.63 4.67
CA ALA D 78 -20.92 -11.36 6.05
C ALA D 78 -20.12 -12.19 7.04
N HIS D 79 -19.50 -13.28 6.58
CA HIS D 79 -18.67 -14.10 7.47
C HIS D 79 -17.30 -13.48 7.69
N TYR D 80 -16.77 -12.76 6.69
CA TYR D 80 -15.47 -12.12 6.88
C TYR D 80 -15.52 -11.00 7.91
N ASN D 81 -16.66 -10.35 8.06
CA ASN D 81 -16.82 -9.28 9.02
C ASN D 81 -17.22 -9.77 10.41
N LYS D 82 -17.31 -11.09 10.60
CA LYS D 82 -17.75 -11.69 11.86
C LYS D 82 -19.15 -11.21 12.24
N ARG D 83 -19.97 -10.96 11.23
CA ARG D 83 -21.35 -10.51 11.41
C ARG D 83 -22.27 -11.71 11.22
N SER D 84 -23.05 -12.04 12.25
CA SER D 84 -23.84 -13.26 12.23
C SER D 84 -25.04 -13.16 11.30
N THR D 85 -25.54 -11.95 11.04
CA THR D 85 -26.76 -11.77 10.25
C THR D 85 -26.42 -11.24 8.86
N ILE D 86 -27.24 -11.65 7.90
CA ILE D 86 -27.17 -11.13 6.53
C ILE D 86 -28.25 -10.08 6.37
N THR D 87 -27.90 -8.93 5.80
CA THR D 87 -28.80 -7.79 5.76
C THR D 87 -28.81 -7.19 4.36
N SER D 88 -29.53 -6.08 4.21
CA SER D 88 -29.64 -5.42 2.91
C SER D 88 -28.31 -4.86 2.43
N ARG D 89 -27.46 -4.42 3.35
CA ARG D 89 -26.13 -3.93 2.96
C ARG D 89 -25.24 -5.08 2.47
N GLU D 90 -25.40 -6.27 3.06
CA GLU D 90 -24.62 -7.42 2.62
C GLU D 90 -24.96 -7.78 1.19
N ILE D 91 -26.25 -7.83 0.86
CA ILE D 91 -26.67 -8.08 -0.51
C ILE D 91 -26.27 -6.91 -1.41
N GLN D 92 -26.28 -5.70 -0.87
CA GLN D 92 -25.82 -4.53 -1.61
C GLN D 92 -24.40 -4.73 -2.13
N THR D 93 -23.45 -4.86 -1.20
CA THR D 93 -22.06 -5.09 -1.60
C THR D 93 -21.91 -6.39 -2.37
N ALA D 94 -22.83 -7.33 -2.16
CA ALA D 94 -22.75 -8.60 -2.88
C ALA D 94 -23.02 -8.41 -4.37
N VAL D 95 -24.10 -7.70 -4.71
CA VAL D 95 -24.42 -7.49 -6.11
C VAL D 95 -23.49 -6.46 -6.73
N ARG D 96 -23.04 -5.48 -5.94
CA ARG D 96 -22.09 -4.51 -6.47
C ARG D 96 -20.75 -5.16 -6.78
N LEU D 97 -20.31 -6.09 -5.94
CA LEU D 97 -19.05 -6.79 -6.13
C LEU D 97 -19.16 -7.93 -7.12
N LEU D 98 -20.36 -8.47 -7.35
CA LEU D 98 -20.50 -9.67 -8.17
C LEU D 98 -20.38 -9.34 -9.66
N LEU D 99 -21.36 -8.65 -10.21
CA LEU D 99 -21.42 -8.43 -11.65
C LEU D 99 -20.72 -7.12 -12.01
N PRO D 100 -19.66 -7.15 -12.79
CA PRO D 100 -18.95 -5.92 -13.13
C PRO D 100 -19.70 -5.10 -14.17
N GLY D 101 -19.29 -3.85 -14.29
CA GLY D 101 -19.78 -2.98 -15.33
C GLY D 101 -20.86 -2.03 -14.85
N GLU D 102 -21.34 -1.22 -15.79
CA GLU D 102 -22.42 -0.27 -15.52
C GLU D 102 -23.71 -0.98 -15.14
N LEU D 103 -23.83 -2.26 -15.48
CA LEU D 103 -25.03 -3.03 -15.17
C LEU D 103 -25.36 -3.04 -13.68
N ALA D 104 -24.36 -2.84 -12.82
CA ALA D 104 -24.62 -2.87 -11.39
C ALA D 104 -25.34 -1.62 -10.92
N LYS D 105 -25.11 -0.48 -11.57
CA LYS D 105 -25.71 0.77 -11.12
C LYS D 105 -27.23 0.70 -11.13
N HIS D 106 -27.81 0.19 -12.22
CA HIS D 106 -29.26 0.10 -12.30
C HIS D 106 -29.80 -0.90 -11.27
N ALA D 107 -29.06 -1.98 -11.00
CA ALA D 107 -29.49 -2.93 -9.98
C ALA D 107 -29.50 -2.29 -8.60
N VAL D 108 -28.51 -1.42 -8.34
CA VAL D 108 -28.49 -0.70 -7.07
C VAL D 108 -29.66 0.27 -6.98
N SER D 109 -29.93 1.00 -8.06
CA SER D 109 -31.02 1.97 -8.05
C SER D 109 -32.36 1.29 -7.84
N GLU D 110 -32.65 0.25 -8.62
CA GLU D 110 -33.91 -0.46 -8.49
C GLU D 110 -34.01 -1.15 -7.13
N GLY D 111 -32.90 -1.68 -6.63
CA GLY D 111 -32.90 -2.34 -5.34
C GLY D 111 -33.22 -1.40 -4.20
N THR D 112 -32.45 -0.31 -4.08
CA THR D 112 -32.72 0.66 -3.02
C THR D 112 -34.10 1.29 -3.18
N LYS D 113 -34.55 1.49 -4.41
CA LYS D 113 -35.91 1.98 -4.63
C LYS D 113 -36.94 1.02 -4.07
N ALA D 114 -36.76 -0.29 -4.31
CA ALA D 114 -37.71 -1.27 -3.79
C ALA D 114 -37.63 -1.37 -2.28
N VAL D 115 -36.45 -1.19 -1.69
CA VAL D 115 -36.33 -1.25 -0.23
C VAL D 115 -37.02 -0.06 0.41
N THR D 116 -36.77 1.14 -0.11
CA THR D 116 -37.42 2.33 0.44
C THR D 116 -38.93 2.28 0.24
N LYS D 117 -39.38 1.83 -0.93
CA LYS D 117 -40.82 1.68 -1.15
C LYS D 117 -41.41 0.63 -0.22
N TYR D 118 -40.64 -0.41 0.10
CA TYR D 118 -41.13 -1.44 1.02
C TYR D 118 -41.27 -0.90 2.44
N THR D 119 -40.24 -0.18 2.91
CA THR D 119 -40.29 0.33 4.28
C THR D 119 -41.30 1.46 4.43
N SER D 120 -41.52 2.24 3.37
CA SER D 120 -42.47 3.35 3.44
C SER D 120 -43.92 2.88 3.47
N ALA D 121 -44.17 1.59 3.25
CA ALA D 121 -45.53 1.06 3.25
C ALA D 121 -46.11 1.06 4.66
N ARG E 40 -17.59 -26.20 -61.27
CA ARG E 40 -17.09 -26.41 -59.91
C ARG E 40 -16.92 -25.06 -59.23
N TYR E 41 -16.50 -25.11 -57.97
CA TYR E 41 -16.20 -23.91 -57.20
C TYR E 41 -14.70 -23.82 -56.92
N ARG E 42 -14.21 -22.59 -56.80
CA ARG E 42 -12.83 -22.39 -56.40
C ARG E 42 -12.65 -22.83 -54.95
N PRO E 43 -11.52 -23.45 -54.60
CA PRO E 43 -11.32 -23.91 -53.23
C PRO E 43 -11.39 -22.75 -52.24
N GLY E 44 -12.15 -22.96 -51.16
CA GLY E 44 -12.33 -21.97 -50.11
C GLY E 44 -13.69 -21.31 -50.10
N THR E 45 -14.45 -21.37 -51.19
CA THR E 45 -15.79 -20.80 -51.18
C THR E 45 -16.77 -21.73 -50.45
N VAL E 46 -16.66 -23.03 -50.70
CA VAL E 46 -17.47 -24.01 -50.00
C VAL E 46 -17.26 -23.88 -48.49
N ALA E 47 -16.04 -23.57 -48.06
CA ALA E 47 -15.78 -23.39 -46.64
C ALA E 47 -16.62 -22.26 -46.07
N LEU E 48 -16.65 -21.11 -46.76
CA LEU E 48 -17.47 -20.00 -46.28
C LEU E 48 -18.95 -20.36 -46.27
N ARG E 49 -19.43 -20.99 -47.34
CA ARG E 49 -20.85 -21.36 -47.39
C ARG E 49 -21.21 -22.29 -46.24
N GLU E 50 -20.37 -23.29 -45.97
CA GLU E 50 -20.56 -24.16 -44.82
C GLU E 50 -20.61 -23.35 -43.53
N ILE E 51 -19.51 -22.68 -43.20
CA ILE E 51 -19.40 -21.94 -41.93
C ILE E 51 -20.62 -21.06 -41.71
N ARG E 52 -21.06 -20.37 -42.76
CA ARG E 52 -22.26 -19.55 -42.63
C ARG E 52 -23.49 -20.41 -42.36
N ARG E 53 -23.58 -21.57 -43.01
CA ARG E 53 -24.75 -22.42 -42.81
C ARG E 53 -24.82 -22.96 -41.40
N TYR E 54 -23.67 -23.34 -40.82
CA TYR E 54 -23.66 -23.89 -39.48
C TYR E 54 -23.83 -22.80 -38.43
N GLN E 55 -22.91 -21.83 -38.39
CA GLN E 55 -23.05 -20.72 -37.46
C GLN E 55 -24.41 -20.04 -37.57
N LYS E 56 -25.08 -20.16 -38.72
CA LYS E 56 -26.43 -19.62 -38.85
C LYS E 56 -27.46 -20.46 -38.12
N SER E 57 -27.19 -21.76 -37.93
CA SER E 57 -28.17 -22.70 -37.40
C SER E 57 -27.78 -23.16 -36.00
N THR E 58 -28.79 -23.46 -35.19
CA THR E 58 -28.60 -23.88 -33.80
C THR E 58 -28.66 -25.38 -33.62
N GLU E 59 -28.94 -26.14 -34.67
CA GLU E 59 -29.19 -27.57 -34.51
C GLU E 59 -27.96 -28.29 -33.99
N LEU E 60 -28.20 -29.34 -33.21
CA LEU E 60 -27.12 -30.16 -32.68
C LEU E 60 -26.38 -30.83 -33.82
N LEU E 61 -25.06 -30.97 -33.66
CA LEU E 61 -24.22 -31.30 -34.81
C LEU E 61 -23.81 -32.77 -34.81
N ILE E 62 -23.00 -33.19 -33.83
CA ILE E 62 -22.58 -34.58 -33.76
C ILE E 62 -23.78 -35.48 -33.54
N ARG E 63 -23.71 -36.70 -34.09
CA ARG E 63 -24.86 -37.59 -34.11
C ARG E 63 -25.01 -38.30 -32.76
N LYS E 64 -26.26 -38.46 -32.34
CA LYS E 64 -26.59 -38.94 -31.00
C LYS E 64 -26.02 -40.32 -30.69
N LEU E 65 -26.48 -41.35 -31.39
CA LEU E 65 -26.19 -42.72 -30.98
C LEU E 65 -24.70 -43.04 -30.87
N PRO E 66 -23.82 -42.66 -31.81
CA PRO E 66 -22.39 -42.90 -31.58
C PRO E 66 -21.88 -42.28 -30.29
N PHE E 67 -22.32 -41.06 -29.99
CA PHE E 67 -21.94 -40.44 -28.73
C PHE E 67 -22.52 -41.21 -27.54
N GLN E 68 -23.70 -41.79 -27.70
CA GLN E 68 -24.27 -42.64 -26.66
C GLN E 68 -23.34 -43.82 -26.37
N ARG E 69 -22.95 -44.55 -27.42
CA ARG E 69 -22.03 -45.66 -27.22
C ARG E 69 -20.69 -45.20 -26.65
N LEU E 70 -20.27 -43.98 -26.99
CA LEU E 70 -19.02 -43.46 -26.45
C LEU E 70 -19.13 -43.23 -24.95
N VAL E 71 -20.22 -42.60 -24.50
CA VAL E 71 -20.38 -42.31 -23.08
C VAL E 71 -20.56 -43.59 -22.29
N ARG E 72 -21.34 -44.55 -22.82
CA ARG E 72 -21.50 -45.81 -22.10
C ARG E 72 -20.19 -46.57 -22.03
N GLU E 73 -19.43 -46.59 -23.14
CA GLU E 73 -18.16 -47.32 -23.15
C GLU E 73 -17.15 -46.69 -22.20
N ILE E 74 -17.11 -45.35 -22.14
CA ILE E 74 -16.12 -44.70 -21.30
C ILE E 74 -16.54 -44.72 -19.83
N ALA E 75 -17.84 -44.76 -19.56
CA ALA E 75 -18.32 -44.89 -18.19
C ALA E 75 -18.23 -46.32 -17.68
N GLN E 76 -18.22 -47.31 -18.56
CA GLN E 76 -18.00 -48.68 -18.15
C GLN E 76 -16.67 -48.87 -17.45
N ASP E 77 -15.70 -48.00 -17.72
CA ASP E 77 -14.38 -48.13 -17.10
C ASP E 77 -14.44 -47.85 -15.60
N PHE E 78 -15.17 -46.81 -15.20
CA PHE E 78 -15.19 -46.41 -13.79
C PHE E 78 -16.03 -47.37 -12.96
N LYS E 79 -17.34 -47.35 -13.15
CA LYS E 79 -18.25 -48.25 -12.45
C LYS E 79 -19.09 -49.01 -13.47
N THR E 80 -19.42 -50.25 -13.13
CA THR E 80 -20.18 -51.09 -14.04
C THR E 80 -21.65 -50.67 -14.09
N ASP E 81 -22.31 -51.10 -15.16
CA ASP E 81 -23.77 -51.12 -15.33
C ASP E 81 -24.45 -49.85 -14.83
N LEU E 82 -23.91 -48.70 -15.26
CA LEU E 82 -24.61 -47.44 -15.03
C LEU E 82 -25.82 -47.32 -15.94
N ARG E 83 -26.74 -46.44 -15.54
CA ARG E 83 -27.96 -46.14 -16.29
C ARG E 83 -28.02 -44.64 -16.51
N PHE E 84 -28.05 -44.22 -17.77
CA PHE E 84 -28.09 -42.81 -18.11
C PHE E 84 -29.49 -42.43 -18.59
N GLN E 85 -30.02 -41.34 -18.04
CA GLN E 85 -31.24 -40.78 -18.59
C GLN E 85 -30.96 -40.11 -19.93
N SER E 86 -32.02 -39.93 -20.72
CA SER E 86 -31.87 -39.29 -22.02
C SER E 86 -31.37 -37.86 -21.88
N SER E 87 -31.96 -37.11 -20.94
CA SER E 87 -31.55 -35.73 -20.72
C SER E 87 -30.11 -35.64 -20.21
N ALA E 88 -29.59 -36.69 -19.57
CA ALA E 88 -28.20 -36.67 -19.15
C ALA E 88 -27.26 -36.80 -20.34
N VAL E 89 -27.56 -37.72 -21.25
CA VAL E 89 -26.72 -37.89 -22.44
C VAL E 89 -26.81 -36.66 -23.33
N MET E 90 -28.01 -36.08 -23.46
CA MET E 90 -28.13 -34.83 -24.21
C MET E 90 -27.35 -33.72 -23.53
N ALA E 91 -27.39 -33.66 -22.19
CA ALA E 91 -26.63 -32.67 -21.45
C ALA E 91 -25.14 -32.78 -21.77
N LEU E 92 -24.55 -33.91 -21.43
CA LEU E 92 -23.11 -34.10 -21.65
C LEU E 92 -22.75 -33.89 -23.12
N GLN E 93 -23.61 -34.33 -24.03
CA GLN E 93 -23.38 -34.13 -25.46
C GLN E 93 -23.26 -32.64 -25.78
N GLU E 94 -24.32 -31.87 -25.51
CA GLU E 94 -24.30 -30.45 -25.84
C GLU E 94 -23.15 -29.73 -25.15
N ALA E 95 -22.79 -30.16 -23.93
CA ALA E 95 -21.68 -29.53 -23.21
C ALA E 95 -20.36 -29.76 -23.93
N SER E 96 -20.01 -31.03 -24.19
CA SER E 96 -18.76 -31.32 -24.88
C SER E 96 -18.73 -30.72 -26.27
N GLU E 97 -19.89 -30.66 -26.93
CA GLU E 97 -19.99 -30.03 -28.24
C GLU E 97 -19.64 -28.55 -28.17
N ALA E 98 -20.28 -27.83 -27.24
CA ALA E 98 -20.03 -26.39 -27.13
C ALA E 98 -18.57 -26.12 -26.77
N TYR E 99 -18.06 -26.81 -25.74
CA TYR E 99 -16.66 -26.61 -25.35
C TYR E 99 -15.70 -26.92 -26.48
N LEU E 100 -15.98 -27.97 -27.23
CA LEU E 100 -15.06 -28.34 -28.31
C LEU E 100 -15.12 -27.34 -29.45
N VAL E 101 -16.31 -26.77 -29.72
CA VAL E 101 -16.41 -25.66 -30.67
C VAL E 101 -15.54 -24.50 -30.21
N ALA E 102 -15.63 -24.14 -28.92
CA ALA E 102 -14.76 -23.10 -28.39
C ALA E 102 -13.29 -23.45 -28.60
N LEU E 103 -12.95 -24.74 -28.47
CA LEU E 103 -11.57 -25.16 -28.67
C LEU E 103 -11.11 -24.94 -30.10
N PHE E 104 -11.96 -25.28 -31.08
CA PHE E 104 -11.59 -25.05 -32.47
C PHE E 104 -11.54 -23.55 -32.80
N GLU E 105 -12.35 -22.73 -32.14
CA GLU E 105 -12.25 -21.29 -32.34
C GLU E 105 -10.92 -20.76 -31.83
N ASP E 106 -10.51 -21.17 -30.63
CA ASP E 106 -9.21 -20.71 -30.13
C ASP E 106 -8.10 -21.25 -31.01
N THR E 107 -8.17 -22.51 -31.42
CA THR E 107 -7.15 -23.03 -32.33
C THR E 107 -7.11 -22.23 -33.63
N ASN E 108 -8.27 -21.75 -34.09
CA ASN E 108 -8.29 -20.91 -35.28
C ASN E 108 -7.55 -19.60 -35.04
N LEU E 109 -7.77 -18.96 -33.89
CA LEU E 109 -7.05 -17.73 -33.59
C LEU E 109 -5.55 -17.98 -33.47
N CYS E 110 -5.14 -19.08 -32.85
CA CYS E 110 -3.72 -19.37 -32.74
C CYS E 110 -3.11 -19.65 -34.11
N ALA E 111 -3.86 -20.34 -34.99
CA ALA E 111 -3.37 -20.62 -36.33
C ALA E 111 -3.19 -19.34 -37.14
N ILE E 112 -4.23 -18.51 -37.17
CA ILE E 112 -4.12 -17.26 -37.93
C ILE E 112 -3.08 -16.34 -37.32
N HIS E 113 -2.77 -16.49 -36.03
CA HIS E 113 -1.62 -15.79 -35.47
C HIS E 113 -0.31 -16.35 -36.02
N ALA E 114 -0.25 -17.66 -36.22
CA ALA E 114 0.96 -18.30 -36.73
C ALA E 114 1.20 -18.01 -38.20
N LYS E 115 0.28 -17.29 -38.86
CA LYS E 115 0.30 -16.94 -40.28
C LYS E 115 -0.12 -18.12 -41.15
N ARG E 116 -0.32 -19.29 -40.57
CA ARG E 116 -0.80 -20.46 -41.30
C ARG E 116 -2.31 -20.55 -41.15
N VAL E 117 -3.03 -20.52 -42.27
CA VAL E 117 -4.47 -20.67 -42.22
C VAL E 117 -4.87 -22.09 -41.83
N THR E 118 -3.96 -23.06 -42.00
CA THR E 118 -4.23 -24.44 -41.64
C THR E 118 -3.95 -24.66 -40.16
N ILE E 119 -4.87 -25.34 -39.48
CA ILE E 119 -4.67 -25.72 -38.09
C ILE E 119 -3.91 -27.02 -38.02
N MET E 120 -3.01 -27.14 -37.05
CA MET E 120 -2.15 -28.31 -36.91
C MET E 120 -2.38 -28.93 -35.54
N PRO E 121 -1.71 -30.04 -35.21
CA PRO E 121 -1.73 -30.50 -33.82
C PRO E 121 -1.05 -29.53 -32.87
N LYS E 122 -0.03 -28.81 -33.35
CA LYS E 122 0.77 -27.96 -32.46
C LYS E 122 -0.07 -26.87 -31.81
N ASP E 123 -0.85 -26.14 -32.61
CA ASP E 123 -1.62 -25.05 -32.05
C ASP E 123 -2.88 -25.51 -31.34
N ILE E 124 -3.44 -26.66 -31.73
CA ILE E 124 -4.62 -27.14 -31.04
C ILE E 124 -4.25 -27.71 -29.68
N GLN E 125 -3.03 -28.25 -29.51
CA GLN E 125 -2.57 -28.57 -28.18
C GLN E 125 -2.02 -27.36 -27.46
N LEU E 126 -1.62 -26.32 -28.20
CA LEU E 126 -1.20 -25.08 -27.57
C LEU E 126 -2.39 -24.30 -27.01
N ALA E 127 -3.59 -24.53 -27.55
CA ALA E 127 -4.76 -23.87 -27.01
C ALA E 127 -5.06 -24.35 -25.58
N ARG E 128 -5.13 -25.67 -25.39
CA ARG E 128 -5.36 -26.19 -24.06
C ARG E 128 -4.10 -26.20 -23.21
N ARG E 129 -2.92 -26.00 -23.81
CA ARG E 129 -1.72 -25.78 -23.01
C ARG E 129 -1.68 -24.37 -22.45
N ILE E 130 -2.12 -23.39 -23.25
CA ILE E 130 -2.14 -22.00 -22.79
C ILE E 130 -3.36 -21.73 -21.92
N ARG E 131 -4.41 -22.51 -22.04
CA ARG E 131 -5.57 -22.28 -21.19
C ARG E 131 -5.32 -22.70 -19.75
N GLY E 132 -4.36 -23.58 -19.52
CA GLY E 132 -4.09 -24.06 -18.17
C GLY E 132 -4.54 -25.47 -17.90
N GLU E 133 -4.91 -26.24 -18.92
CA GLU E 133 -5.39 -27.61 -18.73
C GLU E 133 -4.21 -28.59 -18.74
N ARG E 134 -3.54 -28.71 -19.87
CA ARG E 134 -2.40 -29.60 -20.00
C ARG E 134 -1.21 -29.10 -19.17
N ARG F 17 -31.47 -56.51 -21.74
CA ARG F 17 -31.56 -57.96 -21.75
C ARG F 17 -30.29 -58.59 -22.30
N HIS F 18 -29.90 -58.17 -23.50
CA HIS F 18 -28.71 -58.66 -24.18
C HIS F 18 -27.70 -57.53 -24.32
N ARG F 19 -26.56 -57.84 -24.96
CA ARG F 19 -25.51 -56.87 -25.21
C ARG F 19 -25.09 -56.98 -26.67
N LYS F 20 -25.30 -55.92 -27.44
CA LYS F 20 -24.91 -55.88 -28.83
C LYS F 20 -23.52 -55.27 -28.94
N VAL F 21 -22.58 -56.01 -29.51
CA VAL F 21 -21.19 -55.59 -29.62
C VAL F 21 -20.97 -55.11 -31.05
N LEU F 22 -20.76 -53.80 -31.21
CA LEU F 22 -20.42 -53.20 -32.49
C LEU F 22 -19.10 -52.47 -32.34
N ARG F 23 -18.19 -52.69 -33.29
CA ARG F 23 -16.82 -52.21 -33.16
C ARG F 23 -16.78 -50.68 -33.30
N ASP F 24 -15.57 -50.14 -33.21
CA ASP F 24 -15.32 -48.70 -33.34
C ASP F 24 -16.12 -47.91 -32.30
N ASN F 25 -15.77 -48.14 -31.03
CA ASN F 25 -16.41 -47.47 -29.91
C ASN F 25 -15.62 -46.27 -29.42
N ILE F 26 -14.46 -45.98 -30.02
CA ILE F 26 -13.60 -44.87 -29.61
C ILE F 26 -13.55 -43.78 -30.67
N GLN F 27 -13.05 -44.12 -31.86
CA GLN F 27 -12.95 -43.18 -32.97
C GLN F 27 -14.25 -43.08 -33.76
N GLY F 28 -15.32 -43.70 -33.28
CA GLY F 28 -16.60 -43.71 -33.97
C GLY F 28 -17.14 -42.35 -34.35
N ILE F 29 -16.64 -41.29 -33.70
CA ILE F 29 -16.93 -39.95 -34.19
C ILE F 29 -16.35 -39.83 -35.59
N THR F 30 -17.20 -39.48 -36.54
CA THR F 30 -16.83 -39.52 -37.95
C THR F 30 -16.17 -38.20 -38.34
N LYS F 31 -15.16 -38.29 -39.22
CA LYS F 31 -14.50 -37.09 -39.68
C LYS F 31 -15.42 -36.08 -40.37
N PRO F 32 -16.49 -36.47 -41.09
CA PRO F 32 -17.42 -35.44 -41.56
C PRO F 32 -18.13 -34.71 -40.43
N ALA F 33 -18.54 -35.45 -39.39
CA ALA F 33 -19.29 -34.83 -38.30
C ALA F 33 -18.39 -33.91 -37.47
N ILE F 34 -17.22 -34.41 -37.07
CA ILE F 34 -16.29 -33.58 -36.31
C ILE F 34 -15.76 -32.44 -37.18
N ARG F 35 -15.68 -32.66 -38.50
CA ARG F 35 -15.28 -31.59 -39.39
C ARG F 35 -16.31 -30.48 -39.40
N ARG F 36 -17.60 -30.83 -39.50
CA ARG F 36 -18.66 -29.85 -39.33
C ARG F 36 -18.54 -29.16 -37.98
N LEU F 37 -18.25 -29.94 -36.93
CA LEU F 37 -18.13 -29.37 -35.59
C LEU F 37 -17.06 -28.30 -35.54
N ALA F 38 -15.96 -28.50 -36.27
CA ALA F 38 -14.95 -27.45 -36.38
C ALA F 38 -15.45 -26.30 -37.25
N ARG F 39 -16.23 -26.61 -38.30
CA ARG F 39 -16.74 -25.57 -39.17
C ARG F 39 -17.62 -24.58 -38.42
N ARG F 40 -18.34 -25.04 -37.41
CA ARG F 40 -19.10 -24.10 -36.58
C ARG F 40 -18.15 -23.16 -35.84
N GLY F 41 -16.99 -23.67 -35.42
CA GLY F 41 -16.03 -22.84 -34.72
C GLY F 41 -15.38 -21.77 -35.57
N GLY F 42 -15.63 -21.78 -36.89
CA GLY F 42 -15.10 -20.78 -37.77
C GLY F 42 -13.77 -21.11 -38.41
N VAL F 43 -13.34 -22.36 -38.34
CA VAL F 43 -12.05 -22.75 -38.90
C VAL F 43 -12.15 -22.82 -40.42
N LYS F 44 -11.06 -22.46 -41.09
CA LYS F 44 -11.02 -22.40 -42.54
C LYS F 44 -10.50 -23.71 -43.13
N ARG F 45 -9.24 -24.03 -42.84
CA ARG F 45 -8.54 -25.16 -43.44
C ARG F 45 -8.17 -26.14 -42.34
N ILE F 46 -8.63 -27.39 -42.46
CA ILE F 46 -8.45 -28.40 -41.43
C ILE F 46 -7.42 -29.42 -41.93
N SER F 47 -6.49 -29.79 -41.06
CA SER F 47 -5.47 -30.77 -41.39
C SER F 47 -6.04 -32.18 -41.26
N GLY F 48 -5.18 -33.18 -41.43
CA GLY F 48 -5.59 -34.56 -41.31
C GLY F 48 -5.35 -35.15 -39.94
N LEU F 49 -4.47 -34.52 -39.16
CA LEU F 49 -4.14 -34.99 -37.83
C LEU F 49 -4.96 -34.30 -36.74
N ILE F 50 -5.83 -33.36 -37.11
CA ILE F 50 -6.68 -32.70 -36.13
C ILE F 50 -7.65 -33.70 -35.50
N TYR F 51 -8.05 -34.72 -36.26
CA TYR F 51 -9.13 -35.60 -35.82
C TYR F 51 -8.71 -36.46 -34.64
N GLU F 52 -7.54 -37.11 -34.74
CA GLU F 52 -7.08 -37.97 -33.66
C GLU F 52 -6.84 -37.18 -32.39
N GLU F 53 -6.16 -36.04 -32.51
CA GLU F 53 -5.90 -35.19 -31.34
C GLU F 53 -7.21 -34.73 -30.71
N THR F 54 -8.19 -34.37 -31.54
CA THR F 54 -9.48 -33.92 -31.01
C THR F 54 -10.19 -35.05 -30.29
N ARG F 55 -10.09 -36.28 -30.80
CA ARG F 55 -10.63 -37.41 -30.06
C ARG F 55 -9.89 -37.61 -28.74
N GLY F 56 -8.59 -37.28 -28.70
CA GLY F 56 -7.86 -37.40 -27.45
C GLY F 56 -8.34 -36.40 -26.40
N VAL F 57 -8.40 -35.12 -26.77
CA VAL F 57 -8.82 -34.10 -25.81
C VAL F 57 -10.27 -34.31 -25.41
N LEU F 58 -11.12 -34.69 -26.37
CA LEU F 58 -12.50 -35.00 -26.02
C LEU F 58 -12.57 -36.18 -25.07
N LYS F 59 -11.71 -37.18 -25.27
CA LYS F 59 -11.71 -38.34 -24.39
C LYS F 59 -11.29 -37.96 -22.98
N VAL F 60 -10.32 -37.05 -22.84
CA VAL F 60 -9.85 -36.66 -21.51
C VAL F 60 -10.89 -35.82 -20.78
N PHE F 61 -11.41 -34.80 -21.47
CA PHE F 61 -12.53 -34.02 -20.93
C PHE F 61 -13.66 -34.94 -20.46
N LEU F 62 -13.99 -35.93 -21.30
CA LEU F 62 -15.05 -36.87 -20.97
C LEU F 62 -14.69 -37.69 -19.73
N GLU F 63 -13.42 -38.10 -19.63
CA GLU F 63 -12.90 -38.71 -18.42
C GLU F 63 -13.30 -37.89 -17.19
N ASN F 64 -12.84 -36.62 -17.15
CA ASN F 64 -13.06 -35.81 -15.95
C ASN F 64 -14.55 -35.65 -15.64
N VAL F 65 -15.33 -35.19 -16.63
CA VAL F 65 -16.72 -34.86 -16.36
C VAL F 65 -17.51 -36.10 -15.93
N ILE F 66 -17.27 -37.24 -16.58
CA ILE F 66 -18.02 -38.42 -16.20
C ILE F 66 -17.52 -38.98 -14.87
N ARG F 67 -16.24 -38.77 -14.56
CA ARG F 67 -15.73 -39.15 -13.24
C ARG F 67 -16.48 -38.40 -12.14
N ASP F 68 -16.64 -37.09 -12.30
CA ASP F 68 -17.39 -36.32 -11.32
C ASP F 68 -18.85 -36.76 -11.27
N ALA F 69 -19.47 -36.94 -12.44
CA ALA F 69 -20.88 -37.32 -12.48
C ALA F 69 -21.12 -38.64 -11.75
N VAL F 70 -20.32 -39.65 -12.04
CA VAL F 70 -20.49 -40.94 -11.37
C VAL F 70 -20.08 -40.84 -9.90
N THR F 71 -19.27 -39.83 -9.54
CA THR F 71 -19.02 -39.59 -8.12
C THR F 71 -20.29 -39.14 -7.42
N TYR F 72 -21.01 -38.20 -8.03
CA TYR F 72 -22.30 -37.79 -7.46
C TYR F 72 -23.28 -38.95 -7.41
N THR F 73 -23.47 -39.63 -8.53
CA THR F 73 -24.43 -40.73 -8.58
C THR F 73 -24.08 -41.81 -7.57
N GLU F 74 -22.78 -42.06 -7.38
CA GLU F 74 -22.35 -43.06 -6.40
C GLU F 74 -22.63 -42.59 -4.98
N HIS F 75 -22.45 -41.28 -4.71
CA HIS F 75 -22.69 -40.78 -3.37
C HIS F 75 -24.15 -40.90 -2.96
N ALA F 76 -25.05 -40.62 -3.90
CA ALA F 76 -26.49 -40.67 -3.61
C ALA F 76 -27.01 -42.08 -3.41
N LYS F 77 -26.17 -43.10 -3.62
CA LYS F 77 -26.58 -44.50 -3.51
C LYS F 77 -27.66 -44.84 -4.53
N ARG F 78 -27.47 -44.39 -5.76
CA ARG F 78 -28.38 -44.66 -6.86
C ARG F 78 -27.60 -45.27 -8.02
N LYS F 79 -28.25 -46.17 -8.75
CA LYS F 79 -27.64 -46.83 -9.89
C LYS F 79 -27.94 -46.14 -11.21
N THR F 80 -28.63 -45.00 -11.18
CA THR F 80 -29.02 -44.29 -12.39
C THR F 80 -28.44 -42.88 -12.36
N VAL F 81 -27.69 -42.53 -13.40
CA VAL F 81 -27.15 -41.18 -13.52
C VAL F 81 -28.24 -40.26 -14.06
N THR F 82 -28.35 -39.08 -13.46
CA THR F 82 -29.37 -38.11 -13.82
C THR F 82 -28.71 -36.83 -14.34
N ALA F 83 -29.50 -36.07 -15.10
CA ALA F 83 -28.98 -34.84 -15.69
C ALA F 83 -28.50 -33.85 -14.64
N MET F 84 -29.13 -33.84 -13.47
CA MET F 84 -28.71 -32.93 -12.41
C MET F 84 -27.28 -33.23 -11.97
N ASP F 85 -26.91 -34.51 -11.93
CA ASP F 85 -25.54 -34.87 -11.58
C ASP F 85 -24.55 -34.32 -12.60
N VAL F 86 -24.93 -34.33 -13.88
CA VAL F 86 -24.07 -33.76 -14.90
C VAL F 86 -23.99 -32.25 -14.75
N VAL F 87 -25.11 -31.61 -14.40
CA VAL F 87 -25.10 -30.16 -14.23
C VAL F 87 -24.25 -29.76 -13.02
N TYR F 88 -24.15 -30.63 -12.01
CA TYR F 88 -23.28 -30.34 -10.89
C TYR F 88 -21.82 -30.62 -11.22
N ALA F 89 -21.55 -31.69 -11.96
CA ALA F 89 -20.19 -31.99 -12.39
C ALA F 89 -19.63 -30.86 -13.24
N LEU F 90 -20.41 -30.41 -14.22
CA LEU F 90 -20.03 -29.23 -14.99
C LEU F 90 -19.98 -27.99 -14.11
N LYS F 91 -20.89 -27.90 -13.13
CA LYS F 91 -20.93 -26.76 -12.23
C LYS F 91 -19.58 -26.55 -11.55
N ARG F 92 -19.13 -27.52 -10.76
CA ARG F 92 -17.82 -27.39 -10.15
C ARG F 92 -16.69 -27.46 -11.18
N GLN F 93 -16.97 -28.00 -12.36
CA GLN F 93 -15.95 -28.06 -13.42
C GLN F 93 -15.57 -26.68 -13.92
N GLY F 94 -16.38 -25.66 -13.64
CA GLY F 94 -16.12 -24.31 -14.07
C GLY F 94 -17.04 -23.79 -15.16
N ARG F 95 -17.91 -24.63 -15.72
CA ARG F 95 -18.86 -24.20 -16.73
C ARG F 95 -20.25 -24.66 -16.33
N THR F 96 -21.15 -23.72 -16.07
CA THR F 96 -22.51 -24.05 -15.67
C THR F 96 -23.38 -24.17 -16.92
N LEU F 97 -24.20 -25.21 -16.95
CA LEU F 97 -25.11 -25.41 -18.08
C LEU F 97 -26.52 -25.07 -17.64
N TYR F 98 -27.27 -24.46 -18.54
CA TYR F 98 -28.62 -24.00 -18.24
C TYR F 98 -29.65 -24.77 -19.08
N GLY F 99 -30.87 -24.83 -18.55
CA GLY F 99 -32.00 -25.39 -19.24
C GLY F 99 -32.39 -26.79 -18.80
N PHE F 100 -31.45 -27.54 -18.24
CA PHE F 100 -31.72 -28.89 -17.76
C PHE F 100 -31.96 -28.95 -16.26
N GLY F 101 -31.99 -27.81 -15.58
CA GLY F 101 -32.28 -27.75 -14.17
C GLY F 101 -31.04 -27.42 -13.35
N GLY F 102 -31.29 -26.86 -12.17
CA GLY F 102 -30.21 -26.50 -11.26
C GLY F 102 -29.43 -25.28 -11.70
N ALA G 12 -13.03 -40.87 34.69
CA ALA G 12 -13.52 -39.52 34.49
C ALA G 12 -12.39 -38.59 34.06
N LYS G 13 -11.23 -39.17 33.77
CA LYS G 13 -10.09 -38.38 33.33
C LYS G 13 -10.33 -37.85 31.91
N ALA G 14 -10.06 -36.57 31.71
CA ALA G 14 -10.31 -35.93 30.42
C ALA G 14 -9.25 -36.35 29.42
N LYS G 15 -9.68 -36.92 28.30
CA LYS G 15 -8.78 -37.31 27.21
C LYS G 15 -9.28 -36.70 25.92
N THR G 16 -8.40 -35.96 25.25
CA THR G 16 -8.75 -35.34 23.98
C THR G 16 -8.96 -36.41 22.91
N ARG G 17 -10.10 -36.33 22.22
CA ARG G 17 -10.38 -37.32 21.18
C ARG G 17 -9.49 -37.16 19.95
N SER G 18 -8.76 -36.05 19.85
CA SER G 18 -7.75 -35.94 18.80
C SER G 18 -6.63 -36.94 19.02
N SER G 19 -6.33 -37.27 20.28
CA SER G 19 -5.35 -38.31 20.58
C SER G 19 -5.92 -39.70 20.47
N ARG G 20 -7.25 -39.84 20.53
CA ARG G 20 -7.87 -41.16 20.38
C ARG G 20 -7.68 -41.68 18.96
N ALA G 21 -7.74 -40.80 17.97
CA ALA G 21 -7.50 -41.18 16.58
C ALA G 21 -6.03 -41.22 16.22
N GLY G 22 -5.15 -40.86 17.15
CA GLY G 22 -3.73 -40.85 16.88
C GLY G 22 -3.34 -39.84 15.83
N LEU G 23 -3.87 -38.63 15.95
CA LEU G 23 -3.66 -37.57 14.99
C LEU G 23 -2.96 -36.39 15.66
N GLN G 24 -2.74 -35.33 14.86
CA GLN G 24 -2.12 -34.11 15.34
C GLN G 24 -3.08 -32.93 15.27
N PHE G 25 -3.56 -32.58 14.08
CA PHE G 25 -4.57 -31.54 13.96
C PHE G 25 -5.74 -31.83 14.90
N PRO G 26 -6.27 -30.83 15.60
CA PRO G 26 -7.28 -31.10 16.62
C PRO G 26 -8.63 -31.46 16.02
N VAL G 27 -9.30 -32.41 16.64
CA VAL G 27 -10.66 -32.76 16.22
C VAL G 27 -11.66 -31.77 16.79
N GLY G 28 -11.45 -31.32 18.02
CA GLY G 28 -12.40 -30.41 18.65
C GLY G 28 -12.47 -29.07 17.96
N ARG G 29 -11.31 -28.51 17.59
CA ARG G 29 -11.29 -27.20 16.96
C ARG G 29 -11.95 -27.23 15.59
N VAL G 30 -11.63 -28.24 14.78
CA VAL G 30 -12.24 -28.33 13.46
C VAL G 30 -13.72 -28.65 13.59
N HIS G 31 -14.11 -29.35 14.66
CA HIS G 31 -15.52 -29.65 14.87
C HIS G 31 -16.31 -28.40 15.20
N ARG G 32 -15.85 -27.63 16.19
CA ARG G 32 -16.48 -26.36 16.52
C ARG G 32 -16.49 -25.43 15.31
N LEU G 33 -15.30 -25.07 14.81
CA LEU G 33 -15.19 -24.14 13.70
C LEU G 33 -16.05 -24.58 12.52
N LEU G 34 -16.18 -25.89 12.31
CA LEU G 34 -17.07 -26.39 11.26
C LEU G 34 -18.53 -26.12 11.62
N ARG G 35 -18.90 -26.32 12.89
CA ARG G 35 -20.25 -26.00 13.33
C ARG G 35 -20.57 -24.53 13.10
N LYS G 36 -19.85 -23.64 13.78
CA LYS G 36 -20.09 -22.19 13.67
C LYS G 36 -19.83 -21.65 12.28
N GLY G 37 -19.20 -22.43 11.40
CA GLY G 37 -19.03 -22.01 10.03
C GLY G 37 -20.26 -22.14 9.17
N ASN G 38 -21.42 -22.40 9.77
CA ASN G 38 -22.74 -22.47 9.15
C ASN G 38 -22.74 -23.23 7.84
N TYR G 39 -21.97 -24.32 7.77
CA TYR G 39 -21.96 -25.15 6.57
C TYR G 39 -23.18 -26.05 6.50
N ALA G 40 -23.65 -26.54 7.64
CA ALA G 40 -24.86 -27.34 7.69
C ALA G 40 -25.49 -27.17 9.07
N GLU G 41 -26.81 -27.39 9.13
CA GLU G 41 -27.53 -27.17 10.38
C GLU G 41 -27.23 -28.25 11.41
N ARG G 42 -26.80 -29.43 10.98
CA ARG G 42 -26.35 -30.48 11.88
C ARG G 42 -25.03 -31.05 11.38
N VAL G 43 -24.17 -31.44 12.30
CA VAL G 43 -22.86 -31.96 11.97
C VAL G 43 -22.75 -33.39 12.48
N GLY G 44 -21.90 -34.17 11.82
CA GLY G 44 -21.73 -35.57 12.16
C GLY G 44 -20.79 -35.76 13.34
N ALA G 45 -20.42 -37.01 13.56
CA ALA G 45 -19.50 -37.39 14.63
C ALA G 45 -18.08 -37.56 14.12
N GLY G 46 -17.87 -38.53 13.22
CA GLY G 46 -16.57 -38.79 12.66
C GLY G 46 -16.12 -37.84 11.58
N ALA G 47 -16.94 -36.85 11.20
CA ALA G 47 -16.54 -35.92 10.17
C ALA G 47 -15.34 -35.06 10.56
N PRO G 48 -15.31 -34.40 11.72
CA PRO G 48 -14.10 -33.65 12.08
C PRO G 48 -12.88 -34.54 12.23
N VAL G 49 -13.07 -35.79 12.64
CA VAL G 49 -11.95 -36.74 12.66
C VAL G 49 -11.44 -36.98 11.25
N TYR G 50 -12.36 -37.10 10.29
CA TYR G 50 -11.97 -37.40 8.92
C TYR G 50 -11.23 -36.22 8.31
N LEU G 51 -11.74 -35.00 8.52
CA LEU G 51 -11.01 -33.82 8.09
C LEU G 51 -9.64 -33.71 8.76
N ALA G 52 -9.59 -33.98 10.07
CA ALA G 52 -8.31 -33.99 10.75
C ALA G 52 -7.33 -34.94 10.05
N ALA G 53 -7.83 -36.10 9.62
CA ALA G 53 -6.97 -37.07 8.96
C ALA G 53 -6.48 -36.56 7.61
N VAL G 54 -7.40 -36.04 6.78
CA VAL G 54 -6.97 -35.60 5.45
C VAL G 54 -6.02 -34.41 5.56
N LEU G 55 -6.18 -33.57 6.58
CA LEU G 55 -5.23 -32.49 6.78
C LEU G 55 -3.89 -33.03 7.26
N GLU G 56 -3.90 -34.07 8.10
CA GLU G 56 -2.67 -34.78 8.43
C GLU G 56 -1.93 -35.19 7.16
N TYR G 57 -2.63 -35.89 6.26
CA TYR G 57 -1.94 -36.44 5.10
C TYR G 57 -1.48 -35.35 4.15
N LEU G 58 -2.30 -34.33 3.91
CA LEU G 58 -1.88 -33.26 3.01
C LEU G 58 -0.71 -32.49 3.57
N THR G 59 -0.82 -32.04 4.82
CA THR G 59 0.27 -31.26 5.42
C THR G 59 1.56 -32.08 5.48
N ALA G 60 1.46 -33.35 5.88
CA ALA G 60 2.65 -34.19 5.95
C ALA G 60 3.24 -34.41 4.57
N GLU G 61 2.39 -34.58 3.56
CA GLU G 61 2.82 -34.76 2.18
C GLU G 61 3.61 -33.55 1.68
N ILE G 62 2.93 -32.41 1.55
CA ILE G 62 3.57 -31.23 0.97
C ILE G 62 4.76 -30.78 1.82
N LEU G 63 4.60 -30.85 3.15
CA LEU G 63 5.71 -30.47 4.02
C LEU G 63 6.88 -31.44 3.90
N GLU G 64 6.59 -32.70 3.60
CA GLU G 64 7.66 -33.67 3.39
C GLU G 64 8.42 -33.37 2.11
N LEU G 65 7.70 -33.07 1.02
CA LEU G 65 8.37 -32.66 -0.20
C LEU G 65 9.21 -31.40 0.02
N ALA G 66 8.69 -30.47 0.84
CA ALA G 66 9.47 -29.29 1.19
C ALA G 66 10.74 -29.67 1.94
N GLY G 67 10.64 -30.67 2.82
CA GLY G 67 11.83 -31.14 3.50
C GLY G 67 12.84 -31.74 2.55
N ASN G 68 12.37 -32.45 1.51
CA ASN G 68 13.28 -33.00 0.52
C ASN G 68 13.95 -31.89 -0.27
N ALA G 69 13.20 -30.84 -0.64
CA ALA G 69 13.80 -29.74 -1.40
C ALA G 69 14.81 -28.99 -0.55
N ALA G 70 14.47 -28.72 0.72
CA ALA G 70 15.41 -28.03 1.60
C ALA G 70 16.66 -28.88 1.82
N ARG G 71 16.49 -30.20 1.94
CA ARG G 71 17.66 -31.08 2.06
C ARG G 71 18.51 -31.03 0.80
N ASP G 72 17.86 -30.91 -0.37
CA ASP G 72 18.61 -30.80 -1.62
C ASP G 72 19.40 -29.50 -1.68
N ASN G 73 18.84 -28.42 -1.14
CA ASN G 73 19.51 -27.12 -1.14
C ASN G 73 20.48 -26.96 0.02
N LYS G 74 20.65 -27.99 0.86
CA LYS G 74 21.55 -27.95 2.01
C LYS G 74 21.17 -26.82 2.98
N LYS G 75 19.87 -26.76 3.28
CA LYS G 75 19.34 -25.77 4.21
C LYS G 75 18.50 -26.49 5.26
N THR G 76 18.81 -26.25 6.54
CA THR G 76 18.07 -26.90 7.60
C THR G 76 16.62 -26.43 7.63
N ARG G 77 16.42 -25.11 7.71
CA ARG G 77 15.07 -24.55 7.74
C ARG G 77 14.47 -24.61 6.33
N ILE G 78 13.21 -24.22 6.19
CA ILE G 78 12.54 -24.22 4.90
C ILE G 78 12.15 -22.79 4.54
N ILE G 79 12.21 -22.50 3.25
CA ILE G 79 11.92 -21.18 2.71
C ILE G 79 10.72 -21.33 1.79
N PRO G 80 9.88 -20.30 1.61
CA PRO G 80 8.79 -20.41 0.63
C PRO G 80 9.25 -20.83 -0.75
N ARG G 81 10.53 -20.61 -1.10
CA ARG G 81 11.07 -21.20 -2.31
C ARG G 81 11.01 -22.73 -2.26
N HIS G 82 11.32 -23.30 -1.10
CA HIS G 82 11.28 -24.75 -0.95
C HIS G 82 9.86 -25.28 -1.06
N LEU G 83 8.88 -24.53 -0.56
CA LEU G 83 7.49 -24.89 -0.78
C LEU G 83 7.09 -24.73 -2.24
N GLN G 84 7.67 -23.75 -2.93
CA GLN G 84 7.44 -23.60 -4.37
C GLN G 84 7.89 -24.85 -5.12
N LEU G 85 9.16 -25.23 -4.93
CA LEU G 85 9.67 -26.43 -5.58
C LEU G 85 8.90 -27.66 -5.14
N ALA G 86 8.49 -27.72 -3.88
CA ALA G 86 7.71 -28.86 -3.40
C ALA G 86 6.40 -28.98 -4.15
N VAL G 87 5.66 -27.88 -4.26
CA VAL G 87 4.41 -27.85 -5.00
C VAL G 87 4.63 -28.24 -6.46
N ARG G 88 5.37 -27.40 -7.20
CA ARG G 88 5.41 -27.59 -8.64
C ARG G 88 6.28 -28.75 -9.10
N ASN G 89 7.02 -29.40 -8.20
CA ASN G 89 7.74 -30.61 -8.60
C ASN G 89 6.76 -31.76 -8.81
N ASP G 90 5.87 -31.98 -7.84
CA ASP G 90 4.88 -33.03 -7.96
C ASP G 90 3.84 -32.67 -9.01
N GLU G 91 3.33 -33.69 -9.70
CA GLU G 91 2.37 -33.47 -10.77
C GLU G 91 0.98 -33.16 -10.22
N GLU G 92 0.38 -34.12 -9.52
CA GLU G 92 -0.99 -33.95 -9.04
C GLU G 92 -1.10 -32.86 -7.98
N LEU G 93 -0.06 -32.72 -7.14
CA LEU G 93 -0.08 -31.67 -6.14
C LEU G 93 -0.07 -30.29 -6.81
N ASN G 94 0.62 -30.18 -7.95
CA ASN G 94 0.51 -28.96 -8.74
C ASN G 94 -0.86 -28.85 -9.41
N LYS G 95 -1.46 -29.98 -9.77
CA LYS G 95 -2.79 -29.94 -10.37
C LYS G 95 -3.82 -29.39 -9.39
N LEU G 96 -3.63 -29.64 -8.09
CA LEU G 96 -4.53 -29.07 -7.09
C LEU G 96 -4.27 -27.57 -6.92
N LEU G 97 -3.00 -27.18 -6.84
CA LEU G 97 -2.61 -25.80 -6.59
C LEU G 97 -2.32 -25.01 -7.86
N GLY G 98 -2.58 -25.58 -9.04
CA GLY G 98 -2.26 -24.89 -10.28
C GLY G 98 -2.97 -23.55 -10.41
N ARG G 99 -4.28 -23.53 -10.16
CA ARG G 99 -5.05 -22.30 -10.33
C ARG G 99 -4.66 -21.24 -9.32
N VAL G 100 -4.26 -21.65 -8.13
CA VAL G 100 -3.96 -20.73 -7.04
C VAL G 100 -2.50 -20.31 -7.13
N THR G 101 -2.24 -19.04 -6.84
CA THR G 101 -0.88 -18.51 -6.85
C THR G 101 -0.27 -18.66 -5.45
N ILE G 102 0.87 -18.03 -5.23
CA ILE G 102 1.62 -18.17 -3.98
C ILE G 102 2.34 -16.85 -3.73
N ALA G 103 3.06 -16.75 -2.61
CA ALA G 103 3.83 -15.56 -2.27
C ALA G 103 5.27 -15.93 -1.99
N GLN G 104 6.20 -15.13 -2.52
CA GLN G 104 7.64 -15.25 -2.33
C GLN G 104 8.23 -16.50 -2.95
N GLY G 105 7.42 -17.38 -3.53
CA GLY G 105 7.96 -18.63 -4.06
C GLY G 105 8.83 -18.42 -5.28
N GLY G 106 8.31 -17.72 -6.28
CA GLY G 106 9.04 -17.53 -7.51
C GLY G 106 8.66 -18.55 -8.57
N VAL G 107 9.52 -18.66 -9.57
CA VAL G 107 9.32 -19.54 -10.71
C VAL G 107 10.47 -20.53 -10.77
N LEU G 108 10.14 -21.80 -10.99
CA LEU G 108 11.18 -22.82 -11.13
C LEU G 108 11.94 -22.61 -12.44
N PRO G 109 13.24 -22.89 -12.46
CA PRO G 109 14.02 -22.64 -13.67
C PRO G 109 13.55 -23.47 -14.85
N ASN G 110 13.31 -22.81 -15.97
CA ASN G 110 12.96 -23.49 -17.21
C ASN G 110 13.45 -22.65 -18.39
N ILE G 111 13.91 -23.33 -19.43
CA ILE G 111 14.38 -22.69 -20.65
C ILE G 111 13.87 -23.52 -21.82
N GLN G 112 13.29 -22.85 -22.82
CA GLN G 112 12.77 -23.55 -23.98
C GLN G 112 13.90 -24.21 -24.76
N SER G 113 13.57 -25.32 -25.42
CA SER G 113 14.54 -26.12 -26.15
C SER G 113 15.28 -25.31 -27.21
N VAL G 114 14.57 -24.89 -28.26
CA VAL G 114 15.20 -24.19 -29.37
C VAL G 114 15.53 -22.73 -29.05
N LEU G 115 15.09 -22.23 -27.90
CA LEU G 115 15.42 -20.85 -27.53
C LEU G 115 16.90 -20.71 -27.20
N LEU G 116 17.45 -21.69 -26.47
CA LEU G 116 18.87 -21.62 -26.13
C LEU G 116 19.72 -22.00 -27.35
N PRO G 117 20.87 -21.35 -27.53
CA PRO G 117 21.69 -21.62 -28.71
C PRO G 117 22.46 -22.93 -28.56
N LYS G 118 23.24 -23.26 -29.59
CA LYS G 118 24.03 -24.48 -29.60
C LYS G 118 25.29 -24.34 -28.74
N THR H 29 -7.24 -9.28 19.77
CA THR H 29 -6.20 -9.70 20.70
C THR H 29 -5.82 -11.15 20.46
N ARG H 30 -6.83 -12.01 20.33
CA ARG H 30 -6.64 -13.45 20.13
C ARG H 30 -6.79 -13.76 18.65
N LYS H 31 -5.70 -14.18 18.02
CA LYS H 31 -5.70 -14.59 16.61
C LYS H 31 -5.25 -16.05 16.55
N GLU H 32 -6.15 -16.93 16.15
CA GLU H 32 -5.88 -18.36 16.22
C GLU H 32 -5.27 -18.87 14.92
N SER H 33 -4.32 -19.78 15.04
CA SER H 33 -3.62 -20.37 13.91
C SER H 33 -3.33 -21.82 14.21
N TYR H 34 -3.16 -22.62 13.14
CA TYR H 34 -2.85 -24.02 13.32
C TYR H 34 -1.46 -24.21 13.89
N ALA H 35 -0.44 -23.61 13.26
CA ALA H 35 0.85 -23.42 13.89
C ALA H 35 1.46 -24.72 14.41
N ILE H 36 1.55 -24.84 15.73
CA ILE H 36 2.25 -25.91 16.43
C ILE H 36 1.79 -27.29 15.97
N TYR H 37 0.62 -27.36 15.34
CA TYR H 37 0.19 -28.62 14.74
C TYR H 37 1.05 -28.94 13.51
N VAL H 38 1.16 -27.98 12.60
CA VAL H 38 2.10 -28.12 11.48
C VAL H 38 3.52 -28.33 12.00
N TYR H 39 3.86 -27.70 13.12
CA TYR H 39 5.18 -27.92 13.72
C TYR H 39 5.36 -29.37 14.14
N LYS H 40 4.35 -29.95 14.77
CA LYS H 40 4.43 -31.35 15.20
C LYS H 40 4.51 -32.28 13.99
N VAL H 41 3.78 -31.97 12.93
CA VAL H 41 3.89 -32.77 11.71
C VAL H 41 5.31 -32.70 11.15
N LEU H 42 5.89 -31.49 11.12
CA LEU H 42 7.27 -31.34 10.69
C LEU H 42 8.22 -32.18 11.55
N LYS H 43 7.99 -32.21 12.86
CA LYS H 43 8.89 -32.96 13.74
C LYS H 43 8.68 -34.47 13.65
N GLN H 44 7.50 -34.93 13.21
CA GLN H 44 7.32 -36.36 13.01
C GLN H 44 7.64 -36.80 11.58
N VAL H 45 7.90 -35.87 10.68
CA VAL H 45 8.32 -36.23 9.32
C VAL H 45 9.83 -36.03 9.19
N HIS H 46 10.29 -34.79 9.33
CA HIS H 46 11.71 -34.43 9.25
C HIS H 46 12.12 -33.79 10.56
N PRO H 47 12.63 -34.56 11.52
CA PRO H 47 12.90 -33.99 12.85
C PRO H 47 13.88 -32.83 12.83
N ASP H 48 15.00 -32.97 12.11
CA ASP H 48 16.02 -31.92 12.11
C ASP H 48 15.60 -30.70 11.30
N THR H 49 14.68 -30.86 10.35
CA THR H 49 14.29 -29.75 9.49
C THR H 49 13.46 -28.74 10.27
N GLY H 50 13.77 -27.45 10.09
CA GLY H 50 13.01 -26.39 10.71
C GLY H 50 12.09 -25.69 9.71
N ILE H 51 11.30 -24.76 10.24
CA ILE H 51 10.33 -24.01 9.46
C ILE H 51 10.40 -22.55 9.84
N SER H 52 10.30 -21.66 8.86
CA SER H 52 10.36 -20.23 9.11
C SER H 52 8.98 -19.70 9.45
N SER H 53 8.90 -18.39 9.73
CA SER H 53 7.61 -17.78 10.02
C SER H 53 6.77 -17.63 8.77
N LYS H 54 7.38 -17.19 7.67
CA LYS H 54 6.64 -17.07 6.41
C LYS H 54 6.11 -18.42 5.96
N ALA H 55 6.90 -19.48 6.15
CA ALA H 55 6.45 -20.82 5.77
C ALA H 55 5.30 -21.29 6.65
N MET H 56 5.38 -20.98 7.95
CA MET H 56 4.29 -21.36 8.85
C MET H 56 3.01 -20.63 8.50
N SER H 57 3.12 -19.35 8.12
CA SER H 57 1.93 -18.60 7.75
C SER H 57 1.36 -19.07 6.42
N ILE H 58 2.23 -19.38 5.45
CA ILE H 58 1.75 -19.77 4.13
C ILE H 58 1.12 -21.15 4.18
N MET H 59 1.65 -22.05 5.01
CA MET H 59 1.03 -23.37 5.12
C MET H 59 -0.19 -23.31 6.03
N ASN H 60 -0.22 -22.37 6.98
CA ASN H 60 -1.45 -22.10 7.71
C ASN H 60 -2.58 -21.71 6.76
N SER H 61 -2.33 -20.72 5.90
CA SER H 61 -3.31 -20.35 4.90
C SER H 61 -3.61 -21.50 3.96
N PHE H 62 -2.62 -22.37 3.72
CA PHE H 62 -2.87 -23.59 2.95
C PHE H 62 -3.97 -24.43 3.59
N VAL H 63 -3.74 -24.92 4.81
CA VAL H 63 -4.72 -25.81 5.43
C VAL H 63 -6.05 -25.11 5.62
N ASN H 64 -6.05 -23.79 5.86
CA ASN H 64 -7.32 -23.07 5.94
C ASN H 64 -8.05 -23.12 4.61
N ASP H 65 -7.34 -22.90 3.50
CA ASP H 65 -7.99 -22.89 2.20
C ASP H 65 -8.49 -24.27 1.82
N VAL H 66 -7.66 -25.30 2.01
CA VAL H 66 -8.07 -26.66 1.68
C VAL H 66 -9.28 -27.07 2.52
N PHE H 67 -9.24 -26.77 3.82
CA PHE H 67 -10.40 -27.03 4.66
C PHE H 67 -11.64 -26.32 4.14
N GLU H 68 -11.48 -25.07 3.69
CA GLU H 68 -12.63 -24.34 3.16
C GLU H 68 -13.17 -25.01 1.91
N ARG H 69 -12.28 -25.57 1.07
CA ARG H 69 -12.74 -26.30 -0.11
C ARG H 69 -13.54 -27.54 0.30
N ILE H 70 -12.96 -28.37 1.17
CA ILE H 70 -13.59 -29.65 1.49
C ILE H 70 -14.92 -29.42 2.19
N ALA H 71 -14.92 -28.65 3.27
CA ALA H 71 -16.15 -28.43 4.02
C ALA H 71 -17.15 -27.63 3.20
N GLY H 72 -16.69 -26.58 2.52
CA GLY H 72 -17.61 -25.77 1.73
C GLY H 72 -18.28 -26.55 0.62
N GLU H 73 -17.56 -27.51 0.02
CA GLU H 73 -18.15 -28.33 -1.02
C GLU H 73 -19.02 -29.44 -0.45
N ALA H 74 -18.64 -29.97 0.72
CA ALA H 74 -19.48 -30.98 1.37
C ALA H 74 -20.80 -30.41 1.83
N SER H 75 -20.83 -29.11 2.16
CA SER H 75 -22.08 -28.45 2.51
C SER H 75 -23.10 -28.58 1.38
N ARG H 76 -22.79 -27.99 0.23
CA ARG H 76 -23.68 -28.07 -0.92
C ARG H 76 -23.89 -29.51 -1.37
N LEU H 77 -22.89 -30.37 -1.17
CA LEU H 77 -23.06 -31.78 -1.52
C LEU H 77 -24.15 -32.43 -0.69
N ALA H 78 -24.20 -32.12 0.61
CA ALA H 78 -25.28 -32.59 1.45
C ALA H 78 -26.57 -31.83 1.22
N HIS H 79 -26.50 -30.64 0.62
CA HIS H 79 -27.70 -29.89 0.31
C HIS H 79 -28.41 -30.41 -0.93
N TYR H 80 -27.67 -30.95 -1.90
CA TYR H 80 -28.30 -31.49 -3.10
C TYR H 80 -29.12 -32.73 -2.79
N ASN H 81 -28.74 -33.49 -1.77
CA ASN H 81 -29.46 -34.70 -1.38
C ASN H 81 -30.61 -34.42 -0.42
N LYS H 82 -30.86 -33.15 -0.09
CA LYS H 82 -31.88 -32.76 0.88
C LYS H 82 -31.62 -33.40 2.24
N ARG H 83 -30.35 -33.59 2.57
CA ARG H 83 -29.92 -34.16 3.83
C ARG H 83 -29.48 -33.02 4.75
N SER H 84 -30.14 -32.91 5.90
CA SER H 84 -29.90 -31.76 6.77
C SER H 84 -28.56 -31.85 7.50
N THR H 85 -28.01 -33.04 7.69
CA THR H 85 -26.79 -33.22 8.46
C THR H 85 -25.62 -33.54 7.55
N ILE H 86 -24.44 -33.08 7.96
CA ILE H 86 -23.18 -33.41 7.30
C ILE H 86 -22.51 -34.52 8.10
N THR H 87 -22.04 -35.55 7.41
CA THR H 87 -21.53 -36.75 8.06
C THR H 87 -20.20 -37.16 7.44
N SER H 88 -19.68 -38.30 7.90
CA SER H 88 -18.40 -38.79 7.41
C SER H 88 -18.45 -39.16 5.93
N ARG H 89 -19.60 -39.65 5.46
CA ARG H 89 -19.73 -39.97 4.04
C ARG H 89 -19.74 -38.70 3.19
N GLU H 90 -20.32 -37.62 3.71
CA GLU H 90 -20.33 -36.35 2.98
C GLU H 90 -18.91 -35.84 2.77
N ILE H 91 -18.10 -35.86 3.83
CA ILE H 91 -16.70 -35.47 3.70
C ILE H 91 -15.95 -36.48 2.84
N GLN H 92 -16.33 -37.74 2.90
CA GLN H 92 -15.74 -38.77 2.04
C GLN H 92 -15.87 -38.39 0.57
N THR H 93 -17.11 -38.30 0.09
CA THR H 93 -17.32 -37.90 -1.30
C THR H 93 -16.79 -36.51 -1.57
N ALA H 94 -16.68 -35.68 -0.54
CA ALA H 94 -16.17 -34.32 -0.73
C ALA H 94 -14.69 -34.34 -1.08
N VAL H 95 -13.89 -35.08 -0.33
CA VAL H 95 -12.46 -35.14 -0.61
C VAL H 95 -12.18 -36.00 -1.84
N ARG H 96 -13.00 -37.03 -2.06
CA ARG H 96 -12.82 -37.85 -3.26
C ARG H 96 -13.13 -37.05 -4.52
N LEU H 97 -14.15 -36.20 -4.46
CA LEU H 97 -14.54 -35.38 -5.60
C LEU H 97 -13.70 -34.13 -5.75
N LEU H 98 -13.05 -33.67 -4.67
CA LEU H 98 -12.34 -32.40 -4.70
C LEU H 98 -11.02 -32.51 -5.45
N LEU H 99 -10.05 -33.21 -4.86
CA LEU H 99 -8.70 -33.25 -5.39
C LEU H 99 -8.54 -34.43 -6.33
N PRO H 100 -8.27 -34.21 -7.61
CA PRO H 100 -8.14 -35.32 -8.55
C PRO H 100 -6.82 -36.06 -8.37
N GLY H 101 -6.77 -37.26 -8.95
CA GLY H 101 -5.54 -38.03 -9.03
C GLY H 101 -5.47 -39.11 -7.98
N GLU H 102 -4.34 -39.83 -8.02
CA GLU H 102 -4.08 -40.89 -7.05
C GLU H 102 -3.97 -40.35 -5.63
N LEU H 103 -3.71 -39.04 -5.49
CA LEU H 103 -3.57 -38.43 -4.17
C LEU H 103 -4.80 -38.64 -3.29
N ALA H 104 -5.98 -38.86 -3.89
CA ALA H 104 -7.18 -39.04 -3.09
C ALA H 104 -7.21 -40.40 -2.41
N LYS H 105 -6.60 -41.43 -3.02
CA LYS H 105 -6.67 -42.78 -2.46
C LYS H 105 -6.06 -42.83 -1.07
N HIS H 106 -4.88 -42.22 -0.89
CA HIS H 106 -4.24 -42.24 0.40
C HIS H 106 -5.02 -41.44 1.43
N ALA H 107 -5.66 -40.35 0.99
CA ALA H 107 -6.50 -39.58 1.91
C ALA H 107 -7.70 -40.39 2.37
N VAL H 108 -8.27 -41.20 1.46
CA VAL H 108 -9.37 -42.07 1.84
C VAL H 108 -8.90 -43.13 2.82
N SER H 109 -7.75 -43.74 2.55
CA SER H 109 -7.23 -44.80 3.42
C SER H 109 -6.94 -44.26 4.82
N GLU H 110 -6.20 -43.16 4.91
CA GLU H 110 -5.87 -42.58 6.21
C GLU H 110 -7.13 -42.09 6.91
N GLY H 111 -8.08 -41.53 6.17
CA GLY H 111 -9.30 -41.05 6.76
C GLY H 111 -10.14 -42.15 7.37
N THR H 112 -10.47 -43.17 6.58
CA THR H 112 -11.24 -44.29 7.11
C THR H 112 -10.49 -45.00 8.23
N LYS H 113 -9.16 -45.09 8.13
CA LYS H 113 -8.38 -45.66 9.21
C LYS H 113 -8.55 -44.87 10.50
N ALA H 114 -8.52 -43.53 10.40
CA ALA H 114 -8.69 -42.71 11.60
C ALA H 114 -10.12 -42.80 12.14
N VAL H 115 -11.11 -42.95 11.27
CA VAL H 115 -12.48 -43.07 11.74
C VAL H 115 -12.69 -44.40 12.47
N THR H 116 -12.21 -45.49 11.88
CA THR H 116 -12.34 -46.79 12.52
C THR H 116 -11.57 -46.84 13.84
N LYS H 117 -10.36 -46.28 13.84
CA LYS H 117 -9.58 -46.22 15.09
C LYS H 117 -10.28 -45.35 16.14
N TYR H 118 -10.99 -44.31 15.70
CA TYR H 118 -11.71 -43.46 16.63
C TYR H 118 -12.90 -44.18 17.24
N THR H 119 -13.69 -44.86 16.40
CA THR H 119 -14.87 -45.55 16.91
C THR H 119 -14.51 -46.77 17.74
N SER H 120 -13.39 -47.42 17.43
CA SER H 120 -12.97 -48.60 18.19
C SER H 120 -12.44 -48.26 19.56
N ALA H 121 -12.26 -46.98 19.87
CA ALA H 121 -11.75 -46.58 21.19
C ALA H 121 -12.80 -46.80 22.27
N LEU K 5 11.22 18.04 47.05
CA LEU K 5 12.61 18.05 47.48
C LEU K 5 13.28 16.70 47.22
N LEU K 6 13.30 16.30 45.95
CA LEU K 6 13.89 15.03 45.55
C LEU K 6 15.36 15.12 45.23
N ASP K 7 15.97 16.31 45.36
CA ASP K 7 17.38 16.45 45.05
C ASP K 7 18.27 15.76 46.08
N GLN K 8 17.77 15.60 47.31
CA GLN K 8 18.51 14.83 48.30
C GLN K 8 18.46 13.34 47.98
N THR K 9 17.29 12.84 47.58
CA THR K 9 17.19 11.47 47.10
C THR K 9 18.09 11.25 45.90
N LYS K 10 18.21 12.27 45.03
CA LYS K 10 19.13 12.18 43.91
C LYS K 10 20.58 12.23 44.38
N ASP K 11 20.85 12.89 45.50
CA ASP K 11 22.18 12.83 46.10
C ASP K 11 22.49 11.44 46.61
N THR K 12 21.48 10.73 47.12
CA THR K 12 21.69 9.33 47.47
C THR K 12 21.90 8.48 46.23
N ARG K 13 21.13 8.75 45.17
CA ARG K 13 21.27 8.00 43.93
C ARG K 13 22.67 8.17 43.34
N ILE K 14 23.21 9.38 43.39
CA ILE K 14 24.57 9.60 42.90
C ILE K 14 25.60 9.12 43.93
N THR K 15 25.20 8.95 45.18
CA THR K 15 26.09 8.30 46.15
C THR K 15 26.25 6.82 45.83
N HIS K 16 25.17 6.15 45.44
CA HIS K 16 25.26 4.74 45.09
C HIS K 16 25.88 4.54 43.71
N LEU K 17 25.42 5.30 42.72
CA LEU K 17 25.83 5.11 41.33
C LEU K 17 27.02 5.97 40.93
N LEU K 18 27.61 6.71 41.87
CA LEU K 18 28.71 7.61 41.53
C LEU K 18 29.95 6.85 41.10
N ARG K 19 30.16 5.64 41.64
CA ARG K 19 31.39 4.90 41.40
C ARG K 19 31.37 4.10 40.10
N GLN K 20 30.29 4.19 39.32
CA GLN K 20 30.27 3.50 38.03
C GLN K 20 31.32 4.09 37.08
N THR K 21 31.29 5.41 36.91
CA THR K 21 32.16 6.07 35.94
C THR K 21 33.64 5.86 36.30
N ASN K 22 34.02 6.23 37.53
CA ASN K 22 35.43 6.14 37.91
C ASN K 22 35.86 4.71 38.15
N ALA K 23 34.99 3.90 38.77
CA ALA K 23 35.37 2.54 39.12
C ALA K 23 35.51 1.66 37.88
N PHE K 24 34.54 1.74 36.96
CA PHE K 24 34.58 0.92 35.76
C PHE K 24 35.42 1.53 34.65
N LEU K 25 35.92 2.76 34.82
CA LEU K 25 36.78 3.42 33.85
C LEU K 25 36.18 3.45 32.45
N ASP K 78 25.14 20.82 50.39
CA ASP K 78 25.84 21.24 49.17
C ASP K 78 25.82 20.12 48.14
N TYR K 79 25.03 20.31 47.09
CA TYR K 79 24.95 19.33 46.03
C TYR K 79 26.14 19.39 45.07
N TYR K 80 26.88 20.50 45.06
CA TYR K 80 28.12 20.55 44.29
C TYR K 80 29.18 19.64 44.87
N ASN K 81 29.05 19.27 46.14
CA ASN K 81 30.09 18.49 46.82
C ASN K 81 30.38 17.19 46.08
N VAL K 82 29.32 16.52 45.60
CA VAL K 82 29.53 15.27 44.88
C VAL K 82 30.33 15.52 43.60
N ALA K 83 30.16 16.69 42.98
CA ALA K 83 31.02 17.11 41.88
C ALA K 83 32.22 17.93 42.34
N HIS K 84 32.24 18.37 43.60
CA HIS K 84 33.38 19.09 44.16
C HIS K 84 34.29 18.18 44.97
N ARG K 85 34.00 16.87 45.01
CA ARG K 85 34.68 15.97 45.95
C ARG K 85 36.19 15.94 45.73
N ILE K 86 36.66 16.19 44.52
CA ILE K 86 38.10 16.31 44.24
C ILE K 86 38.43 17.79 44.09
N LYS K 87 39.54 18.21 44.69
CA LYS K 87 39.93 19.62 44.73
C LYS K 87 41.05 19.85 43.73
N GLU K 88 40.74 20.43 42.58
CA GLU K 88 41.74 21.05 41.73
C GLU K 88 41.06 22.06 40.83
N ASP K 89 41.77 23.16 40.56
CA ASP K 89 41.34 24.20 39.63
C ASP K 89 42.55 24.64 38.82
N ILE K 90 42.46 24.56 37.49
CA ILE K 90 43.52 25.04 36.61
C ILE K 90 42.88 25.92 35.56
N LYS K 91 43.20 27.22 35.60
CA LYS K 91 42.73 28.16 34.60
C LYS K 91 43.57 28.15 33.32
N LYS K 92 44.84 27.73 33.42
CA LYS K 92 45.77 27.89 32.31
C LYS K 92 45.33 27.08 31.10
N GLN K 93 45.47 27.67 29.92
CA GLN K 93 45.17 27.02 28.66
C GLN K 93 46.32 26.12 28.23
N PRO K 94 46.08 25.20 27.30
CA PRO K 94 47.19 24.37 26.79
C PRO K 94 48.21 25.20 26.05
N SER K 95 49.48 24.82 26.23
CA SER K 95 50.58 25.59 25.64
C SER K 95 50.77 25.28 24.16
N ILE K 96 50.49 24.04 23.75
CA ILE K 96 50.73 23.61 22.37
C ILE K 96 49.63 24.13 21.46
N LEU K 97 48.62 24.78 22.05
CA LEU K 97 47.55 25.39 21.25
C LEU K 97 48.13 26.53 20.41
N VAL K 98 47.89 26.47 19.10
CA VAL K 98 48.47 27.43 18.15
C VAL K 98 47.35 27.99 17.29
N GLY K 99 47.54 29.23 16.82
CA GLY K 99 46.59 29.88 15.95
C GLY K 99 45.79 31.00 16.60
N GLY K 100 46.05 31.32 17.85
CA GLY K 100 45.37 32.41 18.51
C GLY K 100 45.26 32.14 20.00
N THR K 101 44.47 32.97 20.66
CA THR K 101 44.24 32.87 22.10
C THR K 101 42.77 32.59 22.37
N LEU K 102 42.51 32.02 23.54
CA LEU K 102 41.14 31.71 23.93
C LEU K 102 40.48 32.93 24.56
N LYS K 103 39.19 33.10 24.28
CA LYS K 103 38.43 34.17 24.90
C LYS K 103 38.26 33.89 26.39
N ASP K 104 37.95 34.95 27.14
CA ASP K 104 37.76 34.83 28.58
C ASP K 104 36.66 33.81 28.89
N TYR K 105 35.52 33.92 28.22
CA TYR K 105 34.45 32.94 28.42
C TYR K 105 34.85 31.56 27.92
N GLN K 106 35.71 31.50 26.90
CA GLN K 106 36.23 30.21 26.45
C GLN K 106 37.12 29.58 27.51
N ILE K 107 37.92 30.39 28.20
CA ILE K 107 38.77 29.87 29.26
C ILE K 107 37.94 29.45 30.45
N LYS K 108 36.89 30.21 30.76
CA LYS K 108 36.04 29.87 31.90
C LYS K 108 35.27 28.57 31.64
N GLY K 109 34.60 28.48 30.48
CA GLY K 109 33.87 27.28 30.15
C GLY K 109 34.79 26.08 29.97
N LEU K 110 35.96 26.29 29.38
CA LEU K 110 36.93 25.21 29.25
C LEU K 110 37.36 24.72 30.63
N GLN K 111 37.66 25.64 31.55
CA GLN K 111 37.99 25.26 32.91
C GLN K 111 36.81 24.58 33.60
N TRP K 112 35.58 24.85 33.15
CA TRP K 112 34.41 24.21 33.74
C TRP K 112 34.28 22.76 33.27
N MET K 113 34.43 22.52 31.96
CA MET K 113 34.33 21.16 31.45
C MET K 113 35.52 20.31 31.90
N VAL K 114 36.73 20.88 31.87
CA VAL K 114 37.88 20.19 32.44
C VAL K 114 37.68 19.96 33.93
N SER K 115 37.02 20.91 34.61
CA SER K 115 36.66 20.70 36.01
C SER K 115 35.71 19.52 36.16
N LEU K 116 34.88 19.27 35.14
CA LEU K 116 34.06 18.06 35.16
C LEU K 116 34.91 16.81 34.93
N PHE K 117 35.93 16.92 34.07
CA PHE K 117 36.84 15.79 33.89
C PHE K 117 37.62 15.50 35.15
N ASN K 118 37.80 16.50 36.02
CA ASN K 118 38.46 16.25 37.30
C ASN K 118 37.68 15.24 38.12
N ASN K 119 36.35 15.39 38.15
CA ASN K 119 35.46 14.37 38.67
C ASN K 119 35.07 13.34 37.62
N HIS K 120 35.52 13.54 36.37
CA HIS K 120 35.44 12.60 35.26
C HIS K 120 34.03 12.42 34.73
N LEU K 121 33.02 13.04 35.31
CA LEU K 121 31.67 12.78 34.87
C LEU K 121 31.42 13.44 33.51
N ASN K 122 30.24 13.17 32.96
CA ASN K 122 29.84 13.73 31.68
C ASN K 122 29.43 15.19 31.85
N GLY K 123 29.40 15.91 30.73
CA GLY K 123 29.07 17.33 30.77
C GLY K 123 28.32 17.76 29.53
N ILE K 124 27.78 18.97 29.60
CA ILE K 124 26.94 19.51 28.55
C ILE K 124 27.35 20.96 28.31
N LEU K 125 27.47 21.35 27.04
CA LEU K 125 27.62 22.74 26.66
C LEU K 125 26.37 23.13 25.88
N ALA K 126 25.50 23.90 26.52
CA ALA K 126 24.20 24.28 25.97
C ALA K 126 24.19 25.67 25.38
N ASP K 127 25.33 26.35 25.31
CA ASP K 127 25.34 27.79 25.11
C ASP K 127 24.89 28.15 23.69
N GLU K 128 24.84 29.46 23.44
CA GLU K 128 24.23 30.02 22.25
C GLU K 128 25.14 29.83 21.03
N MET K 129 24.50 29.83 19.85
CA MET K 129 25.24 29.75 18.60
C MET K 129 26.13 30.96 18.43
N GLY K 130 27.34 30.73 17.91
CA GLY K 130 28.30 31.79 17.68
C GLY K 130 29.35 31.96 18.76
N LEU K 131 29.31 31.14 19.81
CA LEU K 131 30.27 31.24 20.91
C LEU K 131 31.46 30.32 20.75
N GLY K 132 31.58 29.62 19.62
CA GLY K 132 32.77 28.83 19.36
C GLY K 132 32.88 27.54 20.14
N LYS K 133 31.83 26.71 20.09
CA LYS K 133 31.93 25.35 20.63
C LYS K 133 33.10 24.59 20.03
N THR K 134 33.45 24.89 18.77
CA THR K 134 34.55 24.23 18.08
C THR K 134 35.86 24.38 18.84
N ILE K 135 36.36 25.60 18.93
CA ILE K 135 37.68 25.83 19.52
C ILE K 135 37.68 25.47 21.01
N GLN K 136 36.53 25.56 21.67
CA GLN K 136 36.44 25.09 23.06
C GLN K 136 36.61 23.58 23.13
N THR K 137 35.97 22.85 22.21
CA THR K 137 36.05 21.40 22.23
C THR K 137 37.44 20.91 21.86
N ILE K 138 37.97 21.38 20.73
CA ILE K 138 39.31 20.94 20.32
C ILE K 138 40.36 21.45 21.29
N SER K 139 40.10 22.57 21.97
CA SER K 139 41.00 23.01 23.02
C SER K 139 40.93 22.08 24.22
N LEU K 140 39.75 21.52 24.50
CA LEU K 140 39.65 20.48 25.51
C LEU K 140 40.37 19.21 25.08
N LEU K 141 40.43 18.96 23.77
CA LEU K 141 41.09 17.75 23.29
C LEU K 141 42.60 17.89 23.31
N THR K 142 43.13 19.07 22.99
CA THR K 142 44.56 19.29 23.04
C THR K 142 45.05 19.53 24.47
N TYR K 143 44.22 20.16 25.31
CA TYR K 143 44.59 20.34 26.71
C TYR K 143 44.50 19.03 27.46
N LEU K 144 43.39 18.30 27.28
CA LEU K 144 43.26 16.97 27.85
C LEU K 144 44.29 16.02 27.26
N TYR K 145 44.71 16.25 26.02
CA TYR K 145 45.77 15.49 25.38
C TYR K 145 47.15 15.85 25.90
N GLU K 146 47.31 17.06 26.46
CA GLU K 146 48.63 17.56 26.84
C GLU K 146 48.89 17.40 28.33
N MET K 147 48.11 18.11 29.16
CA MET K 147 48.36 18.11 30.60
C MET K 147 47.98 16.76 31.24
N LYS K 148 46.75 16.30 30.97
CA LYS K 148 46.25 15.12 31.67
C LYS K 148 46.90 13.83 31.20
N ASN K 149 47.46 13.81 29.99
CA ASN K 149 48.21 12.67 29.45
C ASN K 149 47.35 11.41 29.31
N ILE K 150 46.04 11.53 29.23
CA ILE K 150 45.24 10.38 28.83
C ILE K 150 45.24 10.25 27.30
N ARG K 151 45.34 11.38 26.60
CA ARG K 151 45.75 11.53 25.20
C ARG K 151 44.85 10.82 24.19
N GLY K 152 43.89 10.03 24.64
CA GLY K 152 42.93 9.46 23.72
C GLY K 152 42.43 8.07 24.07
N PRO K 153 41.76 7.40 23.11
CA PRO K 153 41.32 7.95 21.82
C PRO K 153 40.10 8.87 21.93
N TYR K 154 39.83 9.66 20.89
CA TYR K 154 38.73 10.61 20.89
C TYR K 154 37.84 10.38 19.68
N LEU K 155 36.53 10.42 19.89
CA LEU K 155 35.54 10.29 18.83
C LEU K 155 34.72 11.57 18.75
N VAL K 156 34.67 12.16 17.56
CA VAL K 156 33.86 13.35 17.31
C VAL K 156 32.86 13.03 16.21
N ILE K 157 31.65 13.54 16.36
CA ILE K 157 30.55 13.30 15.43
C ILE K 157 29.90 14.65 15.10
N VAL K 158 29.98 15.04 13.84
CA VAL K 158 29.42 16.33 13.40
C VAL K 158 28.65 16.11 12.11
N PRO K 159 27.72 17.00 11.78
CA PRO K 159 27.07 16.94 10.48
C PRO K 159 28.06 17.15 9.35
N LEU K 160 27.72 16.62 8.18
CA LEU K 160 28.63 16.70 7.05
C LEU K 160 28.81 18.13 6.56
N SER K 161 27.77 18.96 6.68
CA SER K 161 27.88 20.35 6.25
C SER K 161 28.94 21.10 7.06
N THR K 162 29.10 20.75 8.33
CA THR K 162 30.10 21.38 9.19
C THR K 162 31.40 20.58 9.25
N LEU K 163 31.47 19.43 8.59
CA LEU K 163 32.69 18.62 8.65
C LEU K 163 33.87 19.35 8.04
N SER K 164 33.63 20.22 7.06
CA SER K 164 34.71 21.02 6.52
C SER K 164 35.20 22.05 7.53
N ASN K 165 34.28 22.61 8.32
CA ASN K 165 34.66 23.58 9.34
C ASN K 165 35.46 22.91 10.45
N TRP K 166 34.94 21.81 10.99
CA TRP K 166 35.65 21.09 12.05
C TRP K 166 37.00 20.58 11.56
N SER K 167 37.03 20.00 10.35
CA SER K 167 38.28 19.50 9.81
C SER K 167 39.28 20.62 9.55
N SER K 168 38.80 21.79 9.16
CA SER K 168 39.70 22.92 8.93
C SER K 168 40.22 23.50 10.24
N GLU K 169 39.41 23.47 11.29
CA GLU K 169 39.84 24.01 12.58
C GLU K 169 40.76 23.06 13.32
N PHE K 170 40.57 21.74 13.14
CA PHE K 170 41.44 20.78 13.82
C PHE K 170 42.87 20.85 13.31
N ALA K 171 43.10 21.36 12.11
CA ALA K 171 44.46 21.50 11.59
C ALA K 171 45.19 22.65 12.25
N LYS K 172 44.68 23.87 12.07
CA LYS K 172 45.32 25.06 12.64
C LYS K 172 45.50 24.93 14.14
N TRP K 173 44.39 24.81 14.88
CA TRP K 173 44.45 24.88 16.34
C TRP K 173 45.09 23.65 16.96
N ALA K 174 45.13 22.51 16.27
CA ALA K 174 45.73 21.29 16.81
C ALA K 174 46.49 20.55 15.71
N PRO K 175 47.65 21.08 15.30
CA PRO K 175 48.43 20.39 14.26
C PRO K 175 48.94 19.03 14.68
N THR K 176 49.24 18.85 15.97
CA THR K 176 49.85 17.60 16.42
C THR K 176 48.86 16.44 16.43
N LEU K 177 47.57 16.74 16.62
CA LEU K 177 46.57 15.69 16.71
C LEU K 177 46.26 15.13 15.32
N ARG K 178 46.46 13.83 15.16
CA ARG K 178 46.12 13.16 13.92
C ARG K 178 44.61 12.94 13.84
N THR K 179 44.07 13.12 12.64
CA THR K 179 42.63 12.98 12.44
C THR K 179 42.35 12.01 11.30
N ILE K 180 41.05 11.74 11.11
CA ILE K 180 40.57 10.85 10.06
C ILE K 180 39.20 11.37 9.62
N SER K 181 38.95 11.33 8.31
CA SER K 181 37.68 11.74 7.74
C SER K 181 37.06 10.59 6.97
N PHE K 182 35.75 10.68 6.74
CA PHE K 182 35.01 9.67 5.99
C PHE K 182 34.15 10.36 4.95
N LYS K 183 34.45 10.12 3.68
CA LYS K 183 33.69 10.68 2.56
C LYS K 183 34.17 9.99 1.29
N GLY K 184 33.59 10.39 0.16
CA GLY K 184 34.06 9.97 -1.15
C GLY K 184 33.95 8.49 -1.45
N SER K 185 32.79 7.90 -1.18
CA SER K 185 32.43 6.54 -1.56
C SER K 185 33.26 5.50 -0.79
N PRO K 186 32.84 4.24 -0.78
CA PRO K 186 33.66 3.20 -0.13
C PRO K 186 35.04 3.02 -0.74
N ASN K 187 35.28 3.53 -1.95
CA ASN K 187 36.60 3.42 -2.55
C ASN K 187 37.63 4.24 -1.78
N GLU K 188 37.35 5.54 -1.60
CA GLU K 188 38.23 6.39 -0.82
C GLU K 188 38.05 6.19 0.68
N ARG K 189 36.89 5.69 1.11
CA ARG K 189 36.66 5.44 2.52
C ARG K 189 37.35 4.16 3.00
N LYS K 190 37.59 3.22 2.09
CA LYS K 190 38.20 1.95 2.48
C LYS K 190 39.67 2.12 2.80
N ALA K 191 40.34 3.13 2.22
CA ALA K 191 41.74 3.37 2.54
C ALA K 191 41.91 3.77 4.00
N LYS K 192 41.21 4.83 4.41
CA LYS K 192 41.24 5.23 5.82
C LYS K 192 40.54 4.20 6.71
N GLN K 193 39.70 3.35 6.13
CA GLN K 193 39.18 2.21 6.88
C GLN K 193 40.30 1.24 7.24
N ALA K 194 41.14 0.90 6.27
CA ALA K 194 42.31 0.07 6.57
C ALA K 194 43.27 0.81 7.49
N LYS K 195 43.29 2.14 7.42
CA LYS K 195 44.14 2.91 8.33
C LYS K 195 43.65 2.83 9.77
N ILE K 196 42.33 2.86 9.96
CA ILE K 196 41.79 2.83 11.33
C ILE K 196 41.73 1.40 11.88
N ARG K 197 41.60 0.39 11.02
CA ARG K 197 41.53 -0.98 11.51
C ARG K 197 42.80 -1.38 12.26
N ALA K 198 43.93 -0.79 11.90
CA ALA K 198 45.18 -1.10 12.60
C ALA K 198 45.23 -0.49 14.00
N GLY K 199 44.26 0.33 14.37
CA GLY K 199 44.26 0.99 15.66
C GLY K 199 45.00 2.31 15.70
N GLU K 200 45.36 2.85 14.54
CA GLU K 200 46.09 4.12 14.44
C GLU K 200 45.07 5.23 14.23
N PHE K 201 44.91 6.07 15.25
CA PHE K 201 43.98 7.20 15.24
C PHE K 201 44.03 7.89 16.60
N ASP K 202 43.58 9.14 16.63
CA ASP K 202 43.40 9.89 17.87
C ASP K 202 42.01 10.50 17.92
N VAL K 203 41.76 11.47 17.04
CA VAL K 203 40.46 12.12 16.91
C VAL K 203 39.92 11.78 15.53
N VAL K 204 38.79 11.08 15.49
CA VAL K 204 38.23 10.57 14.24
C VAL K 204 36.93 11.30 13.94
N LEU K 205 36.91 12.03 12.83
CA LEU K 205 35.69 12.64 12.34
C LEU K 205 34.75 11.57 11.79
N THR K 206 33.47 11.91 11.74
CA THR K 206 32.42 11.07 11.18
C THR K 206 31.11 11.85 11.28
N THR K 207 30.11 11.41 10.53
CA THR K 207 28.80 12.02 10.56
C THR K 207 27.77 11.01 11.06
N PHE K 208 26.50 11.42 11.04
CA PHE K 208 25.44 10.61 11.61
C PHE K 208 25.22 9.33 10.80
N GLU K 209 25.19 9.45 9.47
CA GLU K 209 24.93 8.28 8.63
C GLU K 209 26.05 7.27 8.71
N TYR K 210 27.30 7.74 8.83
CA TYR K 210 28.42 6.82 8.97
C TYR K 210 28.48 6.16 10.33
N ILE K 211 27.58 6.50 11.26
CA ILE K 211 27.48 5.72 12.49
C ILE K 211 26.80 4.38 12.22
N ILE K 212 25.67 4.41 11.50
CA ILE K 212 25.00 3.15 11.16
C ILE K 212 25.69 2.45 10.00
N LYS K 213 26.31 3.19 9.09
CA LYS K 213 27.05 2.54 8.01
C LYS K 213 28.38 1.99 8.50
N GLU K 214 29.05 2.72 9.38
CA GLU K 214 30.31 2.32 9.99
C GLU K 214 30.11 1.53 11.29
N ARG K 215 28.87 1.10 11.56
CA ARG K 215 28.53 0.27 12.71
C ARG K 215 29.55 -0.84 12.93
N ALA K 216 30.04 -1.44 11.84
CA ALA K 216 31.11 -2.42 11.95
C ALA K 216 32.38 -1.79 12.49
N LEU K 217 32.79 -0.66 11.92
CA LEU K 217 33.97 0.06 12.39
C LEU K 217 33.89 0.33 13.89
N LEU K 218 32.90 1.12 14.31
CA LEU K 218 32.76 1.45 15.73
C LEU K 218 32.53 0.23 16.60
N SER K 219 32.01 -0.86 16.03
CA SER K 219 31.83 -2.07 16.84
C SER K 219 33.15 -2.78 17.10
N LYS K 220 34.05 -2.78 16.11
CA LYS K 220 35.32 -3.46 16.27
C LYS K 220 36.32 -2.69 17.12
N VAL K 221 36.01 -1.46 17.52
CA VAL K 221 36.94 -0.62 18.26
C VAL K 221 36.28 -0.15 19.55
N LYS K 222 37.07 -0.02 20.61
CA LYS K 222 36.63 0.50 21.89
C LYS K 222 37.20 1.89 22.07
N TRP K 223 36.33 2.87 22.29
CA TRP K 223 36.75 4.26 22.42
C TRP K 223 36.97 4.63 23.88
N VAL K 224 37.32 5.88 24.12
CA VAL K 224 37.57 6.38 25.46
C VAL K 224 36.68 7.59 25.73
N HIS K 225 36.91 8.67 24.99
CA HIS K 225 36.22 9.92 25.23
C HIS K 225 35.56 10.38 23.93
N MET K 226 34.24 10.40 23.90
CA MET K 226 33.50 10.83 22.71
C MET K 226 32.89 12.21 22.96
N ILE K 227 32.90 13.04 21.93
CA ILE K 227 32.23 14.35 21.95
C ILE K 227 31.48 14.50 20.64
N ILE K 228 30.16 14.58 20.70
CA ILE K 228 29.39 14.66 19.47
C ILE K 228 28.88 16.09 19.29
N ASP K 229 28.18 16.33 18.20
CA ASP K 229 27.64 17.65 17.89
C ASP K 229 26.24 17.46 17.32
N GLU K 230 25.50 18.58 17.19
CA GLU K 230 24.14 18.56 16.65
C GLU K 230 23.25 17.67 17.52
N GLY K 231 23.26 17.95 18.83
CA GLY K 231 22.52 17.15 19.78
C GLY K 231 21.02 17.23 19.63
N HIS K 232 20.50 18.25 18.95
CA HIS K 232 19.07 18.38 18.77
C HIS K 232 18.54 17.59 17.58
N ARG K 233 19.41 17.11 16.69
CA ARG K 233 19.00 16.06 15.78
C ARG K 233 19.09 14.69 16.44
N MET K 234 20.14 14.48 17.25
CA MET K 234 20.34 13.23 17.97
C MET K 234 19.29 13.01 19.07
N LYS K 235 18.62 14.08 19.51
CA LYS K 235 17.78 14.01 20.70
C LYS K 235 16.74 12.89 20.62
N ASN K 236 16.28 12.54 19.42
CA ASN K 236 15.14 11.64 19.27
C ASN K 236 15.38 10.33 19.99
N ALA K 237 14.43 9.95 20.85
CA ALA K 237 14.59 8.74 21.66
C ALA K 237 14.45 7.48 20.83
N GLN K 238 13.34 7.34 20.10
CA GLN K 238 13.13 6.15 19.29
C GLN K 238 13.99 6.12 18.04
N SER K 239 14.78 7.17 17.78
CA SER K 239 15.68 7.21 16.63
C SER K 239 16.53 5.95 16.56
N LYS K 240 16.61 5.39 15.34
CA LYS K 240 17.43 4.20 15.13
C LYS K 240 18.88 4.45 15.53
N LEU K 241 19.39 5.65 15.24
CA LEU K 241 20.78 5.96 15.57
C LEU K 241 21.01 5.94 17.08
N SER K 242 20.02 6.43 17.84
CA SER K 242 20.15 6.41 19.30
C SER K 242 20.16 4.98 19.82
N LEU K 243 19.29 4.11 19.29
CA LEU K 243 19.30 2.71 19.71
C LEU K 243 20.63 2.04 19.35
N THR K 244 21.18 2.37 18.17
CA THR K 244 22.47 1.81 17.80
C THR K 244 23.59 2.33 18.69
N LEU K 245 23.45 3.54 19.21
CA LEU K 245 24.42 4.01 20.20
C LEU K 245 24.15 3.46 21.59
N ASN K 246 22.97 2.89 21.83
CA ASN K 246 22.76 2.11 23.06
C ASN K 246 23.34 0.71 22.93
N THR K 247 23.31 0.13 21.74
CA THR K 247 23.93 -1.15 21.46
C THR K 247 25.41 -0.99 21.09
N HIS K 248 25.90 0.25 21.08
CA HIS K 248 27.26 0.62 20.71
C HIS K 248 28.32 0.08 21.65
N TYR K 249 27.92 -0.59 22.74
CA TYR K 249 28.75 -0.67 23.95
C TYR K 249 28.97 0.79 24.35
N HIS K 250 30.16 1.19 24.81
CA HIS K 250 30.37 2.59 25.12
C HIS K 250 31.85 2.93 25.02
N ALA K 251 32.13 4.21 25.17
CA ALA K 251 33.43 4.74 25.56
C ALA K 251 33.38 5.00 27.05
N ASP K 252 34.40 5.68 27.57
CA ASP K 252 34.36 6.05 28.99
C ASP K 252 33.36 7.15 29.24
N TYR K 253 33.58 8.32 28.64
CA TYR K 253 32.79 9.51 28.92
C TYR K 253 32.30 10.14 27.63
N ARG K 254 31.15 10.79 27.70
CA ARG K 254 30.47 11.34 26.54
C ARG K 254 30.12 12.80 26.78
N LEU K 255 30.07 13.57 25.69
CA LEU K 255 29.69 14.98 25.73
C LEU K 255 28.65 15.24 24.64
N ILE K 256 27.47 15.66 25.04
CA ILE K 256 26.43 16.10 24.12
C ILE K 256 26.66 17.58 23.82
N LEU K 257 26.44 17.97 22.56
CA LEU K 257 26.58 19.35 22.16
C LEU K 257 25.41 19.74 21.28
N THR K 258 24.74 20.84 21.63
CA THR K 258 23.62 21.35 20.85
C THR K 258 23.63 22.86 20.93
N GLY K 259 23.29 23.50 19.80
CA GLY K 259 23.23 24.95 19.78
C GLY K 259 22.03 25.49 20.53
N THR K 260 20.94 24.74 20.57
CA THR K 260 19.74 25.16 21.26
C THR K 260 19.31 24.08 22.26
N PRO K 261 18.80 24.48 23.42
CA PRO K 261 18.33 23.49 24.40
C PRO K 261 17.03 22.82 23.96
N LEU K 262 16.40 22.09 24.87
CA LEU K 262 15.14 21.41 24.56
C LEU K 262 14.12 22.41 24.03
N GLN K 263 13.36 21.97 23.04
CA GLN K 263 12.39 22.80 22.33
C GLN K 263 11.09 22.02 22.19
N ASN K 264 10.05 22.71 21.73
CA ASN K 264 8.77 22.06 21.45
C ASN K 264 8.18 21.39 22.68
N ASN K 265 8.13 20.07 22.67
CA ASN K 265 7.35 19.28 23.61
C ASN K 265 7.99 19.38 25.00
N LEU K 266 7.53 18.54 25.93
CA LEU K 266 7.69 18.70 27.36
C LEU K 266 9.19 18.72 27.73
N PRO K 267 9.57 18.95 29.02
CA PRO K 267 10.99 19.20 29.33
C PRO K 267 11.91 18.06 28.95
N GLU K 268 13.20 18.23 29.25
CA GLU K 268 14.30 17.62 28.52
C GLU K 268 14.06 16.16 28.13
N LEU K 269 13.98 15.28 29.13
CA LEU K 269 13.64 13.88 28.89
C LEU K 269 14.61 13.28 27.87
N TRP K 270 14.08 13.00 26.69
CA TRP K 270 14.66 12.06 25.73
C TRP K 270 16.14 12.28 25.46
N ALA K 271 16.64 13.51 25.59
CA ALA K 271 18.02 13.73 25.19
C ALA K 271 18.96 13.78 26.39
N LEU K 272 18.99 14.91 27.10
CA LEU K 272 19.91 15.06 28.23
C LEU K 272 19.37 14.41 29.49
N LEU K 273 18.06 14.31 29.65
CA LEU K 273 17.46 13.78 30.86
C LEU K 273 17.24 12.28 30.77
N ASN K 274 17.70 11.65 29.69
CA ASN K 274 17.78 10.20 29.62
C ASN K 274 19.15 9.76 29.11
N PHE K 275 19.47 10.14 27.86
CA PHE K 275 20.54 9.50 27.10
C PHE K 275 21.93 9.92 27.55
N VAL K 276 22.10 11.08 28.18
CA VAL K 276 23.44 11.61 28.41
C VAL K 276 24.10 10.98 29.63
N LEU K 277 23.35 10.81 30.72
CA LEU K 277 24.05 10.56 31.99
C LEU K 277 23.71 9.19 32.57
N PRO K 278 24.68 8.51 33.17
CA PRO K 278 24.44 7.11 33.61
C PRO K 278 23.39 6.96 34.69
N LYS K 279 23.43 7.77 35.75
CA LYS K 279 22.44 7.67 36.80
C LYS K 279 21.07 8.09 36.30
N ILE K 280 21.03 9.06 35.40
CA ILE K 280 19.78 9.66 34.96
C ILE K 280 18.91 8.64 34.22
N PHE K 281 19.54 7.66 33.56
CA PHE K 281 18.81 6.57 32.92
C PHE K 281 17.83 5.93 33.90
N ASN K 282 18.37 5.21 34.89
CA ASN K 282 17.53 4.45 35.80
C ASN K 282 16.75 5.36 36.75
N SER K 283 17.26 6.56 37.02
CA SER K 283 16.60 7.41 38.00
C SER K 283 15.37 8.10 37.43
N VAL K 284 15.47 8.67 36.23
CA VAL K 284 14.46 9.62 35.77
C VAL K 284 13.38 8.91 34.94
N LYS K 285 13.45 7.57 34.89
CA LYS K 285 12.45 6.81 34.14
C LYS K 285 11.01 7.21 34.52
N SER K 286 10.69 7.12 35.81
CA SER K 286 9.32 7.38 36.25
C SER K 286 9.04 8.88 36.41
N PHE K 287 10.03 9.65 36.85
CA PHE K 287 9.82 11.03 37.29
C PHE K 287 9.54 12.00 36.15
N ASP K 288 9.61 11.55 34.89
CA ASP K 288 9.41 12.48 33.76
C ASP K 288 8.07 13.20 33.87
N GLU K 289 7.01 12.50 34.28
CA GLU K 289 5.71 13.14 34.45
C GLU K 289 5.64 13.92 35.75
N TRP K 290 6.30 13.44 36.80
CA TRP K 290 6.27 14.13 38.09
C TRP K 290 6.87 15.52 37.98
N PHE K 291 7.99 15.65 37.26
CA PHE K 291 8.57 16.96 37.00
C PHE K 291 8.02 17.61 35.75
N ASN K 292 7.26 16.89 34.93
CA ASN K 292 6.65 17.43 33.73
C ASN K 292 5.23 17.92 33.95
N THR K 293 4.70 17.78 35.17
CA THR K 293 3.34 18.22 35.45
C THR K 293 3.18 19.74 35.47
N PRO K 294 4.29 20.49 35.49
CA PRO K 294 4.20 21.94 35.52
C PRO K 294 3.81 22.50 34.16
N PHE K 295 4.71 22.39 33.19
CA PHE K 295 4.48 22.89 31.82
C PHE K 295 4.09 24.36 31.82
N ASP K 302 -5.89 26.89 37.15
CA ASP K 302 -4.70 26.06 36.89
C ASP K 302 -3.57 26.89 36.28
N LYS K 303 -3.49 28.17 36.69
CA LYS K 303 -2.45 29.06 36.19
C LYS K 303 -1.55 29.51 37.33
N ILE K 304 -2.03 30.37 38.23
CA ILE K 304 -1.20 30.83 39.34
C ILE K 304 -1.06 29.74 40.40
N GLU K 305 -2.16 29.02 40.68
CA GLU K 305 -2.15 28.04 41.76
C GLU K 305 -1.19 26.89 41.46
N LEU K 306 -0.93 26.61 40.18
CA LEU K 306 -0.04 25.51 39.82
C LEU K 306 1.33 26.04 39.38
N SER K 307 1.37 26.70 38.22
CA SER K 307 2.66 27.09 37.63
C SER K 307 3.42 28.07 38.51
N GLU K 308 2.72 28.84 39.33
CA GLU K 308 3.33 29.91 40.11
C GLU K 308 3.45 29.55 41.59
N GLU K 309 2.31 29.34 42.27
CA GLU K 309 2.31 29.14 43.72
C GLU K 309 3.23 28.01 44.18
N GLU K 310 2.82 26.76 43.94
CA GLU K 310 3.55 25.63 44.51
C GLU K 310 4.77 25.24 43.68
N THR K 311 4.64 25.23 42.35
CA THR K 311 5.65 24.63 41.49
C THR K 311 6.80 25.57 41.15
N LEU K 312 6.81 26.79 41.67
CA LEU K 312 7.97 27.66 41.48
C LEU K 312 9.22 27.03 42.07
N LEU K 313 9.11 26.49 43.30
CA LEU K 313 10.23 25.77 43.89
C LEU K 313 10.55 24.50 43.11
N VAL K 314 9.55 23.89 42.48
CA VAL K 314 9.81 22.74 41.61
C VAL K 314 10.70 23.15 40.46
N ILE K 315 10.41 24.32 39.86
CA ILE K 315 11.27 24.86 38.82
C ILE K 315 12.67 25.13 39.39
N ARG K 316 12.73 25.67 40.61
CA ARG K 316 14.02 25.93 41.24
C ARG K 316 14.83 24.66 41.42
N ARG K 317 14.15 23.52 41.65
CA ARG K 317 14.86 22.25 41.71
C ARG K 317 15.24 21.74 40.33
N LEU K 318 14.42 22.03 39.32
CA LEU K 318 14.80 21.69 37.95
C LEU K 318 16.08 22.42 37.54
N HIS K 319 16.24 23.67 38.00
CA HIS K 319 17.48 24.38 37.78
C HIS K 319 18.57 23.96 38.76
N LYS K 320 18.19 23.37 39.90
CA LYS K 320 19.17 22.95 40.90
C LYS K 320 19.85 21.64 40.52
N VAL K 321 19.13 20.74 39.84
CA VAL K 321 19.70 19.45 39.46
C VAL K 321 20.60 19.57 38.24
N LEU K 322 20.40 20.59 37.40
CA LEU K 322 21.15 20.73 36.15
C LEU K 322 22.42 21.54 36.32
N ARG K 323 22.77 21.93 37.54
CA ARG K 323 23.94 22.79 37.75
C ARG K 323 25.23 22.17 37.24
N PRO K 324 25.67 20.99 37.70
CA PRO K 324 26.92 20.42 37.16
C PRO K 324 26.80 19.98 35.72
N PHE K 325 25.58 19.81 35.20
CA PHE K 325 25.35 19.19 33.91
C PHE K 325 25.44 20.20 32.78
N LEU K 326 24.47 21.10 32.69
CA LEU K 326 24.39 22.04 31.58
C LEU K 326 25.35 23.20 31.76
N LEU K 327 25.81 23.75 30.64
CA LEU K 327 26.54 25.02 30.62
C LEU K 327 26.00 25.84 29.47
N ARG K 328 25.44 27.01 29.76
CA ARG K 328 24.86 27.86 28.75
C ARG K 328 25.15 29.32 29.09
N ARG K 329 25.48 30.10 28.06
CA ARG K 329 25.81 31.52 28.21
C ARG K 329 25.30 32.27 26.99
N LEU K 330 24.80 33.47 27.21
CA LEU K 330 24.27 34.28 26.12
C LEU K 330 25.39 35.02 25.40
N LYS K 331 25.24 35.20 24.09
CA LYS K 331 26.21 35.94 23.32
C LYS K 331 26.24 37.42 23.72
N LYS K 332 25.09 37.97 24.08
CA LYS K 332 25.02 39.37 24.51
C LYS K 332 25.72 39.62 25.84
N ASP K 333 26.08 38.56 26.57
CA ASP K 333 26.80 38.71 27.82
C ASP K 333 28.31 38.69 27.66
N VAL K 334 28.82 38.37 26.48
CA VAL K 334 30.27 38.31 26.27
C VAL K 334 30.69 39.23 25.13
N GLU K 335 30.42 38.84 23.88
CA GLU K 335 30.82 39.66 22.75
C GLU K 335 29.84 40.80 22.50
N LYS K 336 28.54 40.51 22.59
CA LYS K 336 27.43 41.46 22.43
C LYS K 336 27.65 42.41 21.25
N GLU K 337 28.15 41.87 20.13
CA GLU K 337 28.41 42.70 18.95
C GLU K 337 27.14 43.02 18.18
N LEU K 338 26.02 42.40 18.52
CA LEU K 338 24.75 42.74 17.89
C LEU K 338 24.30 44.13 18.36
N PRO K 339 24.17 45.11 17.47
CA PRO K 339 23.75 46.45 17.93
C PRO K 339 22.38 46.45 18.57
N ASP K 340 21.40 45.80 17.95
CA ASP K 340 20.03 45.73 18.44
C ASP K 340 19.17 44.89 17.50
N LYS K 341 17.92 44.65 17.88
CA LYS K 341 16.97 43.99 17.00
C LYS K 341 15.62 44.68 17.13
N VAL K 342 14.68 44.25 16.28
CA VAL K 342 13.29 44.68 16.36
C VAL K 342 12.43 43.45 16.18
N GLU K 343 11.65 43.08 17.20
CA GLU K 343 10.77 41.93 17.13
C GLU K 343 9.33 42.45 17.17
N LYS K 344 8.65 42.38 16.02
CA LYS K 344 7.28 42.82 15.90
C LYS K 344 6.52 41.78 15.08
N VAL K 345 5.23 42.03 14.90
CA VAL K 345 4.36 41.22 14.05
C VAL K 345 3.47 42.16 13.24
N VAL K 346 2.64 41.58 12.39
CA VAL K 346 1.64 42.32 11.64
C VAL K 346 0.32 41.56 11.75
N LYS K 347 -0.73 42.15 11.17
CA LYS K 347 -2.04 41.50 11.14
C LYS K 347 -2.62 41.68 9.75
N CYS K 348 -2.86 40.57 9.05
CA CYS K 348 -3.53 40.59 7.78
C CYS K 348 -4.97 40.13 7.97
N LYS K 349 -5.73 40.14 6.88
CA LYS K 349 -7.09 39.61 6.90
C LYS K 349 -7.32 38.85 5.59
N MET K 350 -8.52 38.29 5.47
CA MET K 350 -8.79 37.33 4.41
C MET K 350 -9.04 38.03 3.09
N SER K 351 -9.28 37.24 2.06
CA SER K 351 -9.59 37.72 0.72
C SER K 351 -10.60 36.76 0.09
N ALA K 352 -10.84 36.92 -1.20
CA ALA K 352 -11.95 36.27 -1.90
C ALA K 352 -12.13 34.81 -1.52
N LEU K 353 -11.16 33.96 -1.89
CA LEU K 353 -11.24 32.56 -1.48
C LEU K 353 -10.99 32.38 0.00
N GLN K 354 -10.22 33.28 0.61
CA GLN K 354 -9.92 33.20 2.03
C GLN K 354 -11.02 33.76 2.91
N GLN K 355 -12.02 34.42 2.33
CA GLN K 355 -13.19 34.89 3.07
C GLN K 355 -14.07 33.67 3.40
N ILE K 356 -15.31 33.93 3.81
CA ILE K 356 -16.20 32.87 4.29
C ILE K 356 -16.20 31.66 3.36
N MET K 357 -15.90 31.88 2.07
CA MET K 357 -15.67 30.76 1.17
C MET K 357 -14.63 29.79 1.72
N TYR K 358 -13.59 30.31 2.37
CA TYR K 358 -12.66 29.45 3.09
C TYR K 358 -13.39 28.58 4.10
N GLN K 359 -14.02 29.22 5.09
CA GLN K 359 -14.85 28.49 6.05
C GLN K 359 -15.94 27.68 5.34
N GLN K 360 -16.43 28.18 4.19
CA GLN K 360 -17.40 27.42 3.41
C GLN K 360 -16.80 26.11 2.91
N MET K 361 -15.52 26.13 2.52
CA MET K 361 -14.83 24.89 2.18
C MET K 361 -14.73 23.99 3.40
N LEU K 362 -14.39 24.56 4.56
CA LEU K 362 -14.43 23.78 5.80
C LEU K 362 -15.82 23.21 6.04
N LYS K 363 -16.87 23.90 5.57
CA LYS K 363 -18.23 23.44 5.80
C LYS K 363 -18.57 22.25 4.91
N TYR K 364 -18.56 22.45 3.59
CA TYR K 364 -18.92 21.37 2.67
C TYR K 364 -17.97 20.18 2.79
N ARG K 365 -16.68 20.44 3.02
CA ARG K 365 -15.72 19.34 3.16
C ARG K 365 -15.87 18.65 4.51
N ARG K 366 -15.93 19.44 5.59
CA ARG K 366 -16.01 18.86 6.92
C ARG K 366 -17.13 19.46 7.75
N LEU K 367 -17.00 20.73 8.13
CA LEU K 367 -17.95 21.37 9.04
C LEU K 367 -19.33 21.49 8.40
N GLY K 382 -8.76 15.58 0.71
CA GLY K 382 -9.00 14.34 1.42
C GLY K 382 -9.29 14.55 2.90
N PHE K 383 -8.33 14.19 3.75
CA PHE K 383 -8.49 14.37 5.19
C PHE K 383 -7.31 15.13 5.77
N ASN K 384 -7.27 15.25 7.10
CA ASN K 384 -6.24 16.03 7.79
C ASN K 384 -6.30 17.48 7.31
N ASN K 385 -7.50 18.06 7.27
CA ASN K 385 -7.67 19.36 6.66
C ASN K 385 -7.03 20.45 7.50
N GLN K 386 -7.38 20.53 8.80
CA GLN K 386 -7.04 21.69 9.61
C GLN K 386 -5.54 21.97 9.60
N ILE K 387 -4.71 20.93 9.52
CA ILE K 387 -3.29 21.13 9.38
C ILE K 387 -2.94 21.41 7.91
N MET K 388 -3.55 20.66 6.99
CA MET K 388 -3.21 20.81 5.58
C MET K 388 -3.81 22.07 4.98
N GLN K 389 -5.02 22.43 5.37
CA GLN K 389 -5.72 23.54 4.73
C GLN K 389 -4.99 24.85 4.96
N LEU K 390 -4.45 25.04 6.16
CA LEU K 390 -3.75 26.29 6.48
C LEU K 390 -2.60 26.55 5.53
N LYS K 391 -1.53 25.77 5.68
CA LYS K 391 -0.28 26.06 4.98
C LYS K 391 -0.46 26.08 3.47
N LYS K 392 -1.58 25.59 2.95
CA LYS K 392 -1.88 25.71 1.52
C LYS K 392 -2.70 26.97 1.25
N ILE K 393 -3.97 26.97 1.63
CA ILE K 393 -4.93 27.94 1.10
C ILE K 393 -5.14 29.15 2.00
N CYS K 394 -4.51 29.22 3.18
CA CYS K 394 -4.55 30.51 3.85
C CYS K 394 -3.35 31.37 3.51
N ASN K 395 -2.35 30.80 2.84
CA ASN K 395 -1.24 31.57 2.29
C ASN K 395 -1.58 32.03 0.87
N HIS K 396 -1.78 31.08 -0.05
CA HIS K 396 -2.21 31.39 -1.39
C HIS K 396 -3.27 30.38 -1.83
N PRO K 397 -4.33 30.84 -2.48
CA PRO K 397 -5.35 29.93 -3.00
C PRO K 397 -4.89 29.22 -4.27
N PHE K 398 -5.65 28.19 -4.63
CA PHE K 398 -5.43 27.37 -5.83
C PHE K 398 -3.98 26.91 -5.95
N VAL K 399 -3.36 26.62 -4.80
CA VAL K 399 -2.13 25.86 -4.82
C VAL K 399 -2.40 24.42 -5.22
N PHE K 400 -3.66 23.97 -5.12
CA PHE K 400 -4.06 22.70 -5.70
C PHE K 400 -4.01 22.74 -7.21
N GLU K 401 -4.18 23.92 -7.80
CA GLU K 401 -4.15 24.15 -9.24
C GLU K 401 -5.34 23.49 -9.94
N GLU K 402 -6.14 22.72 -9.20
CA GLU K 402 -7.37 22.18 -9.76
C GLU K 402 -8.42 23.27 -9.91
N VAL K 403 -8.62 24.06 -8.85
CA VAL K 403 -9.52 25.21 -8.93
C VAL K 403 -8.91 26.38 -9.67
N GLU K 404 -7.59 26.37 -9.90
CA GLU K 404 -6.98 27.42 -10.70
C GLU K 404 -7.57 27.45 -12.10
N ASP K 405 -7.85 26.28 -12.68
CA ASP K 405 -8.53 26.22 -13.96
C ASP K 405 -9.95 26.78 -13.87
N GLN K 406 -10.53 26.82 -12.67
CA GLN K 406 -11.84 27.43 -12.50
C GLN K 406 -11.71 28.95 -12.45
N ILE K 407 -11.00 29.48 -11.45
CA ILE K 407 -10.86 30.93 -11.31
C ILE K 407 -10.15 31.52 -12.52
N ASN K 408 -9.02 30.94 -12.91
CA ASN K 408 -8.22 31.43 -14.04
C ASN K 408 -8.06 30.32 -15.07
N PRO K 409 -9.06 30.12 -15.93
CA PRO K 409 -8.93 29.09 -16.98
C PRO K 409 -7.90 29.43 -18.03
N THR K 410 -7.48 30.69 -18.13
CA THR K 410 -6.53 31.10 -19.16
C THR K 410 -5.11 30.60 -18.88
N ARG K 411 -4.86 29.99 -17.72
CA ARG K 411 -3.56 29.43 -17.34
C ARG K 411 -2.42 30.41 -17.61
N GLU K 412 -2.70 31.70 -17.44
CA GLU K 412 -1.76 32.76 -17.75
C GLU K 412 -1.76 33.77 -16.61
N THR K 413 -0.57 34.20 -16.20
CA THR K 413 -0.42 35.09 -15.06
C THR K 413 -0.59 36.54 -15.51
N ASN K 414 -1.61 37.21 -14.97
CA ASN K 414 -1.88 38.60 -15.23
C ASN K 414 -2.15 39.31 -13.91
N ASP K 415 -2.25 40.64 -13.97
CA ASP K 415 -2.43 41.45 -12.78
C ASP K 415 -3.63 40.98 -11.96
N ASP K 416 -3.50 41.06 -10.64
CA ASP K 416 -4.50 40.71 -9.65
C ASP K 416 -4.85 39.22 -9.64
N ILE K 417 -3.97 38.36 -10.17
CA ILE K 417 -4.09 36.93 -9.89
C ILE K 417 -3.41 36.59 -8.58
N TRP K 418 -2.23 37.15 -8.33
CA TRP K 418 -1.48 36.92 -7.11
C TRP K 418 -2.02 37.73 -5.94
N ARG K 419 -2.90 38.69 -6.20
CA ARG K 419 -3.48 39.53 -5.16
C ARG K 419 -4.80 38.98 -4.63
N VAL K 420 -5.23 37.81 -5.11
CA VAL K 420 -6.44 37.17 -4.56
C VAL K 420 -6.19 36.59 -3.19
N ALA K 421 -4.93 36.52 -2.74
CA ALA K 421 -4.60 36.07 -1.40
C ALA K 421 -4.51 37.25 -0.45
N GLY K 422 -5.05 37.08 0.75
CA GLY K 422 -5.06 38.18 1.71
C GLY K 422 -3.68 38.53 2.22
N LYS K 423 -2.82 37.53 2.42
CA LYS K 423 -1.48 37.78 2.93
C LYS K 423 -0.64 38.57 1.93
N PHE K 424 -0.78 38.26 0.64
CA PHE K 424 0.06 38.87 -0.38
C PHE K 424 -0.18 40.37 -0.53
N GLU K 425 -1.33 40.86 -0.10
CA GLU K 425 -1.60 42.29 -0.17
C GLU K 425 -0.55 43.08 0.60
N LEU K 426 -0.28 42.67 1.84
CA LEU K 426 0.75 43.32 2.62
C LEU K 426 2.07 43.33 1.86
N LEU K 427 2.50 42.16 1.36
CA LEU K 427 3.70 42.04 0.56
C LEU K 427 3.75 43.08 -0.55
N ASP K 428 2.86 42.98 -1.54
CA ASP K 428 2.95 43.92 -2.66
C ASP K 428 2.70 45.36 -2.24
N ARG K 429 2.32 45.59 -0.98
CA ARG K 429 2.44 46.94 -0.44
C ARG K 429 3.88 47.26 -0.05
N ILE K 430 4.60 46.33 0.58
CA ILE K 430 5.96 46.63 1.01
C ILE K 430 6.92 46.69 -0.17
N LEU K 431 6.84 45.71 -1.07
CA LEU K 431 7.82 45.59 -2.16
C LEU K 431 8.11 46.88 -2.90
N PRO K 432 7.13 47.72 -3.25
CA PRO K 432 7.49 49.02 -3.85
C PRO K 432 8.32 49.89 -2.92
N LYS K 433 8.05 49.84 -1.62
CA LYS K 433 8.79 50.69 -0.70
C LYS K 433 10.20 50.18 -0.48
N LEU K 434 10.37 48.86 -0.31
CA LEU K 434 11.72 48.31 -0.19
C LEU K 434 12.49 48.47 -1.49
N LYS K 435 11.78 48.48 -2.63
CA LYS K 435 12.44 48.75 -3.90
C LYS K 435 12.87 50.21 -3.99
N ALA K 436 12.08 51.11 -3.42
CA ALA K 436 12.44 52.53 -3.43
C ALA K 436 13.50 52.84 -2.37
N THR K 437 13.36 52.28 -1.18
CA THR K 437 14.32 52.51 -0.11
C THR K 437 15.58 51.67 -0.24
N GLY K 438 15.57 50.65 -1.10
CA GLY K 438 16.76 49.87 -1.37
C GLY K 438 17.24 49.04 -0.20
N HIS K 439 16.38 48.18 0.33
CA HIS K 439 16.74 47.27 1.41
C HIS K 439 16.57 45.82 0.94
N ARG K 440 17.52 44.98 1.33
CA ARG K 440 17.53 43.58 0.92
C ARG K 440 16.88 42.74 2.01
N VAL K 441 15.84 42.01 1.64
CA VAL K 441 14.94 41.35 2.60
C VAL K 441 15.10 39.84 2.47
N LEU K 442 15.16 39.16 3.62
CA LEU K 442 15.11 37.71 3.67
C LEU K 442 13.66 37.25 3.77
N ILE K 443 13.35 36.15 3.09
CA ILE K 443 12.02 35.57 3.11
C ILE K 443 12.16 34.07 3.32
N PHE K 444 11.36 33.53 4.23
CA PHE K 444 11.38 32.10 4.55
C PHE K 444 10.04 31.47 4.19
N PHE K 445 10.11 30.31 3.54
CA PHE K 445 8.96 29.66 2.95
C PHE K 445 8.73 28.28 3.55
N GLN K 446 7.47 27.84 3.44
CA GLN K 446 7.10 26.43 3.54
C GLN K 446 6.08 26.17 2.43
N MET K 447 5.84 24.88 2.16
CA MET K 447 4.92 24.51 1.08
C MET K 447 5.41 25.07 -0.25
N THR K 448 6.45 24.45 -0.82
CA THR K 448 7.21 25.02 -1.93
C THR K 448 6.33 25.43 -3.11
N GLN K 449 5.08 24.96 -3.18
CA GLN K 449 4.14 25.54 -4.13
C GLN K 449 4.09 27.06 -4.00
N ILE K 450 4.12 27.55 -2.76
CA ILE K 450 4.21 29.00 -2.52
C ILE K 450 5.48 29.56 -3.12
N MET K 451 6.55 28.77 -3.15
CA MET K 451 7.81 29.22 -3.75
C MET K 451 7.69 29.30 -5.26
N ASP K 452 6.95 28.37 -5.86
CA ASP K 452 6.79 28.38 -7.32
C ASP K 452 5.91 29.54 -7.76
N ILE K 453 4.72 29.67 -7.15
CA ILE K 453 3.81 30.73 -7.53
C ILE K 453 4.39 32.09 -7.18
N MET K 454 4.90 32.22 -5.95
CA MET K 454 5.57 33.44 -5.53
C MET K 454 6.77 33.76 -6.41
N GLU K 455 7.39 32.73 -6.99
CA GLU K 455 8.50 32.95 -7.89
C GLU K 455 8.01 33.45 -9.25
N ASP K 456 6.87 32.95 -9.72
CA ASP K 456 6.35 33.36 -11.02
C ASP K 456 5.83 34.79 -10.97
N PHE K 457 4.97 35.11 -9.98
CA PHE K 457 4.60 36.51 -9.81
C PHE K 457 5.80 37.36 -9.46
N LEU K 458 6.77 36.77 -8.74
CA LEU K 458 8.00 37.48 -8.46
C LEU K 458 8.73 37.84 -9.74
N ARG K 459 8.54 37.04 -10.80
CA ARG K 459 8.97 37.44 -12.13
C ARG K 459 8.03 38.44 -12.78
N TYR K 460 6.75 38.46 -12.37
CA TYR K 460 5.82 39.43 -12.93
C TYR K 460 6.13 40.85 -12.46
N ILE K 461 6.49 41.01 -11.19
CA ILE K 461 6.78 42.33 -10.65
C ILE K 461 8.08 42.88 -11.21
N ASN K 462 8.91 42.03 -11.81
CA ASN K 462 10.16 42.43 -12.47
C ASN K 462 11.12 43.09 -11.47
N ILE K 463 11.56 42.26 -10.52
CA ILE K 463 12.65 42.63 -9.61
C ILE K 463 13.55 41.41 -9.45
N LYS K 464 14.85 41.66 -9.33
CA LYS K 464 15.83 40.58 -9.24
C LYS K 464 15.77 39.92 -7.87
N TYR K 465 16.29 38.70 -7.80
CA TYR K 465 16.20 37.87 -6.60
C TYR K 465 17.01 36.59 -6.84
N LEU K 466 17.12 35.80 -5.77
CA LEU K 466 17.85 34.53 -5.80
C LEU K 466 17.05 33.47 -5.06
N ARG K 467 17.08 32.25 -5.58
CA ARG K 467 16.30 31.14 -5.05
C ARG K 467 17.21 30.20 -4.25
N LEU K 468 16.60 29.19 -3.62
CA LEU K 468 17.27 28.11 -2.91
C LEU K 468 16.17 27.17 -2.42
N ASP K 469 16.55 25.92 -2.14
CA ASP K 469 15.60 24.89 -1.74
C ASP K 469 16.38 23.67 -1.27
N GLY K 470 15.64 22.62 -0.93
CA GLY K 470 16.27 21.36 -0.55
C GLY K 470 16.83 20.56 -1.71
N HIS K 471 16.42 20.89 -2.93
CA HIS K 471 16.93 20.25 -4.13
C HIS K 471 18.16 20.96 -4.70
N THR K 472 18.67 21.96 -4.00
CA THR K 472 19.74 22.80 -4.52
C THR K 472 21.03 22.00 -4.77
N LYS K 473 21.23 20.89 -4.08
CA LYS K 473 22.37 19.97 -4.21
C LYS K 473 23.66 20.55 -3.64
N SER K 474 23.63 21.77 -3.10
CA SER K 474 24.71 22.50 -2.44
C SER K 474 25.63 23.20 -3.44
N ASP K 475 25.53 22.92 -4.74
CA ASP K 475 26.32 23.64 -5.72
C ASP K 475 25.94 25.12 -5.73
N GLU K 476 24.65 25.41 -5.89
CA GLU K 476 24.19 26.78 -5.82
C GLU K 476 24.19 27.31 -4.38
N ARG K 477 24.26 26.43 -3.39
CA ARG K 477 24.43 26.90 -2.01
C ARG K 477 25.82 27.49 -1.81
N SER K 478 26.85 26.81 -2.31
CA SER K 478 28.21 27.32 -2.16
C SER K 478 28.50 28.46 -3.13
N GLU K 479 28.10 28.30 -4.39
CA GLU K 479 28.42 29.30 -5.41
C GLU K 479 27.51 30.51 -5.32
N LEU K 480 26.28 30.33 -4.86
CA LEU K 480 25.30 31.41 -4.91
C LEU K 480 25.64 32.52 -3.92
N LEU K 481 26.16 32.15 -2.74
CA LEU K 481 26.42 33.14 -1.70
C LEU K 481 27.41 34.20 -2.17
N ARG K 482 28.37 33.83 -3.02
CA ARG K 482 29.28 34.81 -3.58
C ARG K 482 28.57 35.78 -4.51
N LEU K 483 27.49 35.34 -5.16
CA LEU K 483 26.68 36.24 -5.97
C LEU K 483 25.76 37.10 -5.11
N PHE K 484 25.36 36.60 -3.94
CA PHE K 484 24.48 37.38 -3.07
C PHE K 484 25.23 38.47 -2.34
N ASN K 485 26.40 38.12 -1.78
CA ASN K 485 27.14 39.05 -0.94
C ASN K 485 27.79 40.20 -1.70
N ALA K 486 27.72 40.18 -3.03
CA ALA K 486 28.26 41.28 -3.83
C ALA K 486 27.47 42.55 -3.54
N PRO K 487 28.12 43.61 -3.05
CA PRO K 487 27.37 44.84 -2.73
C PRO K 487 26.72 45.48 -3.94
N ASP K 488 27.37 45.44 -5.10
CA ASP K 488 26.84 46.04 -6.30
C ASP K 488 25.66 45.29 -6.89
N SER K 489 25.34 44.12 -6.36
CA SER K 489 24.27 43.31 -6.92
C SER K 489 22.91 43.94 -6.67
N GLU K 490 21.99 43.72 -7.59
CA GLU K 490 20.62 44.24 -7.50
C GLU K 490 19.64 43.24 -6.89
N TYR K 491 20.13 42.07 -6.44
CA TYR K 491 19.26 41.10 -5.80
C TYR K 491 18.81 41.62 -4.45
N LEU K 492 17.49 41.68 -4.25
CA LEU K 492 16.91 42.23 -3.03
C LEU K 492 16.33 41.11 -2.15
N CYS K 493 15.19 40.55 -2.53
CA CYS K 493 14.59 39.47 -1.76
C CYS K 493 15.33 38.16 -2.02
N PHE K 494 15.52 37.38 -0.96
CA PHE K 494 16.33 36.17 -1.02
C PHE K 494 15.46 35.00 -0.57
N ILE K 495 15.30 34.02 -1.44
CA ILE K 495 14.35 32.94 -1.21
C ILE K 495 15.01 31.86 -0.36
N LEU K 496 14.30 31.44 0.69
CA LEU K 496 14.77 30.36 1.55
C LEU K 496 13.58 29.59 2.10
N SER K 497 13.84 28.35 2.50
CA SER K 497 12.89 27.58 3.27
C SER K 497 13.25 27.69 4.76
N THR K 498 12.44 27.08 5.60
CA THR K 498 12.73 27.11 7.04
C THR K 498 13.78 26.06 7.41
N ARG K 499 13.69 24.87 6.84
CA ARG K 499 14.57 23.76 7.20
C ARG K 499 15.87 23.75 6.40
N ALA K 500 15.99 24.55 5.35
CA ALA K 500 17.11 24.44 4.43
C ALA K 500 18.36 25.12 4.98
N GLY K 501 19.51 24.53 4.70
CA GLY K 501 20.80 25.12 5.00
C GLY K 501 21.49 24.60 6.23
N GLY K 502 20.74 24.04 7.19
CA GLY K 502 21.34 23.48 8.39
C GLY K 502 22.16 24.46 9.21
N LEU K 503 21.75 25.74 9.22
CA LEU K 503 22.42 26.79 9.99
C LEU K 503 23.88 26.98 9.58
N GLY K 504 24.23 26.62 8.35
CA GLY K 504 25.56 26.91 7.84
C GLY K 504 25.54 27.96 6.74
N LEU K 505 24.41 28.67 6.62
CA LEU K 505 24.20 29.51 5.44
C LEU K 505 25.06 30.77 5.49
N ASN K 506 25.18 31.38 6.66
CA ASN K 506 26.11 32.51 6.89
C ASN K 506 25.77 33.68 5.97
N LEU K 507 24.65 34.33 6.27
CA LEU K 507 24.22 35.53 5.57
C LEU K 507 24.11 36.68 6.57
N GLN K 508 25.06 37.61 6.52
CA GLN K 508 25.06 38.75 7.41
C GLN K 508 24.56 40.05 6.78
N THR K 509 24.26 40.04 5.47
CA THR K 509 24.11 41.29 4.73
C THR K 509 22.66 41.74 4.56
N ALA K 510 21.69 41.02 5.08
CA ALA K 510 20.29 41.39 4.93
C ALA K 510 19.70 41.80 6.27
N ASP K 511 19.02 42.95 6.29
CA ASP K 511 18.51 43.54 7.51
C ASP K 511 17.04 43.25 7.78
N THR K 512 16.35 42.54 6.89
CA THR K 512 14.90 42.39 7.01
C THR K 512 14.49 40.95 6.74
N VAL K 513 13.57 40.44 7.56
CA VAL K 513 13.08 39.08 7.47
C VAL K 513 11.55 39.10 7.55
N ILE K 514 10.89 38.46 6.60
CA ILE K 514 9.45 38.27 6.62
C ILE K 514 9.15 36.79 6.42
N ILE K 515 8.11 36.30 7.09
CA ILE K 515 7.79 34.87 7.08
C ILE K 515 6.28 34.71 6.93
N PHE K 516 5.87 33.85 5.99
CA PHE K 516 4.45 33.66 5.73
C PHE K 516 3.77 32.88 6.84
N ASP K 517 4.28 31.70 7.17
CA ASP K 517 3.65 30.82 8.14
C ASP K 517 4.62 30.47 9.25
N THR K 518 4.08 30.34 10.47
CA THR K 518 4.91 30.15 11.65
C THR K 518 5.21 28.67 11.85
N ASP K 519 6.48 28.36 12.07
CA ASP K 519 6.90 26.99 12.27
C ASP K 519 6.35 26.45 13.59
N TRP K 520 6.28 25.12 13.68
CA TRP K 520 5.76 24.49 14.89
C TRP K 520 6.73 24.57 16.06
N ASN K 521 7.97 24.95 15.83
CA ASN K 521 8.99 25.00 16.88
C ASN K 521 9.73 26.33 16.82
N PRO K 522 10.44 26.69 17.91
CA PRO K 522 11.21 27.94 17.89
C PRO K 522 12.31 27.99 16.84
N HIS K 523 12.65 26.87 16.18
CA HIS K 523 13.72 26.90 15.18
C HIS K 523 13.49 27.98 14.12
N GLN K 524 12.25 28.41 13.94
CA GLN K 524 11.99 29.63 13.17
C GLN K 524 12.75 30.81 13.77
N ASP K 525 12.60 31.00 15.08
CA ASP K 525 13.27 32.11 15.77
C ASP K 525 14.78 31.91 15.82
N LEU K 526 15.22 30.76 16.34
CA LEU K 526 16.63 30.50 16.60
C LEU K 526 17.40 30.08 15.35
N GLN K 527 16.73 29.99 14.21
CA GLN K 527 17.39 29.78 12.93
C GLN K 527 17.19 30.98 12.00
N ALA K 528 15.95 31.25 11.59
CA ALA K 528 15.70 32.39 10.71
C ALA K 528 16.13 33.70 11.36
N GLN K 529 15.90 33.84 12.67
CA GLN K 529 16.29 35.06 13.35
C GLN K 529 17.80 35.12 13.59
N ASP K 530 18.45 33.98 13.79
CA ASP K 530 19.89 33.95 13.94
C ASP K 530 20.64 34.10 12.62
N ARG K 531 19.94 34.01 11.48
CA ARG K 531 20.56 34.35 10.21
C ARG K 531 20.95 35.83 10.19
N ALA K 532 20.07 36.70 10.68
CA ALA K 532 20.33 38.14 10.66
C ALA K 532 21.21 38.57 11.83
N HIS K 533 20.74 38.34 13.06
CA HIS K 533 21.37 38.87 14.26
C HIS K 533 22.81 38.41 14.45
N ARG K 534 23.28 37.44 13.67
CA ARG K 534 24.63 36.95 13.82
C ARG K 534 25.64 38.04 13.43
N ILE K 535 26.89 37.84 13.87
CA ILE K 535 27.95 38.81 13.65
C ILE K 535 28.07 39.12 12.17
N GLY K 536 28.34 40.39 11.87
CA GLY K 536 28.44 40.88 10.50
C GLY K 536 27.32 41.79 10.07
N GLN K 537 26.25 41.89 10.86
CA GLN K 537 25.15 42.80 10.58
C GLN K 537 25.11 43.86 11.66
N LYS K 538 25.48 45.10 11.29
CA LYS K 538 25.51 46.21 12.22
C LYS K 538 24.27 47.10 12.13
N ASN K 539 23.32 46.78 11.25
CA ASN K 539 22.14 47.61 11.07
C ASN K 539 20.98 47.07 11.91
N GLU K 540 19.84 47.74 11.84
CA GLU K 540 18.66 47.31 12.56
C GLU K 540 17.96 46.19 11.80
N VAL K 541 17.57 45.16 12.53
CA VAL K 541 16.95 43.97 11.94
C VAL K 541 15.45 44.07 12.16
N ARG K 542 14.70 44.14 11.06
CA ARG K 542 13.24 44.24 11.10
C ARG K 542 12.64 42.91 10.70
N ILE K 543 11.56 42.53 11.38
CA ILE K 543 10.89 41.25 11.17
C ILE K 543 9.39 41.47 11.08
N LEU K 544 8.76 40.85 10.09
CA LEU K 544 7.32 40.93 9.89
C LEU K 544 6.75 39.52 9.86
N ARG K 545 5.89 39.21 10.83
CA ARG K 545 5.29 37.88 10.97
C ARG K 545 3.84 37.96 10.55
N LEU K 546 3.50 37.32 9.43
CA LEU K 546 2.17 37.41 8.87
C LEU K 546 1.18 36.53 9.65
N ILE K 547 -0.04 37.04 9.80
CA ILE K 547 -1.13 36.28 10.40
C ILE K 547 -2.43 36.82 9.86
N THR K 548 -3.46 35.97 9.84
CA THR K 548 -4.78 36.33 9.33
C THR K 548 -5.79 36.32 10.46
N THR K 549 -6.81 37.17 10.33
CA THR K 549 -7.82 37.30 11.37
C THR K 549 -8.86 36.20 11.25
N ASN K 550 -9.32 35.71 12.41
CA ASN K 550 -10.35 34.67 12.51
C ASN K 550 -9.94 33.41 11.74
N SER K 551 -8.88 32.79 12.25
CA SER K 551 -8.34 31.58 11.65
C SER K 551 -7.73 30.73 12.74
N VAL K 552 -7.53 29.44 12.42
CA VAL K 552 -6.96 28.52 13.39
C VAL K 552 -5.43 28.66 13.43
N GLU K 553 -4.80 29.04 12.32
CA GLU K 553 -3.35 29.28 12.36
C GLU K 553 -2.99 30.37 13.36
N GLU K 554 -3.97 31.17 13.78
CA GLU K 554 -3.80 32.01 14.96
C GLU K 554 -3.44 31.14 16.15
N VAL K 555 -4.36 30.26 16.57
CA VAL K 555 -4.10 29.47 17.77
C VAL K 555 -2.90 28.55 17.59
N ILE K 556 -2.47 28.32 16.34
CA ILE K 556 -1.15 27.73 16.15
C ILE K 556 -0.06 28.77 16.43
N LEU K 557 -0.31 30.04 16.14
CA LEU K 557 0.69 31.08 16.40
C LEU K 557 0.86 31.30 17.89
N GLU K 558 -0.24 31.55 18.61
CA GLU K 558 -0.12 31.68 20.06
C GLU K 558 0.15 30.35 20.74
N ARG K 559 -0.18 29.23 20.09
CA ARG K 559 0.17 27.93 20.64
C ARG K 559 1.67 27.71 20.63
N ALA K 560 2.31 27.91 19.48
CA ALA K 560 3.75 27.73 19.39
C ALA K 560 4.49 28.82 20.16
N TYR K 561 4.18 30.08 19.85
CA TYR K 561 4.81 31.20 20.55
C TYR K 561 4.55 31.11 22.05
N LYS K 562 3.31 31.38 22.46
CA LYS K 562 3.01 31.47 23.89
C LYS K 562 3.15 30.11 24.57
N LYS K 563 2.52 29.07 24.01
CA LYS K 563 2.55 27.76 24.66
C LYS K 563 3.94 27.12 24.62
N LEU K 564 4.77 27.50 23.65
CA LEU K 564 6.15 27.04 23.60
C LEU K 564 7.13 28.01 24.25
N ASP K 565 6.63 29.06 24.90
CA ASP K 565 7.49 29.91 25.72
C ASP K 565 7.81 29.28 27.08
N ILE K 566 7.31 28.07 27.33
CA ILE K 566 7.71 27.32 28.52
C ILE K 566 9.23 27.20 28.60
N ASP K 567 9.90 27.17 27.45
CA ASP K 567 11.36 27.20 27.42
C ASP K 567 11.94 28.49 27.97
N GLY K 568 11.11 29.50 28.23
CA GLY K 568 11.59 30.71 28.86
C GLY K 568 12.30 30.45 30.17
N LYS K 569 11.91 29.39 30.87
CA LYS K 569 12.65 28.98 32.06
C LYS K 569 14.08 28.57 31.70
N VAL K 570 14.28 27.99 30.51
CA VAL K 570 15.61 27.55 30.12
C VAL K 570 16.43 28.71 29.59
N ILE K 571 15.82 29.58 28.77
CA ILE K 571 16.57 30.74 28.29
C ILE K 571 16.90 31.67 29.46
N GLN K 572 16.08 31.63 30.51
CA GLN K 572 16.49 32.24 31.77
C GLN K 572 17.57 31.41 32.44
N ALA K 573 17.54 30.09 32.24
CA ALA K 573 18.54 29.20 32.83
C ALA K 573 19.90 29.31 32.15
N GLY K 574 19.99 30.06 31.06
CA GLY K 574 21.30 30.36 30.49
C GLY K 574 22.02 31.41 31.29
N LYS K 575 21.28 32.38 31.82
CA LYS K 575 21.91 33.49 32.52
C LYS K 575 22.47 33.04 33.87
N PHE K 576 21.70 32.25 34.63
CA PHE K 576 22.24 31.65 35.85
C PHE K 576 22.86 30.28 35.60
N ASP K 577 22.88 29.81 34.34
CA ASP K 577 23.78 28.74 33.96
C ASP K 577 25.16 29.29 33.60
N ASN K 578 25.26 30.61 33.44
CA ASN K 578 26.51 31.34 33.31
C ASN K 578 27.11 31.58 34.69
N LYS K 579 28.00 32.56 34.81
CA LYS K 579 28.65 32.86 36.08
C LYS K 579 27.66 33.01 37.23
N SER K 580 26.38 33.26 36.92
CA SER K 580 25.27 33.09 37.86
C SER K 580 25.43 34.02 39.08
N THR K 581 25.20 35.30 38.82
CA THR K 581 25.08 36.27 39.90
C THR K 581 23.96 35.85 40.86
N SER K 582 24.14 36.19 42.13
CA SER K 582 23.23 35.72 43.17
C SER K 582 21.79 36.15 42.89
N GLU K 583 21.60 37.40 42.48
CA GLU K 583 20.25 37.94 42.26
C GLU K 583 19.62 37.44 40.98
N GLU K 584 20.36 36.69 40.15
CA GLU K 584 19.81 36.27 38.85
C GLU K 584 18.63 35.32 39.01
N GLN K 585 18.77 34.31 39.86
CA GLN K 585 17.77 33.26 39.98
C GLN K 585 16.66 33.60 40.97
N GLU K 586 16.66 34.80 41.56
CA GLU K 586 15.54 35.24 42.38
C GLU K 586 15.03 36.60 41.92
N ALA K 587 15.86 37.64 42.05
CA ALA K 587 15.41 38.99 41.75
C ALA K 587 15.18 39.18 40.26
N LEU K 588 16.19 38.88 39.45
CA LEU K 588 16.06 39.05 38.01
C LEU K 588 15.20 37.96 37.38
N LEU K 589 15.30 36.73 37.90
CA LEU K 589 14.35 35.70 37.51
C LEU K 589 12.91 36.17 37.71
N ARG K 590 12.63 36.78 38.86
CA ARG K 590 11.31 37.35 39.08
C ARG K 590 11.00 38.46 38.08
N SER K 591 12.01 39.29 37.76
CA SER K 591 11.80 40.33 36.77
C SER K 591 11.40 39.75 35.42
N LEU K 592 11.84 38.52 35.14
CA LEU K 592 11.29 37.79 34.00
C LEU K 592 9.87 37.32 34.29
N LEU K 593 9.64 36.80 35.50
CA LEU K 593 8.31 36.36 35.89
C LEU K 593 7.27 37.47 35.78
N ASP K 594 7.70 38.71 35.60
CA ASP K 594 6.83 39.70 34.97
C ASP K 594 6.33 39.17 33.62
N ALA K 595 7.25 38.92 32.69
CA ALA K 595 6.86 38.32 31.41
C ALA K 595 6.14 36.98 31.58
N GLU K 596 6.33 36.30 32.71
CA GLU K 596 5.46 35.16 33.00
C GLU K 596 4.06 35.59 33.43
N GLU K 597 3.90 36.75 34.02
CA GLU K 597 2.57 37.14 34.47
C GLU K 597 1.83 38.05 33.49
N GLU K 598 2.43 38.46 32.38
CA GLU K 598 1.67 39.17 31.35
C GLU K 598 1.15 38.27 30.23
N ARG K 599 1.26 36.95 30.36
CA ARG K 599 0.81 36.01 29.34
C ARG K 599 -0.58 36.35 28.81
N ARG K 600 -1.61 36.26 29.66
CA ARG K 600 -2.98 36.55 29.22
C ARG K 600 -3.13 38.00 28.79
N LYS K 601 -2.32 38.90 29.34
CA LYS K 601 -2.42 40.31 28.99
C LYS K 601 -2.11 40.55 27.52
N LYS K 602 -1.25 39.73 26.93
CA LYS K 602 -0.92 39.82 25.51
C LYS K 602 -1.86 38.98 24.64
N ARG K 603 -2.80 38.26 25.25
CA ARG K 603 -3.75 37.47 24.48
C ARG K 603 -4.83 38.34 23.84
N GLU K 604 -5.14 39.49 24.44
CA GLU K 604 -6.13 40.40 23.91
C GLU K 604 -5.69 41.00 22.59
N LEU K 613 -6.43 47.97 6.26
CA LEU K 613 -5.16 48.48 5.76
C LEU K 613 -4.91 49.91 6.21
N LYS K 614 -3.83 50.10 6.96
CA LYS K 614 -3.38 51.42 7.39
C LYS K 614 -2.04 51.69 6.72
N ASP K 615 -2.02 52.63 5.78
CA ASP K 615 -0.79 52.91 5.04
C ASP K 615 0.22 53.66 5.89
N SER K 616 -0.24 54.46 6.84
CA SER K 616 0.68 55.24 7.66
C SER K 616 1.42 54.37 8.65
N GLU K 617 0.69 53.51 9.37
CA GLU K 617 1.33 52.66 10.38
C GLU K 617 2.22 51.61 9.72
N ILE K 618 1.67 50.84 8.77
CA ILE K 618 2.47 49.86 8.04
C ILE K 618 3.61 50.55 7.29
N ASN K 619 3.43 51.82 6.94
CA ASN K 619 4.52 52.55 6.30
C ASN K 619 5.62 52.86 7.31
N GLU K 620 5.25 53.20 8.55
CA GLU K 620 6.21 53.62 9.56
C GLU K 620 6.88 52.47 10.28
N ILE K 621 6.33 51.25 10.20
CA ILE K 621 6.99 50.13 10.89
C ILE K 621 8.33 49.79 10.27
N LEU K 622 8.53 50.12 9.00
CA LEU K 622 9.81 49.91 8.33
C LEU K 622 10.71 51.14 8.36
N ALA K 623 10.27 52.22 9.00
CA ALA K 623 11.03 53.47 9.02
C ALA K 623 12.02 53.45 10.18
N ARG K 624 13.30 53.58 9.86
CA ARG K 624 14.32 53.64 10.91
C ARG K 624 14.44 55.03 11.50
N ASN K 625 14.39 56.06 10.66
CA ASN K 625 14.74 57.41 11.08
C ASN K 625 13.93 58.42 10.27
N ASP K 626 14.29 59.70 10.40
CA ASP K 626 13.49 60.77 9.82
C ASP K 626 13.70 60.93 8.32
N GLU K 627 14.95 60.84 7.86
CA GLU K 627 15.17 60.98 6.41
C GLU K 627 14.60 59.82 5.63
N GLU K 628 14.28 58.71 6.29
CA GLU K 628 13.45 57.69 5.65
C GLU K 628 11.98 58.09 5.66
N MET K 629 11.53 58.78 6.71
CA MET K 629 10.18 59.34 6.70
C MET K 629 9.99 60.31 5.56
N ALA K 630 11.06 61.03 5.19
CA ALA K 630 10.95 61.97 4.08
C ALA K 630 10.69 61.25 2.76
N VAL K 631 11.37 60.13 2.51
CA VAL K 631 11.20 59.44 1.24
C VAL K 631 9.93 58.60 1.24
N LEU K 632 9.50 58.06 2.39
CA LEU K 632 8.28 57.28 2.39
C LEU K 632 7.04 58.18 2.32
N THR K 633 7.08 59.34 2.98
CA THR K 633 6.02 60.31 2.78
C THR K 633 6.08 60.91 1.38
N ARG K 634 7.29 60.98 0.79
CA ARG K 634 7.40 61.36 -0.61
C ARG K 634 6.69 60.35 -1.50
N MET K 635 6.81 59.07 -1.17
CA MET K 635 6.05 58.05 -1.89
C MET K 635 4.55 58.20 -1.63
N ASP K 636 4.18 58.58 -0.41
CA ASP K 636 2.78 58.84 -0.11
C ASP K 636 2.23 59.94 -1.01
N GLU K 637 3.02 60.99 -1.26
CA GLU K 637 2.60 62.03 -2.17
C GLU K 637 2.67 61.57 -3.62
N ASP K 638 3.55 60.61 -3.92
CA ASP K 638 3.64 60.10 -5.29
C ASP K 638 2.38 59.33 -5.67
N ARG K 639 1.92 58.45 -4.80
CA ARG K 639 0.69 57.71 -5.05
C ARG K 639 -0.54 58.42 -4.51
N SER K 640 -0.39 59.64 -3.98
CA SER K 640 -1.54 60.37 -3.48
C SER K 640 -2.38 60.98 -4.61
N LYS K 641 -1.74 61.38 -5.71
CA LYS K 641 -2.48 61.93 -6.84
C LYS K 641 -3.16 60.83 -7.63
N LYS K 642 -2.39 59.90 -8.19
CA LYS K 642 -2.95 58.77 -8.92
C LYS K 642 -3.80 57.92 -7.99
N GLU K 643 -4.80 57.25 -8.57
CA GLU K 643 -5.71 56.42 -7.79
C GLU K 643 -4.96 55.36 -6.98
N GLU K 644 -3.82 54.90 -7.49
CA GLU K 644 -2.97 53.97 -6.75
C GLU K 644 -1.54 54.01 -7.27
N LYS K 649 -11.31 48.96 -10.00
CA LYS K 649 -10.98 47.76 -9.24
C LYS K 649 -11.38 47.93 -7.78
N SER K 650 -10.64 47.25 -6.90
CA SER K 650 -10.89 47.29 -5.47
C SER K 650 -9.58 46.97 -4.74
N ARG K 651 -9.68 46.76 -3.43
CA ARG K 651 -8.54 46.38 -2.62
C ARG K 651 -7.89 45.12 -3.17
N LEU K 652 -8.58 43.99 -3.06
CA LEU K 652 -8.11 42.74 -3.65
C LEU K 652 -9.24 42.10 -4.46
N LEU K 653 -9.00 40.90 -4.97
CA LEU K 653 -10.05 40.19 -5.69
C LEU K 653 -11.14 39.77 -4.72
N GLU K 654 -12.38 39.77 -5.20
CA GLU K 654 -13.54 39.53 -4.36
C GLU K 654 -14.36 38.36 -4.89
N LYS K 655 -15.24 37.85 -4.03
CA LYS K 655 -16.07 36.70 -4.37
C LYS K 655 -17.08 37.03 -5.46
N LYS K 671 -19.21 37.94 -11.34
CA LYS K 671 -18.11 38.03 -10.40
C LYS K 671 -18.30 37.04 -9.27
N ARG K 672 -19.56 36.81 -8.90
CA ARG K 672 -19.88 35.85 -7.84
C ARG K 672 -19.87 34.41 -8.34
N GLU K 673 -20.17 34.19 -9.62
CA GLU K 673 -20.34 32.84 -10.13
C GLU K 673 -19.06 32.00 -10.02
N GLU K 674 -17.90 32.65 -9.90
CA GLU K 674 -16.66 31.88 -9.73
C GLU K 674 -16.53 31.37 -8.31
N SER K 675 -16.80 32.22 -7.32
CA SER K 675 -16.58 31.91 -5.91
C SER K 675 -17.35 30.68 -5.44
N GLU K 676 -18.67 30.80 -5.32
CA GLU K 676 -19.45 29.75 -4.67
C GLU K 676 -19.49 28.46 -5.50
N SER K 677 -19.47 28.57 -6.82
CA SER K 677 -19.56 27.38 -7.66
C SER K 677 -18.28 26.54 -7.65
N ALA K 678 -17.21 27.03 -7.02
CA ALA K 678 -15.93 26.32 -6.99
C ALA K 678 -16.04 24.95 -6.34
N ALA K 679 -16.27 24.92 -5.03
CA ALA K 679 -16.18 23.69 -4.24
C ALA K 679 -17.52 23.01 -4.01
N VAL K 680 -18.62 23.59 -4.48
CA VAL K 680 -19.93 22.97 -4.24
C VAL K 680 -20.21 21.81 -5.18
N TYR K 681 -19.50 21.72 -6.31
CA TYR K 681 -19.69 20.61 -7.24
C TYR K 681 -18.69 19.48 -7.02
N ASN K 682 -17.80 19.60 -6.05
CA ASN K 682 -16.81 18.57 -5.79
C ASN K 682 -17.28 17.63 -4.68
N GLY K 683 -17.39 18.15 -3.47
CA GLY K 683 -17.83 17.35 -2.33
C GLY K 683 -16.69 16.67 -1.60
#